data_1PJO
# 
_entry.id   1PJO 
# 
_audit_conform.dict_name       mmcif_pdbx.dic 
_audit_conform.dict_version    5.389 
_audit_conform.dict_location   http://mmcif.pdb.org/dictionaries/ascii/mmcif_pdbx.dic 
# 
loop_
_database_2.database_id 
_database_2.database_code 
_database_2.pdbx_database_accession 
_database_2.pdbx_DOI 
PDB   1PJO         pdb_00001pjo 10.2210/pdb1pjo/pdb 
NDB   UH0006       ?            ?                   
RCSB  RCSB019369   ?            ?                   
WWPDB D_1000019369 ?            ?                   
# 
loop_
_pdbx_audit_revision_history.ordinal 
_pdbx_audit_revision_history.data_content_type 
_pdbx_audit_revision_history.major_revision 
_pdbx_audit_revision_history.minor_revision 
_pdbx_audit_revision_history.revision_date 
1 'Structure model' 1 0 2003-12-09 
2 'Structure model' 1 1 2008-04-29 
3 'Structure model' 1 2 2011-07-13 
4 'Structure model' 1 3 2024-02-14 
5 'Structure model' 1 4 2024-04-03 
# 
_pdbx_audit_revision_details.ordinal             1 
_pdbx_audit_revision_details.revision_ordinal    1 
_pdbx_audit_revision_details.data_content_type   'Structure model' 
_pdbx_audit_revision_details.provider            repository 
_pdbx_audit_revision_details.type                'Initial release' 
_pdbx_audit_revision_details.description         ? 
_pdbx_audit_revision_details.details             ? 
# 
loop_
_pdbx_audit_revision_group.ordinal 
_pdbx_audit_revision_group.revision_ordinal 
_pdbx_audit_revision_group.data_content_type 
_pdbx_audit_revision_group.group 
1 2 'Structure model' 'Version format compliance' 
2 3 'Structure model' 'Version format compliance' 
3 4 'Structure model' 'Data collection'           
4 4 'Structure model' 'Database references'       
5 4 'Structure model' 'Derived calculations'      
6 5 'Structure model' 'Refinement description'    
# 
loop_
_pdbx_audit_revision_category.ordinal 
_pdbx_audit_revision_category.revision_ordinal 
_pdbx_audit_revision_category.data_content_type 
_pdbx_audit_revision_category.category 
1 4 'Structure model' chem_comp_atom                
2 4 'Structure model' chem_comp_bond                
3 4 'Structure model' database_2                    
4 4 'Structure model' pdbx_struct_conn_angle        
5 4 'Structure model' struct_conn                   
6 4 'Structure model' struct_site                   
7 5 'Structure model' pdbx_initial_refinement_model 
# 
loop_
_pdbx_audit_revision_item.ordinal 
_pdbx_audit_revision_item.revision_ordinal 
_pdbx_audit_revision_item.data_content_type 
_pdbx_audit_revision_item.item 
1  4 'Structure model' '_database_2.pdbx_DOI'                        
2  4 'Structure model' '_database_2.pdbx_database_accession'         
3  4 'Structure model' '_pdbx_struct_conn_angle.ptnr1_auth_asym_id'  
4  4 'Structure model' '_pdbx_struct_conn_angle.ptnr1_auth_comp_id'  
5  4 'Structure model' '_pdbx_struct_conn_angle.ptnr1_auth_seq_id'   
6  4 'Structure model' '_pdbx_struct_conn_angle.ptnr1_label_alt_id'  
7  4 'Structure model' '_pdbx_struct_conn_angle.ptnr1_label_asym_id' 
8  4 'Structure model' '_pdbx_struct_conn_angle.ptnr1_label_atom_id' 
9  4 'Structure model' '_pdbx_struct_conn_angle.ptnr1_label_comp_id' 
10 4 'Structure model' '_pdbx_struct_conn_angle.ptnr1_label_seq_id'  
11 4 'Structure model' '_pdbx_struct_conn_angle.ptnr1_symmetry'      
12 4 'Structure model' '_pdbx_struct_conn_angle.ptnr2_auth_asym_id'  
13 4 'Structure model' '_pdbx_struct_conn_angle.ptnr2_auth_seq_id'   
14 4 'Structure model' '_pdbx_struct_conn_angle.ptnr2_label_asym_id' 
15 4 'Structure model' '_pdbx_struct_conn_angle.ptnr3_auth_asym_id'  
16 4 'Structure model' '_pdbx_struct_conn_angle.ptnr3_auth_comp_id'  
17 4 'Structure model' '_pdbx_struct_conn_angle.ptnr3_auth_seq_id'   
18 4 'Structure model' '_pdbx_struct_conn_angle.ptnr3_label_alt_id'  
19 4 'Structure model' '_pdbx_struct_conn_angle.ptnr3_label_asym_id' 
20 4 'Structure model' '_pdbx_struct_conn_angle.ptnr3_label_atom_id' 
21 4 'Structure model' '_pdbx_struct_conn_angle.ptnr3_label_comp_id' 
22 4 'Structure model' '_pdbx_struct_conn_angle.ptnr3_label_seq_id'  
23 4 'Structure model' '_pdbx_struct_conn_angle.ptnr3_symmetry'      
24 4 'Structure model' '_pdbx_struct_conn_angle.value'               
25 4 'Structure model' '_struct_conn.pdbx_dist_value'                
26 4 'Structure model' '_struct_conn.pdbx_ptnr1_label_alt_id'        
27 4 'Structure model' '_struct_conn.pdbx_ptnr2_label_alt_id'        
28 4 'Structure model' '_struct_conn.ptnr1_auth_asym_id'             
29 4 'Structure model' '_struct_conn.ptnr1_auth_comp_id'             
30 4 'Structure model' '_struct_conn.ptnr1_auth_seq_id'              
31 4 'Structure model' '_struct_conn.ptnr1_label_asym_id'            
32 4 'Structure model' '_struct_conn.ptnr1_label_atom_id'            
33 4 'Structure model' '_struct_conn.ptnr1_label_comp_id'            
34 4 'Structure model' '_struct_conn.ptnr1_label_seq_id'             
35 4 'Structure model' '_struct_conn.ptnr1_symmetry'                 
36 4 'Structure model' '_struct_conn.ptnr2_auth_asym_id'             
37 4 'Structure model' '_struct_conn.ptnr2_auth_comp_id'             
38 4 'Structure model' '_struct_conn.ptnr2_auth_seq_id'              
39 4 'Structure model' '_struct_conn.ptnr2_label_asym_id'            
40 4 'Structure model' '_struct_conn.ptnr2_label_atom_id'            
41 4 'Structure model' '_struct_conn.ptnr2_label_comp_id'            
42 4 'Structure model' '_struct_conn.ptnr2_label_seq_id'             
43 4 'Structure model' '_struct_conn.ptnr2_symmetry'                 
44 4 'Structure model' '_struct_site.pdbx_auth_asym_id'              
45 4 'Structure model' '_struct_site.pdbx_auth_comp_id'              
46 4 'Structure model' '_struct_site.pdbx_auth_seq_id'               
# 
_pdbx_database_status.status_code                     REL 
_pdbx_database_status.entry_id                        1PJO 
_pdbx_database_status.recvd_initial_deposition_date   2003-06-03 
_pdbx_database_status.deposit_site                    RCSB 
_pdbx_database_status.process_site                    RCSB 
_pdbx_database_status.status_code_sf                  REL 
_pdbx_database_status.SG_entry                        . 
_pdbx_database_status.status_code_mr                  ? 
_pdbx_database_status.pdb_format_compatible           Y 
_pdbx_database_status.status_code_cs                  ? 
_pdbx_database_status.status_code_nmr_data            ? 
_pdbx_database_status.methods_development_category    ? 
# 
loop_
_pdbx_database_related.db_name 
_pdbx_database_related.db_id 
_pdbx_database_related.details 
_pdbx_database_related.content_type 
PDB 1PJG 
;Same sequence, crystallized at different pH and cation. 
pH 6.8 and CaOAc, P212121 sp grp Molecular Replacement
;
unspecified 
PDB 1JB8 'Same sequence, crystallized at pH 5.8 and MgOAc, I222 sp grp'                                                    
unspecified 
PDB 1G4Q 'same sequence and same crystal solved by Direct Methods'                                                         
unspecified 
# 
loop_
_audit_author.name 
_audit_author.pdbx_ordinal 
'Kopka, M.L.'     1 
'Lavelle, L.'     2 
'Han, G.W.'       3 
'Ng, H.-L.'       4 
'Dickerson, R.E.' 5 
# 
loop_
_citation.id 
_citation.title 
_citation.journal_abbrev 
_citation.journal_volume 
_citation.page_first 
_citation.page_last 
_citation.year 
_citation.journal_id_ASTM 
_citation.country 
_citation.journal_id_ISSN 
_citation.journal_id_CSD 
_citation.book_publisher 
_citation.pdbx_database_id_PubMed 
_citation.pdbx_database_id_DOI 
primary 
;An Unusual Sugar Conformation in the Structure of an RNA/DNA 
Decamer of the Polypurine Tract May Affect Recognition by RNase H
;
J.Mol.Biol.                334 653 665 2003 JMOBAK UK 0022-2836 0070 ? 14636594 10.1016/j.jmb.2003.09.057 
1       'Direct Methods Determination of an RNA/DNA Hybrid Decamer at 1.15A Resolution' 'Acta Crystallogr.,Sect.D' 57  213 218 
2001 ABCRE6 DK 0907-4449 0766 ? ?        10.1107/S0907444900017595 
2       
;Crystal Structure of an RNA/DNA Hybrid Reveals Novel Intermolecular 
Intercalation: Dimer Formation by Base-pair Swapping
;
'To be Published'          ?   ?   ?   2003 ?      ?  ?         0353 ? ?        ?                         
# 
loop_
_citation_author.citation_id 
_citation_author.name 
_citation_author.ordinal 
_citation_author.identifier_ORCID 
primary 'Kopka, M.L.'     1  ? 
primary 'Lavelle, L.'     2  ? 
primary 'Han, G.W.'       3  ? 
primary 'Ng, H.-L.'       4  ? 
primary 'Dickerson, R.E.' 5  ? 
1       'Han, G.W.'       6  ? 
2       'Han, G.W.'       7  ? 
2       'Kopka, M.L.'     8  ? 
2       'Langs, D.'       9  ? 
2       'Sawaya, M.R.'    10 ? 
2       'Dickerson, R.E.' 11 ? 
# 
loop_
_entity.id 
_entity.type 
_entity.src_method 
_entity.pdbx_description 
_entity.formula_weight 
_entity.pdbx_number_of_molecules 
_entity.pdbx_ec 
_entity.pdbx_mutation 
_entity.pdbx_fragment 
_entity.details 
1 polymer     syn "5'-R(*CP*AP*AP*AP*GP*AP*AP*AP*AP*G)-3'" 3255.076 1   ? ? 'Polypurine Tract of HIV-1' ? 
2 polymer     syn "5'-D(*CP*TP*TP*TP*TP*CP*TP*TP*TP*G)-3'" 2991.961 1   ? ? ?                           ? 
3 non-polymer syn 'MAGNESIUM ION'                          24.305   6   ? ? ?                           ? 
4 water       nat water                                    18.015   128 ? ? ?                           ? 
# 
loop_
_entity_poly.entity_id 
_entity_poly.type 
_entity_poly.nstd_linkage 
_entity_poly.nstd_monomer 
_entity_poly.pdbx_seq_one_letter_code 
_entity_poly.pdbx_seq_one_letter_code_can 
_entity_poly.pdbx_strand_id 
_entity_poly.pdbx_target_identifier 
1 polyribonucleotide      no no CAAAGAAAAG                                 CAAAGAAAAG A ? 
2 polydeoxyribonucleotide no no '(DC)(DT)(DT)(DT)(DT)(DC)(DT)(DT)(DT)(DG)' CTTTTCTTTG B ? 
# 
loop_
_pdbx_entity_nonpoly.entity_id 
_pdbx_entity_nonpoly.name 
_pdbx_entity_nonpoly.comp_id 
3 'MAGNESIUM ION' MG  
4 water           HOH 
# 
loop_
_entity_poly_seq.entity_id 
_entity_poly_seq.num 
_entity_poly_seq.mon_id 
_entity_poly_seq.hetero 
1 1  C  n 
1 2  A  n 
1 3  A  n 
1 4  A  n 
1 5  G  n 
1 6  A  n 
1 7  A  n 
1 8  A  n 
1 9  A  n 
1 10 G  n 
2 1  DC n 
2 2  DT n 
2 3  DT n 
2 4  DT n 
2 5  DT n 
2 6  DC n 
2 7  DT n 
2 8  DT n 
2 9  DT n 
2 10 DG n 
# 
loop_
_chem_comp.id 
_chem_comp.type 
_chem_comp.mon_nstd_flag 
_chem_comp.name 
_chem_comp.pdbx_synonyms 
_chem_comp.formula 
_chem_comp.formula_weight 
A   'RNA linking' y "ADENOSINE-5'-MONOPHOSPHATE"         ? 'C10 H14 N5 O7 P' 347.221 
C   'RNA linking' y "CYTIDINE-5'-MONOPHOSPHATE"          ? 'C9 H14 N3 O8 P'  323.197 
DC  'DNA linking' y "2'-DEOXYCYTIDINE-5'-MONOPHOSPHATE"  ? 'C9 H14 N3 O7 P'  307.197 
DG  'DNA linking' y "2'-DEOXYGUANOSINE-5'-MONOPHOSPHATE" ? 'C10 H14 N5 O7 P' 347.221 
DT  'DNA linking' y "THYMIDINE-5'-MONOPHOSPHATE"         ? 'C10 H15 N2 O8 P' 322.208 
G   'RNA linking' y "GUANOSINE-5'-MONOPHOSPHATE"         ? 'C10 H14 N5 O8 P' 363.221 
HOH non-polymer   . WATER                                ? 'H2 O'            18.015  
MG  non-polymer   . 'MAGNESIUM ION'                      ? 'Mg 2'            24.305  
# 
loop_
_pdbx_poly_seq_scheme.asym_id 
_pdbx_poly_seq_scheme.entity_id 
_pdbx_poly_seq_scheme.seq_id 
_pdbx_poly_seq_scheme.mon_id 
_pdbx_poly_seq_scheme.ndb_seq_num 
_pdbx_poly_seq_scheme.pdb_seq_num 
_pdbx_poly_seq_scheme.auth_seq_num 
_pdbx_poly_seq_scheme.pdb_mon_id 
_pdbx_poly_seq_scheme.auth_mon_id 
_pdbx_poly_seq_scheme.pdb_strand_id 
_pdbx_poly_seq_scheme.pdb_ins_code 
_pdbx_poly_seq_scheme.hetero 
A 1 1  C  1  1  1  C  C A . n 
A 1 2  A  2  2  2  A  A A . n 
A 1 3  A  3  3  3  A  A A . n 
A 1 4  A  4  4  4  A  A A . n 
A 1 5  G  5  5  5  G  G A . n 
A 1 6  A  6  6  6  A  A A . n 
A 1 7  A  7  7  7  A  A A . n 
A 1 8  A  8  8  8  A  A A . n 
A 1 9  A  9  9  9  A  A A . n 
A 1 10 G  10 10 10 G  G A . n 
B 2 1  DC 1  11 11 DC C B . n 
B 2 2  DT 2  12 12 DT T B . n 
B 2 3  DT 3  13 13 DT T B . n 
B 2 4  DT 4  14 14 DT T B . n 
B 2 5  DT 5  15 15 DT T B . n 
B 2 6  DC 6  16 16 DC C B . n 
B 2 7  DT 7  17 17 DT T B . n 
B 2 8  DT 8  18 18 DT T B . n 
B 2 9  DT 9  19 19 DT T B . n 
B 2 10 DG 10 20 20 DG G B . n 
# 
loop_
_pdbx_nonpoly_scheme.asym_id 
_pdbx_nonpoly_scheme.entity_id 
_pdbx_nonpoly_scheme.mon_id 
_pdbx_nonpoly_scheme.ndb_seq_num 
_pdbx_nonpoly_scheme.pdb_seq_num 
_pdbx_nonpoly_scheme.auth_seq_num 
_pdbx_nonpoly_scheme.pdb_mon_id 
_pdbx_nonpoly_scheme.auth_mon_id 
_pdbx_nonpoly_scheme.pdb_strand_id 
_pdbx_nonpoly_scheme.pdb_ins_code 
C 3 MG  1  31  31  MG  MO4 A . 
D 3 MG  1  32  32  MG  MO5 A . 
E 3 MG  1  33  33  MG  MO5 A . 
F 3 MG  1  35  35  MG  MO6 A . 
G 3 MG  1  36  36  MG  MO5 A . 
H 3 MG  1  34  34  MG  MO4 B . 
I 4 HOH 1  28  28  HOH HOH A . 
I 4 HOH 2  29  29  HOH HOH A . 
I 4 HOH 3  44  44  HOH HOH A . 
I 4 HOH 4  45  45  HOH HOH A . 
I 4 HOH 5  46  46  HOH HOH A . 
I 4 HOH 6  47  47  HOH HOH A . 
I 4 HOH 7  48  48  HOH HOH A . 
I 4 HOH 8  49  49  HOH HOH A . 
I 4 HOH 9  50  50  HOH HOH A . 
I 4 HOH 10 51  51  HOH HOH A . 
I 4 HOH 11 52  52  HOH HOH A . 
I 4 HOH 12 55  55  HOH HOH A . 
I 4 HOH 13 58  58  HOH HOH A . 
I 4 HOH 14 59  59  HOH HOH A . 
I 4 HOH 15 61  61  HOH HOH A . 
I 4 HOH 16 62  62  HOH HOH A . 
I 4 HOH 17 63  63  HOH HOH A . 
I 4 HOH 18 64  64  HOH HOH A . 
I 4 HOH 19 65  65  HOH HOH A . 
I 4 HOH 20 66  66  HOH HOH A . 
I 4 HOH 21 67  67  HOH HOH A . 
I 4 HOH 22 68  68  HOH HOH A . 
I 4 HOH 23 70  70  HOH HOH A . 
I 4 HOH 24 71  71  HOH HOH A . 
I 4 HOH 25 72  72  HOH HOH A . 
I 4 HOH 26 73  73  HOH HOH A . 
I 4 HOH 27 74  74  HOH HOH A . 
I 4 HOH 28 75  75  HOH HOH A . 
I 4 HOH 29 77  77  HOH HOH A . 
I 4 HOH 30 79  79  HOH HOH A . 
I 4 HOH 31 80  80  HOH HOH A . 
I 4 HOH 32 83  83  HOH HOH A . 
I 4 HOH 33 86  86  HOH HOH A . 
I 4 HOH 34 87  87  HOH HOH A . 
I 4 HOH 35 90  90  HOH HOH A . 
I 4 HOH 36 94  94  HOH HOH A . 
I 4 HOH 37 99  99  HOH HOH A . 
I 4 HOH 38 101 101 HOH HOH A . 
I 4 HOH 39 102 102 HOH HOH A . 
I 4 HOH 40 103 103 HOH HOH A . 
I 4 HOH 41 104 104 HOH HOH A . 
I 4 HOH 42 107 107 HOH HOH A . 
I 4 HOH 43 116 116 HOH HOH A . 
I 4 HOH 44 117 117 HOH HOH A . 
I 4 HOH 45 118 118 HOH HOH A . 
I 4 HOH 46 122 122 HOH HOH A . 
I 4 HOH 47 124 124 HOH HOH A . 
I 4 HOH 48 125 125 HOH HOH A . 
I 4 HOH 49 128 128 HOH HOH A . 
I 4 HOH 50 131 131 HOH HOH A . 
I 4 HOH 51 132 31  HOH MO4 A . 
I 4 HOH 52 133 31  HOH MO4 A . 
I 4 HOH 53 134 31  HOH MO4 A . 
I 4 HOH 54 136 32  HOH MO5 A . 
I 4 HOH 55 137 32  HOH MO5 A . 
I 4 HOH 56 138 32  HOH MO5 A . 
I 4 HOH 57 139 32  HOH MO5 A . 
I 4 HOH 58 140 32  HOH MO5 A . 
I 4 HOH 59 141 33  HOH MO5 A . 
I 4 HOH 60 142 33  HOH MO5 A . 
I 4 HOH 61 143 33  HOH MO5 A . 
I 4 HOH 62 144 33  HOH MO5 A . 
I 4 HOH 63 145 33  HOH MO5 A . 
I 4 HOH 64 147 34  HOH MO4 A . 
I 4 HOH 65 148 34  HOH MO4 A . 
I 4 HOH 66 149 34  HOH MO4 A . 
I 4 HOH 67 150 35  HOH MO6 A . 
I 4 HOH 68 151 35  HOH MO6 A . 
I 4 HOH 69 152 35  HOH MO6 A . 
I 4 HOH 70 154 35  HOH MO6 A . 
I 4 HOH 71 156 36  HOH MO5 A . 
I 4 HOH 72 157 36  HOH MO5 A . 
I 4 HOH 73 158 36  HOH MO5 A . 
I 4 HOH 74 159 36  HOH MO5 A . 
I 4 HOH 75 160 36  HOH MO5 A . 
J 4 HOH 1  27  27  HOH HOH B . 
J 4 HOH 2  30  30  HOH HOH B . 
J 4 HOH 3  37  37  HOH HOH B . 
J 4 HOH 4  38  38  HOH HOH B . 
J 4 HOH 5  39  39  HOH HOH B . 
J 4 HOH 6  40  40  HOH HOH B . 
J 4 HOH 7  41  41  HOH HOH B . 
J 4 HOH 8  42  42  HOH HOH B . 
J 4 HOH 9  43  43  HOH HOH B . 
J 4 HOH 10 53  53  HOH HOH B . 
J 4 HOH 11 54  54  HOH HOH B . 
J 4 HOH 12 56  56  HOH HOH B . 
J 4 HOH 13 57  57  HOH HOH B . 
J 4 HOH 14 60  60  HOH HOH B . 
J 4 HOH 15 69  69  HOH HOH B . 
J 4 HOH 16 76  76  HOH HOH B . 
J 4 HOH 17 78  78  HOH HOH B . 
J 4 HOH 18 81  81  HOH HOH B . 
J 4 HOH 19 82  82  HOH HOH B . 
J 4 HOH 20 84  84  HOH HOH B . 
J 4 HOH 21 85  85  HOH HOH B . 
J 4 HOH 22 88  88  HOH HOH B . 
J 4 HOH 23 89  89  HOH HOH B . 
J 4 HOH 24 91  91  HOH HOH B . 
J 4 HOH 25 92  92  HOH HOH B . 
J 4 HOH 26 93  93  HOH HOH B . 
J 4 HOH 27 95  95  HOH HOH B . 
J 4 HOH 28 96  96  HOH HOH B . 
J 4 HOH 29 97  97  HOH HOH B . 
J 4 HOH 30 98  98  HOH HOH B . 
J 4 HOH 31 100 100 HOH HOH B . 
J 4 HOH 32 105 105 HOH HOH B . 
J 4 HOH 33 106 106 HOH HOH B . 
J 4 HOH 34 108 108 HOH HOH B . 
J 4 HOH 35 109 109 HOH HOH B . 
J 4 HOH 36 110 110 HOH HOH B . 
J 4 HOH 37 111 111 HOH HOH B . 
J 4 HOH 38 112 112 HOH HOH B . 
J 4 HOH 39 113 113 HOH HOH B . 
J 4 HOH 40 114 114 HOH HOH B . 
J 4 HOH 41 115 115 HOH HOH B . 
J 4 HOH 42 119 119 HOH HOH B . 
J 4 HOH 43 120 120 HOH HOH B . 
J 4 HOH 44 121 121 HOH HOH B . 
J 4 HOH 45 123 123 HOH HOH B . 
J 4 HOH 46 126 126 HOH HOH B . 
J 4 HOH 47 127 127 HOH HOH B . 
J 4 HOH 48 129 129 HOH HOH B . 
J 4 HOH 49 130 130 HOH HOH B . 
J 4 HOH 50 135 31  HOH MO4 B . 
J 4 HOH 51 146 34  HOH MO4 B . 
J 4 HOH 52 153 35  HOH MO6 B . 
J 4 HOH 53 155 35  HOH MO6 B . 
# 
loop_
_software.name 
_software.classification 
_software.version 
_software.citation_id 
_software.pdbx_ordinal 
DENZO     'data reduction' . ? 1 
SCALEPACK 'data scaling'   . ? 2 
EPMR      phasing          . ? 3 
SHELXL-97 refinement       . ? 4 
# 
_cell.entry_id           1PJO 
_cell.length_a           25.595 
_cell.length_b           40.755 
_cell.length_c           45.740 
_cell.angle_alpha        90.00 
_cell.angle_beta         90.00 
_cell.angle_gamma        90.00 
_cell.Z_PDB              4 
_cell.pdbx_unique_axis   ? 
_cell.length_a_esd       ? 
_cell.length_b_esd       ? 
_cell.length_c_esd       ? 
_cell.angle_alpha_esd    ? 
_cell.angle_beta_esd     ? 
_cell.angle_gamma_esd    ? 
# 
_symmetry.entry_id                         1PJO 
_symmetry.space_group_name_H-M             'P 21 21 21' 
_symmetry.cell_setting                     orthorhombic 
_symmetry.pdbx_full_space_group_name_H-M   ? 
_symmetry.Int_Tables_number                19 
_symmetry.space_group_name_Hall            ? 
# 
_exptl.entry_id          1PJO 
_exptl.method            'X-RAY DIFFRACTION' 
_exptl.crystals_number   1 
# 
_exptl_crystal.id                    1 
_exptl_crystal.density_meas          ? 
_exptl_crystal.density_percent_sol   35.09 
_exptl_crystal.description           ? 
_exptl_crystal.density_Matthews      1.89 
_exptl_crystal.F_000                 ? 
_exptl_crystal.preparation           ? 
# 
_exptl_crystal_grow.crystal_id      1 
_exptl_crystal_grow.method          'VAPOR DIFFUSION, HANGING DROP' 
_exptl_crystal_grow.temp            278 
_exptl_crystal_grow.pH              5.8 
_exptl_crystal_grow.pdbx_details    
;magnesium acetate, beta-octylglucoside, spermidine hydrochloride, 
cacodylate, 2-methyl,2,4-pentanediol, pH 5.8, VAPOR DIFFUSION, HANGING DROP, temperature 278K
;
_exptl_crystal_grow.temp_details    ? 
_exptl_crystal_grow.pdbx_pH_range   . 
# 
loop_
_exptl_crystal_grow_comp.crystal_id 
_exptl_crystal_grow_comp.id 
_exptl_crystal_grow_comp.sol_id 
_exptl_crystal_grow_comp.name 
_exptl_crystal_grow_comp.conc 
_exptl_crystal_grow_comp.volume 
_exptl_crystal_grow_comp.details 
1 1 1 'magensium acetate'      ? ? ? 
1 2 1 cacodylate               ? ? ? 
1 3 1 beta-octylglucoside      ? ? ? 
1 4 1 'spermidine HCl'         ? ? ? 
1 5 1 2-methyl,2,4-pentanediol ? ? ? 
1 6 2 'magensium acetate'      ? ? ? 
1 7 2 2-methyl,2,4-pentanediol ? ? ? 
# 
_diffrn.id                     1 
_diffrn.ambient_temp           123 
_diffrn.ambient_temp_details   ? 
_diffrn.crystal_id             1 
# 
_diffrn_detector.diffrn_id              1 
_diffrn_detector.detector               CCD 
_diffrn_detector.type                   'ADSC QUANTUM 4' 
_diffrn_detector.pdbx_collection_date   1999-10-27 
_diffrn_detector.details                mirrors 
# 
_diffrn_radiation.diffrn_id                        1 
_diffrn_radiation.wavelength_id                    1 
_diffrn_radiation.pdbx_monochromatic_or_laue_m_l   M 
_diffrn_radiation.monochromator                    mirrors 
_diffrn_radiation.pdbx_diffrn_protocol             'SINGLE WAVELENGTH' 
_diffrn_radiation.pdbx_scattering_type             x-ray 
# 
_diffrn_radiation_wavelength.id           1 
_diffrn_radiation_wavelength.wavelength   1.0720 
_diffrn_radiation_wavelength.wt           1.0 
# 
_diffrn_source.diffrn_id                   1 
_diffrn_source.source                      SYNCHROTRON 
_diffrn_source.type                        'NSLS BEAMLINE X8C' 
_diffrn_source.pdbx_synchrotron_site       NSLS 
_diffrn_source.pdbx_synchrotron_beamline   X8C 
_diffrn_source.pdbx_wavelength             ? 
_diffrn_source.pdbx_wavelength_list        1.0720 
# 
_reflns.entry_id                     1PJO 
_reflns.observed_criterion_sigma_F   0.0 
_reflns.observed_criterion_sigma_I   0.0 
_reflns.d_resolution_high            1.10 
_reflns.d_resolution_low             20.0 
_reflns.number_all                   18877 
_reflns.number_obs                   18327 
_reflns.percent_possible_obs         97.0 
_reflns.pdbx_Rmerge_I_obs            0.058 
_reflns.pdbx_Rsym_value              ? 
_reflns.pdbx_netI_over_sigmaI        33.7 
_reflns.B_iso_Wilson_estimate        ? 
_reflns.pdbx_redundancy              ? 
_reflns.R_free_details               ? 
_reflns.pdbx_chi_squared             ? 
_reflns.pdbx_scaling_rejects         ? 
_reflns.pdbx_diffrn_id               1 
_reflns.pdbx_ordinal                 1 
# 
_reflns_shell.d_res_high             1.10 
_reflns_shell.d_res_low              1.13 
_reflns_shell.percent_possible_all   74.6 
_reflns_shell.Rmerge_I_obs           0.492 
_reflns_shell.pdbx_Rsym_value        ? 
_reflns_shell.meanI_over_sigI_obs    4.06 
_reflns_shell.pdbx_redundancy        ? 
_reflns_shell.percent_possible_obs   74.6 
_reflns_shell.number_unique_all      ? 
_reflns_shell.number_measured_all    ? 
_reflns_shell.number_measured_obs    ? 
_reflns_shell.number_unique_obs      ? 
_reflns_shell.pdbx_chi_squared       ? 
_reflns_shell.pdbx_diffrn_id         ? 
_reflns_shell.pdbx_ordinal           1 
# 
_refine.entry_id                                 1PJO 
_refine.ls_d_res_high                            1.10 
_refine.ls_d_res_low                             20.0 
_refine.pdbx_ls_sigma_F                          0.0 
_refine.pdbx_ls_sigma_I                          0.0 
_refine.ls_number_reflns_all                     17409 
_refine.ls_number_reflns_obs                     17409 
_refine.ls_number_reflns_R_free                  918 
_refine.ls_percent_reflns_obs                    ? 
_refine.ls_R_factor_all                          0.117 
_refine.ls_R_factor_obs                          ? 
_refine.ls_R_factor_R_work                       0.1166 
_refine.ls_R_factor_R_free                       0.1564 
_refine.ls_redundancy_reflns_obs                 ? 
_refine.pdbx_data_cutoff_high_absF               ? 
_refine.pdbx_data_cutoff_low_absF                ? 
_refine.ls_number_parameters                     5231 
_refine.ls_number_restraints                     19473 
_refine.ls_percent_reflns_R_free                 5. 
_refine.ls_R_factor_R_free_error                 ? 
_refine.ls_R_factor_R_free_error_details         ? 
_refine.pdbx_method_to_determine_struct          'MOLECULAR REPLACEMENT' 
_refine.pdbx_starting_model                      'NDB ID AH0001' 
_refine.pdbx_ls_cross_valid_method               ? 
_refine.pdbx_R_Free_selection_details            Random 
_refine.pdbx_stereochem_target_val_spec_case     ? 
_refine.pdbx_stereochemistry_target_values       ? 
_refine.solvent_model_details                    ? 
_refine.solvent_model_param_bsol                 ? 
_refine.solvent_model_param_ksol                 ? 
_refine.occupancy_max                            ? 
_refine.occupancy_min                            ? 
_refine.pdbx_isotropic_thermal_model             ? 
_refine.B_iso_mean                               13.76 
_refine.aniso_B[1][1]                            ? 
_refine.aniso_B[1][2]                            ? 
_refine.aniso_B[1][3]                            ? 
_refine.aniso_B[2][2]                            ? 
_refine.aniso_B[2][3]                            ? 
_refine.aniso_B[3][3]                            ? 
_refine.details                                  ? 
_refine.correlation_coeff_Fo_to_Fc               ? 
_refine.correlation_coeff_Fo_to_Fc_free          ? 
_refine.pdbx_solvent_vdw_probe_radii             ? 
_refine.pdbx_solvent_ion_probe_radii             ? 
_refine.pdbx_solvent_shrinkage_radii             ? 
_refine.overall_SU_R_Cruickshank_DPI             ? 
_refine.overall_SU_R_free                        ? 
_refine.overall_SU_B                             ? 
_refine.overall_SU_ML                            ? 
_refine.pdbx_overall_ESU_R                       ? 
_refine.pdbx_overall_ESU_R_Free                  ? 
_refine.pdbx_data_cutoff_high_rms_absF           ? 
_refine.pdbx_refine_id                           'X-RAY DIFFRACTION' 
_refine.pdbx_overall_phase_error                 ? 
_refine.ls_wR_factor_R_free                      ? 
_refine.ls_wR_factor_R_work                      ? 
_refine.overall_FOM_free_R_set                   ? 
_refine.overall_FOM_work_R_set                   ? 
_refine.pdbx_diffrn_id                           1 
_refine.pdbx_TLS_residual_ADP_flag               ? 
_refine.pdbx_overall_SU_R_free_Cruickshank_DPI   ? 
_refine.pdbx_overall_SU_R_Blow_DPI               ? 
_refine.pdbx_overall_SU_R_free_Blow_DPI          ? 
# 
_refine_hist.pdbx_refine_id                   'X-RAY DIFFRACTION' 
_refine_hist.cycle_id                         LAST 
_refine_hist.pdbx_number_atoms_protein        0 
_refine_hist.pdbx_number_atoms_nucleic_acid   700 
_refine_hist.pdbx_number_atoms_ligand         35 
_refine_hist.number_atoms_solvent             99 
_refine_hist.number_atoms_total               834 
_refine_hist.d_res_high                       1.10 
_refine_hist.d_res_low                        20.0 
# 
loop_
_refine_ls_restr.type 
_refine_ls_restr.dev_ideal 
_refine_ls_restr.dev_ideal_target 
_refine_ls_restr.number 
_refine_ls_restr.weight 
_refine_ls_restr.pdbx_refine_id 
_refine_ls_restr.pdbx_restraint_function 
s_angle_d 0.043 0.017 ? ? 'X-RAY DIFFRACTION' ? 
s_bond_d  0.019 0.011 ? ? 'X-RAY DIFFRACTION' ? 
# 
_refine_ls_shell.pdbx_total_number_of_bins_used   ? 
_refine_ls_shell.d_res_high                       1.10 
_refine_ls_shell.d_res_low                        1.13 
_refine_ls_shell.number_reflns_R_work             ? 
_refine_ls_shell.R_factor_R_work                  0.492 
_refine_ls_shell.percent_reflns_obs               ? 
_refine_ls_shell.R_factor_R_free                  ? 
_refine_ls_shell.R_factor_R_free_error            ? 
_refine_ls_shell.percent_reflns_R_free            ? 
_refine_ls_shell.number_reflns_R_free             ? 
_refine_ls_shell.redundancy_reflns_obs            ? 
_refine_ls_shell.pdbx_refine_id                   'X-RAY DIFFRACTION' 
_refine_ls_shell.number_reflns_all                ? 
_refine_ls_shell.number_reflns_obs                ? 
_refine_ls_shell.R_factor_all                     ? 
# 
_pdbx_refine.entry_id                                    1PJO 
_pdbx_refine.R_factor_all_no_cutoff                      ? 
_pdbx_refine.R_factor_obs_no_cutoff                      ? 
_pdbx_refine.number_reflns_obs_no_cutoff                 ? 
_pdbx_refine.free_R_factor_no_cutoff                     ? 
_pdbx_refine.free_R_val_test_set_ct_no_cutoff            ? 
_pdbx_refine.free_R_val_test_set_size_perc_no_cutoff     ? 
_pdbx_refine.R_factor_all_4sig_cutoff                    ? 
_pdbx_refine.R_factor_obs_4sig_cutoff                    0.114 
_pdbx_refine.number_reflns_obs_4sig_cutoff               16382 
_pdbx_refine.free_R_factor_4sig_cutoff                   0.152 
_pdbx_refine.free_R_val_test_set_ct_4sig_cutoff          858 
_pdbx_refine.free_R_val_test_set_size_perc_4sig_cutoff   5.000 
_pdbx_refine.pdbx_refine_id                              'X-RAY DIFFRACTION' 
_pdbx_refine.free_R_error_no_cutoff                      ? 
# 
_struct.entry_id                  1PJO 
_struct.title                     'Crystal Structure of an RNA/DNA hybrid of HIV-1 PPT' 
_struct.pdbx_model_details        ? 
_struct.pdbx_CASP_flag            ? 
_struct.pdbx_model_type_details   ? 
# 
_struct_keywords.entry_id        1PJO 
_struct_keywords.pdbx_keywords   'DNA-RNA HYBRID' 
_struct_keywords.text            
'RNA/DNA hybrid; Polypurine Tract of HIV-1; Moleuclar Replacement; sugar conformation, DNA-RNA COMPLEX, DNA-RNA HYBRID' 
# 
loop_
_struct_asym.id 
_struct_asym.pdbx_blank_PDB_chainid_flag 
_struct_asym.pdbx_modified 
_struct_asym.entity_id 
_struct_asym.details 
A N N 1 ? 
B N N 2 ? 
C N N 3 ? 
D N N 3 ? 
E N N 3 ? 
F N N 3 ? 
G N N 3 ? 
H N N 3 ? 
I N N 4 ? 
J N N 4 ? 
# 
loop_
_struct_ref.id 
_struct_ref.entity_id 
_struct_ref.db_name 
_struct_ref.db_code 
_struct_ref.pdbx_db_accession 
_struct_ref.pdbx_align_begin 
_struct_ref.pdbx_seq_one_letter_code 
_struct_ref.pdbx_db_isoform 
1 1 PDB 1PJO 1PJO ? ? ? 
2 2 PDB 1PJO 1PJO ? ? ? 
# 
loop_
_struct_ref_seq.align_id 
_struct_ref_seq.ref_id 
_struct_ref_seq.pdbx_PDB_id_code 
_struct_ref_seq.pdbx_strand_id 
_struct_ref_seq.seq_align_beg 
_struct_ref_seq.pdbx_seq_align_beg_ins_code 
_struct_ref_seq.seq_align_end 
_struct_ref_seq.pdbx_seq_align_end_ins_code 
_struct_ref_seq.pdbx_db_accession 
_struct_ref_seq.db_align_beg 
_struct_ref_seq.pdbx_db_align_beg_ins_code 
_struct_ref_seq.db_align_end 
_struct_ref_seq.pdbx_db_align_end_ins_code 
_struct_ref_seq.pdbx_auth_seq_align_beg 
_struct_ref_seq.pdbx_auth_seq_align_end 
1 1 1PJO A 1 ? 10 ? 1PJO 1  ? 10 ? 1  10 
2 2 1PJO B 1 ? 10 ? 1PJO 11 ? 20 ? 11 20 
# 
_pdbx_struct_assembly.id                   1 
_pdbx_struct_assembly.details              author_defined_assembly 
_pdbx_struct_assembly.method_details       ? 
_pdbx_struct_assembly.oligomeric_details   dimeric 
_pdbx_struct_assembly.oligomeric_count     2 
# 
_pdbx_struct_assembly_gen.assembly_id       1 
_pdbx_struct_assembly_gen.oper_expression   1 
_pdbx_struct_assembly_gen.asym_id_list      A,B,C,D,E,F,G,H,I,J 
# 
_pdbx_struct_oper_list.id                   1 
_pdbx_struct_oper_list.type                 'identity operation' 
_pdbx_struct_oper_list.name                 1_555 
_pdbx_struct_oper_list.symmetry_operation   x,y,z 
_pdbx_struct_oper_list.matrix[1][1]         1.0000000000 
_pdbx_struct_oper_list.matrix[1][2]         0.0000000000 
_pdbx_struct_oper_list.matrix[1][3]         0.0000000000 
_pdbx_struct_oper_list.vector[1]            0.0000000000 
_pdbx_struct_oper_list.matrix[2][1]         0.0000000000 
_pdbx_struct_oper_list.matrix[2][2]         1.0000000000 
_pdbx_struct_oper_list.matrix[2][3]         0.0000000000 
_pdbx_struct_oper_list.vector[2]            0.0000000000 
_pdbx_struct_oper_list.matrix[3][1]         0.0000000000 
_pdbx_struct_oper_list.matrix[3][2]         0.0000000000 
_pdbx_struct_oper_list.matrix[3][3]         1.0000000000 
_pdbx_struct_oper_list.vector[3]            0.0000000000 
# 
_struct_biol.id                    1 
_struct_biol.pdbx_parent_biol_id   ? 
_struct_biol.details               ? 
# 
loop_
_struct_conn.id 
_struct_conn.conn_type_id 
_struct_conn.pdbx_leaving_atom_flag 
_struct_conn.pdbx_PDB_id 
_struct_conn.ptnr1_label_asym_id 
_struct_conn.ptnr1_label_comp_id 
_struct_conn.ptnr1_label_seq_id 
_struct_conn.ptnr1_label_atom_id 
_struct_conn.pdbx_ptnr1_label_alt_id 
_struct_conn.pdbx_ptnr1_PDB_ins_code 
_struct_conn.pdbx_ptnr1_standard_comp_id 
_struct_conn.ptnr1_symmetry 
_struct_conn.ptnr2_label_asym_id 
_struct_conn.ptnr2_label_comp_id 
_struct_conn.ptnr2_label_seq_id 
_struct_conn.ptnr2_label_atom_id 
_struct_conn.pdbx_ptnr2_label_alt_id 
_struct_conn.pdbx_ptnr2_PDB_ins_code 
_struct_conn.ptnr1_auth_asym_id 
_struct_conn.ptnr1_auth_comp_id 
_struct_conn.ptnr1_auth_seq_id 
_struct_conn.ptnr2_auth_asym_id 
_struct_conn.ptnr2_auth_comp_id 
_struct_conn.ptnr2_auth_seq_id 
_struct_conn.ptnr2_symmetry 
_struct_conn.pdbx_ptnr3_label_atom_id 
_struct_conn.pdbx_ptnr3_label_seq_id 
_struct_conn.pdbx_ptnr3_label_comp_id 
_struct_conn.pdbx_ptnr3_label_asym_id 
_struct_conn.pdbx_ptnr3_label_alt_id 
_struct_conn.pdbx_ptnr3_PDB_ins_code 
_struct_conn.details 
_struct_conn.pdbx_dist_value 
_struct_conn.pdbx_value_order 
_struct_conn.pdbx_role 
metalc1  metalc ? ? A G   5  OP2 ? ? ? 1_555 D MG  .  MG  ? ? A G   5   A MG  32  1_555 ? ? ? ? ? ? ?            2.082 ? ? 
metalc2  metalc ? ? A A   7  OP1 ? ? ? 1_555 G MG  .  MG  ? ? A A   7   A MG  36  1_555 ? ? ? ? ? ? ?            2.014 ? ? 
metalc3  metalc ? ? A A   9  OP1 ? ? ? 1_555 C MG  .  MG  ? ? A A   9   A MG  31  1_555 ? ? ? ? ? ? ?            2.001 ? ? 
metalc4  metalc ? ? A A   9  OP2 ? ? ? 1_555 E MG  .  MG  ? ? A A   9   A MG  33  1_555 ? ? ? ? ? ? ?            1.990 ? ? 
metalc5  metalc ? ? A G   10 OP1 ? ? ? 3_755 H MG  .  MG  ? ? A G   10  B MG  34  1_555 ? ? ? ? ? ? ?            2.055 ? ? 
metalc6  metalc ? ? C MG  .  MG  ? ? ? 1_555 I HOH .  O   ? ? A MG  31  A HOH 132 1_555 ? ? ? ? ? ? ?            2.098 ? ? 
metalc7  metalc ? ? C MG  .  MG  ? ? ? 1_555 I HOH .  O   ? ? A MG  31  A HOH 133 1_555 ? ? ? ? ? ? ?            2.092 ? ? 
metalc8  metalc ? ? C MG  .  MG  ? ? ? 1_555 I HOH .  O   ? ? A MG  31  A HOH 134 1_555 ? ? ? ? ? ? ?            2.152 ? ? 
metalc9  metalc ? ? C MG  .  MG  ? ? ? 1_555 B DT  8  OP2 ? ? A MG  31  B DT  18  3_745 ? ? ? ? ? ? ?            2.049 ? ? 
metalc10 metalc ? ? C MG  .  MG  ? ? ? 1_555 J HOH .  O   ? ? A MG  31  B HOH 135 2_655 ? ? ? ? ? ? ?            2.082 ? ? 
metalc11 metalc ? ? D MG  .  MG  ? ? ? 1_555 I HOH .  O   ? ? A MG  32  A HOH 125 1_555 ? ? ? ? ? ? ?            2.750 ? ? 
metalc12 metalc ? ? D MG  .  MG  ? ? ? 1_555 I HOH .  O   ? ? A MG  32  A HOH 136 1_555 ? ? ? ? ? ? ?            1.991 ? ? 
metalc13 metalc ? ? D MG  .  MG  ? ? ? 1_555 I HOH .  O   ? ? A MG  32  A HOH 137 1_555 ? ? ? ? ? ? ?            1.987 ? ? 
metalc14 metalc ? ? D MG  .  MG  ? ? ? 1_555 I HOH .  O   ? ? A MG  32  A HOH 138 1_555 ? ? ? ? ? ? ?            2.005 ? ? 
metalc15 metalc ? ? D MG  .  MG  ? ? ? 1_555 I HOH .  O   ? ? A MG  32  A HOH 139 1_555 ? ? ? ? ? ? ?            2.074 ? ? 
metalc16 metalc ? ? D MG  .  MG  ? ? ? 1_555 I HOH .  O   ? ? A MG  32  A HOH 140 1_555 ? ? ? ? ? ? ?            2.034 ? ? 
metalc17 metalc ? ? E MG  .  MG  ? ? ? 1_555 I HOH .  O   ? ? A MG  33  A HOH 141 1_555 ? ? ? ? ? ? ?            2.072 ? ? 
metalc18 metalc ? ? E MG  .  MG  ? ? ? 1_555 I HOH .  O   ? ? A MG  33  A HOH 142 1_555 ? ? ? ? ? ? ?            2.046 ? ? 
metalc19 metalc ? ? E MG  .  MG  ? ? ? 1_555 I HOH .  O   ? ? A MG  33  A HOH 143 1_555 ? ? ? ? ? ? ?            2.086 ? ? 
metalc20 metalc ? ? E MG  .  MG  ? ? ? 1_555 I HOH .  O   ? ? A MG  33  A HOH 144 1_555 ? ? ? ? ? ? ?            2.044 ? ? 
metalc21 metalc ? ? E MG  .  MG  ? ? ? 1_555 I HOH .  O   ? ? A MG  33  A HOH 145 1_555 ? ? ? ? ? ? ?            2.105 ? ? 
metalc22 metalc ? ? F MG  .  MG  ? ? ? 1_555 I HOH .  O   ? ? A MG  35  A HOH 150 1_555 ? ? ? ? ? ? ?            1.942 ? ? 
metalc23 metalc ? ? F MG  .  MG  ? ? ? 1_555 I HOH .  O   ? ? A MG  35  A HOH 151 1_555 ? ? ? ? ? ? ?            2.094 ? ? 
metalc24 metalc ? ? F MG  .  MG  ? ? ? 1_555 I HOH .  O   ? ? A MG  35  A HOH 152 1_555 ? ? ? ? ? ? ?            2.154 ? ? 
metalc25 metalc ? ? F MG  .  MG  ? ? ? 1_555 I HOH .  O   ? ? A MG  35  A HOH 154 1_555 ? ? ? ? ? ? ?            1.945 ? ? 
metalc26 metalc ? ? F MG  .  MG  ? ? ? 1_555 J HOH .  O   ? ? A MG  35  B HOH 153 1_555 ? ? ? ? ? ? ?            2.013 ? ? 
metalc27 metalc ? ? F MG  .  MG  ? ? ? 1_555 J HOH .  O   ? ? A MG  35  B HOH 155 1_555 ? ? ? ? ? ? ?            1.886 ? ? 
metalc28 metalc ? ? G MG  .  MG  ? ? ? 1_555 I HOH .  O   ? ? A MG  36  A HOH 156 1_555 ? ? ? ? ? ? ?            1.924 ? ? 
metalc29 metalc ? ? G MG  .  MG  ? ? ? 1_555 I HOH .  O   ? ? A MG  36  A HOH 157 1_555 ? ? ? ? ? ? ?            2.244 ? ? 
metalc30 metalc ? ? G MG  .  MG  ? ? ? 1_555 I HOH .  O   ? ? A MG  36  A HOH 158 1_555 ? ? ? ? ? ? ?            2.355 ? ? 
metalc31 metalc ? ? G MG  .  MG  ? ? ? 1_555 I HOH .  O   ? ? A MG  36  A HOH 159 1_555 ? ? ? ? ? ? ?            2.209 ? ? 
metalc32 metalc ? ? G MG  .  MG  ? ? ? 1_555 I HOH .  O   ? ? A MG  36  A HOH 160 1_555 ? ? ? ? ? ? ?            2.027 ? ? 
metalc33 metalc ? ? I HOH .  O   ? ? ? 3_755 H MG  .  MG  ? ? A HOH 147 B MG  34  1_555 ? ? ? ? ? ? ?            2.174 ? ? 
metalc34 metalc ? ? I HOH .  O   ? ? ? 3_755 H MG  .  MG  ? ? A HOH 148 B MG  34  1_555 ? ? ? ? ? ? ?            2.116 ? ? 
metalc35 metalc ? ? I HOH .  O   ? ? ? 2_654 H MG  .  MG  ? ? A HOH 149 B MG  34  1_555 ? ? ? ? ? ? ?            2.120 ? ? 
metalc36 metalc ? ? B DT  8  OP1 ? ? ? 1_555 H MG  .  MG  ? ? B DT  18  B MG  34  1_555 ? ? ? ? ? ? ?            2.027 ? ? 
metalc37 metalc ? ? B DG  10 OP1 B ? ? 4_555 H MG  .  MG  ? ? B DG  20  B MG  34  1_555 ? ? ? ? ? ? ?            3.140 ? ? 
metalc38 metalc ? ? H MG  .  MG  ? ? ? 1_555 J HOH .  O   ? ? B MG  34  B HOH 146 1_555 ? ? ? ? ? ? ?            1.931 ? ? 
hydrog1  hydrog ? ? A C   1  N3  ? ? ? 1_555 B DG  10 N1  ? ? A C   1   B DG  20  1_555 ? ? ? ? ? ? WATSON-CRICK ?     ? ? 
hydrog2  hydrog ? ? A C   1  N4  ? ? ? 1_555 B DG  10 O6  ? ? A C   1   B DG  20  1_555 ? ? ? ? ? ? WATSON-CRICK ?     ? ? 
hydrog3  hydrog ? ? A C   1  O2  ? ? ? 1_555 B DG  10 N2  ? ? A C   1   B DG  20  1_555 ? ? ? ? ? ? WATSON-CRICK ?     ? ? 
hydrog4  hydrog ? ? A A   2  N1  ? ? ? 1_555 B DT  9  N3  ? ? A A   2   B DT  19  1_555 ? ? ? ? ? ? WATSON-CRICK ?     ? ? 
hydrog5  hydrog ? ? A A   2  N6  ? ? ? 1_555 B DT  9  O4  ? ? A A   2   B DT  19  1_555 ? ? ? ? ? ? WATSON-CRICK ?     ? ? 
hydrog6  hydrog ? ? A A   3  N1  ? ? ? 1_555 B DT  8  N3  ? ? A A   3   B DT  18  1_555 ? ? ? ? ? ? WATSON-CRICK ?     ? ? 
hydrog7  hydrog ? ? A A   3  N6  ? ? ? 1_555 B DT  8  O4  ? ? A A   3   B DT  18  1_555 ? ? ? ? ? ? WATSON-CRICK ?     ? ? 
hydrog8  hydrog ? ? A A   4  N1  ? ? ? 1_555 B DT  7  N3  ? ? A A   4   B DT  17  1_555 ? ? ? ? ? ? WATSON-CRICK ?     ? ? 
hydrog9  hydrog ? ? A A   4  N6  ? ? ? 1_555 B DT  7  O4  ? ? A A   4   B DT  17  1_555 ? ? ? ? ? ? WATSON-CRICK ?     ? ? 
hydrog10 hydrog ? ? A G   5  N1  ? ? ? 1_555 B DC  6  N3  ? ? A G   5   B DC  16  1_555 ? ? ? ? ? ? WATSON-CRICK ?     ? ? 
hydrog11 hydrog ? ? A G   5  N2  ? ? ? 1_555 B DC  6  O2  ? ? A G   5   B DC  16  1_555 ? ? ? ? ? ? WATSON-CRICK ?     ? ? 
hydrog12 hydrog ? ? A G   5  O6  ? ? ? 1_555 B DC  6  N4  ? ? A G   5   B DC  16  1_555 ? ? ? ? ? ? WATSON-CRICK ?     ? ? 
hydrog13 hydrog ? ? A A   6  N1  ? ? ? 1_555 B DT  5  N3  ? ? A A   6   B DT  15  1_555 ? ? ? ? ? ? WATSON-CRICK ?     ? ? 
hydrog14 hydrog ? ? A A   6  N6  ? ? ? 1_555 B DT  5  O4  ? ? A A   6   B DT  15  1_555 ? ? ? ? ? ? WATSON-CRICK ?     ? ? 
hydrog15 hydrog ? ? A A   7  N1  ? ? ? 1_555 B DT  4  N3  ? ? A A   7   B DT  14  1_555 ? ? ? ? ? ? WATSON-CRICK ?     ? ? 
hydrog16 hydrog ? ? A A   7  N6  ? ? ? 1_555 B DT  4  O4  ? ? A A   7   B DT  14  1_555 ? ? ? ? ? ? WATSON-CRICK ?     ? ? 
hydrog17 hydrog ? ? A A   8  N1  ? ? ? 1_555 B DT  3  N3  ? ? A A   8   B DT  13  1_555 ? ? ? ? ? ? WATSON-CRICK ?     ? ? 
hydrog18 hydrog ? ? A A   8  N6  ? ? ? 1_555 B DT  3  O4  ? ? A A   8   B DT  13  1_555 ? ? ? ? ? ? WATSON-CRICK ?     ? ? 
hydrog19 hydrog ? ? A A   9  N1  ? ? ? 1_555 B DT  2  N3  ? ? A A   9   B DT  12  1_555 ? ? ? ? ? ? WATSON-CRICK ?     ? ? 
hydrog20 hydrog ? ? A A   9  N6  ? ? ? 1_555 B DT  2  O4  ? ? A A   9   B DT  12  1_555 ? ? ? ? ? ? WATSON-CRICK ?     ? ? 
hydrog21 hydrog ? ? A G   10 N1  ? ? ? 1_555 B DC  1  N3  ? ? A G   10  B DC  11  1_555 ? ? ? ? ? ? WATSON-CRICK ?     ? ? 
hydrog22 hydrog ? ? A G   10 N2  ? ? ? 1_555 B DC  1  O2  ? ? A G   10  B DC  11  1_555 ? ? ? ? ? ? WATSON-CRICK ?     ? ? 
hydrog23 hydrog ? ? A G   10 O6  ? ? ? 1_555 B DC  1  N4  ? ? A G   10  B DC  11  1_555 ? ? ? ? ? ? WATSON-CRICK ?     ? ? 
# 
loop_
_struct_conn_type.id 
_struct_conn_type.criteria 
_struct_conn_type.reference 
metalc ? ? 
hydrog ? ? 
# 
loop_
_pdbx_struct_conn_angle.id 
_pdbx_struct_conn_angle.ptnr1_label_atom_id 
_pdbx_struct_conn_angle.ptnr1_label_alt_id 
_pdbx_struct_conn_angle.ptnr1_label_asym_id 
_pdbx_struct_conn_angle.ptnr1_label_comp_id 
_pdbx_struct_conn_angle.ptnr1_label_seq_id 
_pdbx_struct_conn_angle.ptnr1_auth_atom_id 
_pdbx_struct_conn_angle.ptnr1_auth_asym_id 
_pdbx_struct_conn_angle.ptnr1_auth_comp_id 
_pdbx_struct_conn_angle.ptnr1_auth_seq_id 
_pdbx_struct_conn_angle.ptnr1_PDB_ins_code 
_pdbx_struct_conn_angle.ptnr1_symmetry 
_pdbx_struct_conn_angle.ptnr2_label_atom_id 
_pdbx_struct_conn_angle.ptnr2_label_alt_id 
_pdbx_struct_conn_angle.ptnr2_label_asym_id 
_pdbx_struct_conn_angle.ptnr2_label_comp_id 
_pdbx_struct_conn_angle.ptnr2_label_seq_id 
_pdbx_struct_conn_angle.ptnr2_auth_atom_id 
_pdbx_struct_conn_angle.ptnr2_auth_asym_id 
_pdbx_struct_conn_angle.ptnr2_auth_comp_id 
_pdbx_struct_conn_angle.ptnr2_auth_seq_id 
_pdbx_struct_conn_angle.ptnr2_PDB_ins_code 
_pdbx_struct_conn_angle.ptnr2_symmetry 
_pdbx_struct_conn_angle.ptnr3_label_atom_id 
_pdbx_struct_conn_angle.ptnr3_label_alt_id 
_pdbx_struct_conn_angle.ptnr3_label_asym_id 
_pdbx_struct_conn_angle.ptnr3_label_comp_id 
_pdbx_struct_conn_angle.ptnr3_label_seq_id 
_pdbx_struct_conn_angle.ptnr3_auth_atom_id 
_pdbx_struct_conn_angle.ptnr3_auth_asym_id 
_pdbx_struct_conn_angle.ptnr3_auth_comp_id 
_pdbx_struct_conn_angle.ptnr3_auth_seq_id 
_pdbx_struct_conn_angle.ptnr3_PDB_ins_code 
_pdbx_struct_conn_angle.ptnr3_symmetry 
_pdbx_struct_conn_angle.value 
_pdbx_struct_conn_angle.value_esd 
1   OP2 ? A G   5  ? A G   5   ? 1_555 MG ? D MG . ? A MG 32 ? 1_555 O   ? I HOH .  ? A HOH 125 ? 1_555 128.5 ? 
2   OP2 ? A G   5  ? A G   5   ? 1_555 MG ? D MG . ? A MG 32 ? 1_555 O   ? I HOH .  ? A HOH 136 ? 1_555 93.1  ? 
3   O   ? I HOH .  ? A HOH 125 ? 1_555 MG ? D MG . ? A MG 32 ? 1_555 O   ? I HOH .  ? A HOH 136 ? 1_555 125.2 ? 
4   OP2 ? A G   5  ? A G   5   ? 1_555 MG ? D MG . ? A MG 32 ? 1_555 O   ? I HOH .  ? A HOH 137 ? 1_555 91.3  ? 
5   O   ? I HOH .  ? A HOH 125 ? 1_555 MG ? D MG . ? A MG 32 ? 1_555 O   ? I HOH .  ? A HOH 137 ? 1_555 54.3  ? 
6   O   ? I HOH .  ? A HOH 136 ? 1_555 MG ? D MG . ? A MG 32 ? 1_555 O   ? I HOH .  ? A HOH 137 ? 1_555 173.7 ? 
7   OP2 ? A G   5  ? A G   5   ? 1_555 MG ? D MG . ? A MG 32 ? 1_555 O   ? I HOH .  ? A HOH 138 ? 1_555 91.1  ? 
8   O   ? I HOH .  ? A HOH 125 ? 1_555 MG ? D MG . ? A MG 32 ? 1_555 O   ? I HOH .  ? A HOH 138 ? 1_555 56.8  ? 
9   O   ? I HOH .  ? A HOH 136 ? 1_555 MG ? D MG . ? A MG 32 ? 1_555 O   ? I HOH .  ? A HOH 138 ? 1_555 94.5  ? 
10  O   ? I HOH .  ? A HOH 137 ? 1_555 MG ? D MG . ? A MG 32 ? 1_555 O   ? I HOH .  ? A HOH 138 ? 1_555 90.1  ? 
11  OP2 ? A G   5  ? A G   5   ? 1_555 MG ? D MG . ? A MG 32 ? 1_555 O   ? I HOH .  ? A HOH 139 ? 1_555 91.1  ? 
12  O   ? I HOH .  ? A HOH 125 ? 1_555 MG ? D MG . ? A MG 32 ? 1_555 O   ? I HOH .  ? A HOH 139 ? 1_555 118.6 ? 
13  O   ? I HOH .  ? A HOH 136 ? 1_555 MG ? D MG . ? A MG 32 ? 1_555 O   ? I HOH .  ? A HOH 139 ? 1_555 89.8  ? 
14  O   ? I HOH .  ? A HOH 137 ? 1_555 MG ? D MG . ? A MG 32 ? 1_555 O   ? I HOH .  ? A HOH 139 ? 1_555 85.5  ? 
15  O   ? I HOH .  ? A HOH 138 ? 1_555 MG ? D MG . ? A MG 32 ? 1_555 O   ? I HOH .  ? A HOH 139 ? 1_555 175.1 ? 
16  OP2 ? A G   5  ? A G   5   ? 1_555 MG ? D MG . ? A MG 32 ? 1_555 O   ? I HOH .  ? A HOH 140 ? 1_555 176.6 ? 
17  O   ? I HOH .  ? A HOH 125 ? 1_555 MG ? D MG . ? A MG 32 ? 1_555 O   ? I HOH .  ? A HOH 140 ? 1_555 54.2  ? 
18  O   ? I HOH .  ? A HOH 136 ? 1_555 MG ? D MG . ? A MG 32 ? 1_555 O   ? I HOH .  ? A HOH 140 ? 1_555 83.5  ? 
19  O   ? I HOH .  ? A HOH 137 ? 1_555 MG ? D MG . ? A MG 32 ? 1_555 O   ? I HOH .  ? A HOH 140 ? 1_555 92.1  ? 
20  O   ? I HOH .  ? A HOH 138 ? 1_555 MG ? D MG . ? A MG 32 ? 1_555 O   ? I HOH .  ? A HOH 140 ? 1_555 89.2  ? 
21  O   ? I HOH .  ? A HOH 139 ? 1_555 MG ? D MG . ? A MG 32 ? 1_555 O   ? I HOH .  ? A HOH 140 ? 1_555 88.9  ? 
22  OP1 ? A A   7  ? A A   7   ? 1_555 MG ? G MG . ? A MG 36 ? 1_555 O   ? I HOH .  ? A HOH 156 ? 1_555 90.4  ? 
23  OP1 ? A A   7  ? A A   7   ? 1_555 MG ? G MG . ? A MG 36 ? 1_555 O   ? I HOH .  ? A HOH 157 ? 1_555 78.4  ? 
24  O   ? I HOH .  ? A HOH 156 ? 1_555 MG ? G MG . ? A MG 36 ? 1_555 O   ? I HOH .  ? A HOH 157 ? 1_555 168.7 ? 
25  OP1 ? A A   7  ? A A   7   ? 1_555 MG ? G MG . ? A MG 36 ? 1_555 O   ? I HOH .  ? A HOH 158 ? 1_555 81.8  ? 
26  O   ? I HOH .  ? A HOH 156 ? 1_555 MG ? G MG . ? A MG 36 ? 1_555 O   ? I HOH .  ? A HOH 158 ? 1_555 68.7  ? 
27  O   ? I HOH .  ? A HOH 157 ? 1_555 MG ? G MG . ? A MG 36 ? 1_555 O   ? I HOH .  ? A HOH 158 ? 1_555 108.4 ? 
28  OP1 ? A A   7  ? A A   7   ? 1_555 MG ? G MG . ? A MG 36 ? 1_555 O   ? I HOH .  ? A HOH 159 ? 1_555 95.1  ? 
29  O   ? I HOH .  ? A HOH 156 ? 1_555 MG ? G MG . ? A MG 36 ? 1_555 O   ? I HOH .  ? A HOH 159 ? 1_555 116.9 ? 
30  O   ? I HOH .  ? A HOH 157 ? 1_555 MG ? G MG . ? A MG 36 ? 1_555 O   ? I HOH .  ? A HOH 159 ? 1_555 65.6  ? 
31  O   ? I HOH .  ? A HOH 158 ? 1_555 MG ? G MG . ? A MG 36 ? 1_555 O   ? I HOH .  ? A HOH 159 ? 1_555 173.8 ? 
32  OP1 ? A A   7  ? A A   7   ? 1_555 MG ? G MG . ? A MG 36 ? 1_555 O   ? I HOH .  ? A HOH 160 ? 1_555 176.9 ? 
33  O   ? I HOH .  ? A HOH 156 ? 1_555 MG ? G MG . ? A MG 36 ? 1_555 O   ? I HOH .  ? A HOH 160 ? 1_555 87.2  ? 
34  O   ? I HOH .  ? A HOH 157 ? 1_555 MG ? G MG . ? A MG 36 ? 1_555 O   ? I HOH .  ? A HOH 160 ? 1_555 104.0 ? 
35  O   ? I HOH .  ? A HOH 158 ? 1_555 MG ? G MG . ? A MG 36 ? 1_555 O   ? I HOH .  ? A HOH 160 ? 1_555 95.5  ? 
36  O   ? I HOH .  ? A HOH 159 ? 1_555 MG ? G MG . ? A MG 36 ? 1_555 O   ? I HOH .  ? A HOH 160 ? 1_555 87.8  ? 
37  OP1 ? A A   9  ? A A   9   ? 1_555 MG ? C MG . ? A MG 31 ? 1_555 O   ? I HOH .  ? A HOH 132 ? 1_555 98.7  ? 
38  OP1 ? A A   9  ? A A   9   ? 1_555 MG ? C MG . ? A MG 31 ? 1_555 O   ? I HOH .  ? A HOH 133 ? 1_555 87.7  ? 
39  O   ? I HOH .  ? A HOH 132 ? 1_555 MG ? C MG . ? A MG 31 ? 1_555 O   ? I HOH .  ? A HOH 133 ? 1_555 172.8 ? 
40  OP1 ? A A   9  ? A A   9   ? 1_555 MG ? C MG . ? A MG 31 ? 1_555 O   ? I HOH .  ? A HOH 134 ? 1_555 86.2  ? 
41  O   ? I HOH .  ? A HOH 132 ? 1_555 MG ? C MG . ? A MG 31 ? 1_555 O   ? I HOH .  ? A HOH 134 ? 1_555 84.2  ? 
42  O   ? I HOH .  ? A HOH 133 ? 1_555 MG ? C MG . ? A MG 31 ? 1_555 O   ? I HOH .  ? A HOH 134 ? 1_555 92.9  ? 
43  OP1 ? A A   9  ? A A   9   ? 1_555 MG ? C MG . ? A MG 31 ? 1_555 OP2 ? B DT  8  ? B DT  18  ? 3_745 91.3  ? 
44  O   ? I HOH .  ? A HOH 132 ? 1_555 MG ? C MG . ? A MG 31 ? 1_555 OP2 ? B DT  8  ? B DT  18  ? 3_745 89.9  ? 
45  O   ? I HOH .  ? A HOH 133 ? 1_555 MG ? C MG . ? A MG 31 ? 1_555 OP2 ? B DT  8  ? B DT  18  ? 3_745 93.3  ? 
46  O   ? I HOH .  ? A HOH 134 ? 1_555 MG ? C MG . ? A MG 31 ? 1_555 OP2 ? B DT  8  ? B DT  18  ? 3_745 173.2 ? 
47  OP1 ? A A   9  ? A A   9   ? 1_555 MG ? C MG . ? A MG 31 ? 1_555 O   ? J HOH .  ? B HOH 135 ? 2_655 174.8 ? 
48  O   ? I HOH .  ? A HOH 132 ? 1_555 MG ? C MG . ? A MG 31 ? 1_555 O   ? J HOH .  ? B HOH 135 ? 2_655 82.8  ? 
49  O   ? I HOH .  ? A HOH 133 ? 1_555 MG ? C MG . ? A MG 31 ? 1_555 O   ? J HOH .  ? B HOH 135 ? 2_655 90.6  ? 
50  O   ? I HOH .  ? A HOH 134 ? 1_555 MG ? C MG . ? A MG 31 ? 1_555 O   ? J HOH .  ? B HOH 135 ? 2_655 89.0  ? 
51  OP2 ? B DT  8  ? B DT  18  ? 3_745 MG ? C MG . ? A MG 31 ? 1_555 O   ? J HOH .  ? B HOH 135 ? 2_655 93.7  ? 
52  OP2 ? A A   9  ? A A   9   ? 1_555 MG ? E MG . ? A MG 33 ? 1_555 O   ? I HOH .  ? A HOH 141 ? 1_555 93.7  ? 
53  OP2 ? A A   9  ? A A   9   ? 1_555 MG ? E MG . ? A MG 33 ? 1_555 O   ? I HOH .  ? A HOH 142 ? 1_555 85.7  ? 
54  O   ? I HOH .  ? A HOH 141 ? 1_555 MG ? E MG . ? A MG 33 ? 1_555 O   ? I HOH .  ? A HOH 142 ? 1_555 179.4 ? 
55  OP2 ? A A   9  ? A A   9   ? 1_555 MG ? E MG . ? A MG 33 ? 1_555 O   ? I HOH .  ? A HOH 143 ? 1_555 93.6  ? 
56  O   ? I HOH .  ? A HOH 141 ? 1_555 MG ? E MG . ? A MG 33 ? 1_555 O   ? I HOH .  ? A HOH 143 ? 1_555 88.7  ? 
57  O   ? I HOH .  ? A HOH 142 ? 1_555 MG ? E MG . ? A MG 33 ? 1_555 O   ? I HOH .  ? A HOH 143 ? 1_555 91.0  ? 
58  OP2 ? A A   9  ? A A   9   ? 1_555 MG ? E MG . ? A MG 33 ? 1_555 O   ? I HOH .  ? A HOH 144 ? 1_555 90.4  ? 
59  O   ? I HOH .  ? A HOH 141 ? 1_555 MG ? E MG . ? A MG 33 ? 1_555 O   ? I HOH .  ? A HOH 144 ? 1_555 88.4  ? 
60  O   ? I HOH .  ? A HOH 142 ? 1_555 MG ? E MG . ? A MG 33 ? 1_555 O   ? I HOH .  ? A HOH 144 ? 1_555 91.9  ? 
61  O   ? I HOH .  ? A HOH 143 ? 1_555 MG ? E MG . ? A MG 33 ? 1_555 O   ? I HOH .  ? A HOH 144 ? 1_555 175.1 ? 
62  OP2 ? A A   9  ? A A   9   ? 1_555 MG ? E MG . ? A MG 33 ? 1_555 O   ? I HOH .  ? A HOH 145 ? 1_555 172.9 ? 
63  O   ? I HOH .  ? A HOH 141 ? 1_555 MG ? E MG . ? A MG 33 ? 1_555 O   ? I HOH .  ? A HOH 145 ? 1_555 93.4  ? 
64  O   ? I HOH .  ? A HOH 142 ? 1_555 MG ? E MG . ? A MG 33 ? 1_555 O   ? I HOH .  ? A HOH 145 ? 1_555 87.2  ? 
65  O   ? I HOH .  ? A HOH 143 ? 1_555 MG ? E MG . ? A MG 33 ? 1_555 O   ? I HOH .  ? A HOH 145 ? 1_555 86.4  ? 
66  O   ? I HOH .  ? A HOH 144 ? 1_555 MG ? E MG . ? A MG 33 ? 1_555 O   ? I HOH .  ? A HOH 145 ? 1_555 89.9  ? 
67  OP1 ? A G   10 ? A G   10  ? 3_755 MG ? H MG . ? B MG 34 ? 1_555 O   ? I HOH .  ? A HOH 147 ? 3_755 88.0  ? 
68  OP1 ? A G   10 ? A G   10  ? 3_755 MG ? H MG . ? B MG 34 ? 1_555 O   ? I HOH .  ? A HOH 148 ? 3_755 90.5  ? 
69  O   ? I HOH .  ? A HOH 147 ? 3_755 MG ? H MG . ? B MG 34 ? 1_555 O   ? I HOH .  ? A HOH 148 ? 3_755 88.8  ? 
70  OP1 ? A G   10 ? A G   10  ? 3_755 MG ? H MG . ? B MG 34 ? 1_555 O   ? I HOH .  ? A HOH 149 ? 2_654 172.2 ? 
71  O   ? I HOH .  ? A HOH 147 ? 3_755 MG ? H MG . ? B MG 34 ? 1_555 O   ? I HOH .  ? A HOH 149 ? 2_654 85.5  ? 
72  O   ? I HOH .  ? A HOH 148 ? 3_755 MG ? H MG . ? B MG 34 ? 1_555 O   ? I HOH .  ? A HOH 149 ? 2_654 85.0  ? 
73  OP1 ? A G   10 ? A G   10  ? 3_755 MG ? H MG . ? B MG 34 ? 1_555 OP1 ? B DT  8  ? B DT  18  ? 1_555 91.1  ? 
74  O   ? I HOH .  ? A HOH 147 ? 3_755 MG ? H MG . ? B MG 34 ? 1_555 OP1 ? B DT  8  ? B DT  18  ? 1_555 92.1  ? 
75  O   ? I HOH .  ? A HOH 148 ? 3_755 MG ? H MG . ? B MG 34 ? 1_555 OP1 ? B DT  8  ? B DT  18  ? 1_555 178.2 ? 
76  O   ? I HOH .  ? A HOH 149 ? 2_654 MG ? H MG . ? B MG 34 ? 1_555 OP1 ? B DT  8  ? B DT  18  ? 1_555 93.5  ? 
77  OP1 ? A G   10 ? A G   10  ? 3_755 MG ? H MG . ? B MG 34 ? 1_555 OP1 B B DG  10 ? B DG  20  ? 4_555 64.5  ? 
78  O   ? I HOH .  ? A HOH 147 ? 3_755 MG ? H MG . ? B MG 34 ? 1_555 OP1 B B DG  10 ? B DG  20  ? 4_555 142.7 ? 
79  O   ? I HOH .  ? A HOH 148 ? 3_755 MG ? H MG . ? B MG 34 ? 1_555 OP1 B B DG  10 ? B DG  20  ? 4_555 114.7 ? 
80  O   ? I HOH .  ? A HOH 149 ? 2_654 MG ? H MG . ? B MG 34 ? 1_555 OP1 B B DG  10 ? B DG  20  ? 4_555 123.2 ? 
81  OP1 ? B DT  8  ? B DT  18  ? 1_555 MG ? H MG . ? B MG 34 ? 1_555 OP1 B B DG  10 ? B DG  20  ? 4_555 65.3  ? 
82  OP1 ? A G   10 ? A G   10  ? 3_755 MG ? H MG . ? B MG 34 ? 1_555 O   ? J HOH .  ? B HOH 146 ? 1_555 97.7  ? 
83  O   ? I HOH .  ? A HOH 147 ? 3_755 MG ? H MG . ? B MG 34 ? 1_555 O   ? J HOH .  ? B HOH 146 ? 1_555 173.5 ? 
84  O   ? I HOH .  ? A HOH 148 ? 3_755 MG ? H MG . ? B MG 34 ? 1_555 O   ? J HOH .  ? B HOH 146 ? 1_555 88.1  ? 
85  O   ? I HOH .  ? A HOH 149 ? 2_654 MG ? H MG . ? B MG 34 ? 1_555 O   ? J HOH .  ? B HOH 146 ? 1_555 88.5  ? 
86  OP1 ? B DT  8  ? B DT  18  ? 1_555 MG ? H MG . ? B MG 34 ? 1_555 O   ? J HOH .  ? B HOH 146 ? 1_555 90.8  ? 
87  OP1 B B DG  10 ? B DG  20  ? 4_555 MG ? H MG . ? B MG 34 ? 1_555 O   ? J HOH .  ? B HOH 146 ? 1_555 43.6  ? 
88  O   ? I HOH .  ? A HOH 150 ? 1_555 MG ? F MG . ? A MG 35 ? 1_555 O   ? I HOH .  ? A HOH 151 ? 1_555 166.7 ? 
89  O   ? I HOH .  ? A HOH 150 ? 1_555 MG ? F MG . ? A MG 35 ? 1_555 O   ? I HOH .  ? A HOH 152 ? 1_555 80.5  ? 
90  O   ? I HOH .  ? A HOH 151 ? 1_555 MG ? F MG . ? A MG 35 ? 1_555 O   ? I HOH .  ? A HOH 152 ? 1_555 94.7  ? 
91  O   ? I HOH .  ? A HOH 150 ? 1_555 MG ? F MG . ? A MG 35 ? 1_555 O   ? I HOH .  ? A HOH 154 ? 1_555 97.6  ? 
92  O   ? I HOH .  ? A HOH 151 ? 1_555 MG ? F MG . ? A MG 35 ? 1_555 O   ? I HOH .  ? A HOH 154 ? 1_555 94.3  ? 
93  O   ? I HOH .  ? A HOH 152 ? 1_555 MG ? F MG . ? A MG 35 ? 1_555 O   ? I HOH .  ? A HOH 154 ? 1_555 84.2  ? 
94  O   ? I HOH .  ? A HOH 150 ? 1_555 MG ? F MG . ? A MG 35 ? 1_555 O   ? J HOH .  ? B HOH 153 ? 1_555 99.1  ? 
95  O   ? I HOH .  ? A HOH 151 ? 1_555 MG ? F MG . ? A MG 35 ? 1_555 O   ? J HOH .  ? B HOH 153 ? 1_555 84.6  ? 
96  O   ? I HOH .  ? A HOH 152 ? 1_555 MG ? F MG . ? A MG 35 ? 1_555 O   ? J HOH .  ? B HOH 153 ? 1_555 175.2 ? 
97  O   ? I HOH .  ? A HOH 154 ? 1_555 MG ? F MG . ? A MG 35 ? 1_555 O   ? J HOH .  ? B HOH 153 ? 1_555 100.6 ? 
98  O   ? I HOH .  ? A HOH 150 ? 1_555 MG ? F MG . ? A MG 35 ? 1_555 O   ? J HOH .  ? B HOH 155 ? 1_555 102.1 ? 
99  O   ? I HOH .  ? A HOH 151 ? 1_555 MG ? F MG . ? A MG 35 ? 1_555 O   ? J HOH .  ? B HOH 155 ? 1_555 64.9  ? 
100 O   ? I HOH .  ? A HOH 152 ? 1_555 MG ? F MG . ? A MG 35 ? 1_555 O   ? J HOH .  ? B HOH 155 ? 1_555 84.0  ? 
101 O   ? I HOH .  ? A HOH 154 ? 1_555 MG ? F MG . ? A MG 35 ? 1_555 O   ? J HOH .  ? B HOH 155 ? 1_555 155.0 ? 
102 O   ? J HOH .  ? B HOH 153 ? 1_555 MG ? F MG . ? A MG 35 ? 1_555 O   ? J HOH .  ? B HOH 155 ? 1_555 91.4  ? 
# 
loop_
_struct_site.id 
_struct_site.pdbx_evidence_code 
_struct_site.pdbx_auth_asym_id 
_struct_site.pdbx_auth_comp_id 
_struct_site.pdbx_auth_seq_id 
_struct_site.pdbx_auth_ins_code 
_struct_site.pdbx_num_residues 
_struct_site.details 
AC1 Software A MG 31 ? 6 'BINDING SITE FOR RESIDUE MG A 31' 
AC2 Software A MG 32 ? 7 'BINDING SITE FOR RESIDUE MG A 32' 
AC3 Software A MG 33 ? 6 'BINDING SITE FOR RESIDUE MG A 33' 
AC4 Software B MG 34 ? 8 'BINDING SITE FOR RESIDUE MG B 34' 
AC5 Software A MG 35 ? 6 'BINDING SITE FOR RESIDUE MG A 35' 
AC6 Software A MG 36 ? 6 'BINDING SITE FOR RESIDUE MG A 36' 
# 
loop_
_struct_site_gen.id 
_struct_site_gen.site_id 
_struct_site_gen.pdbx_num_res 
_struct_site_gen.label_comp_id 
_struct_site_gen.label_asym_id 
_struct_site_gen.label_seq_id 
_struct_site_gen.pdbx_auth_ins_code 
_struct_site_gen.auth_comp_id 
_struct_site_gen.auth_asym_id 
_struct_site_gen.auth_seq_id 
_struct_site_gen.label_atom_id 
_struct_site_gen.label_alt_id 
_struct_site_gen.symmetry 
_struct_site_gen.details 
1  AC1 6 A   A 9  ? A   A 9   . ? 1_555 ? 
2  AC1 6 HOH I .  ? HOH A 132 . ? 1_555 ? 
3  AC1 6 HOH I .  ? HOH A 133 . ? 1_555 ? 
4  AC1 6 HOH I .  ? HOH A 134 . ? 1_555 ? 
5  AC1 6 DT  B 8  ? DT  B 18  . ? 3_745 ? 
6  AC1 6 HOH J .  ? HOH B 135 . ? 2_655 ? 
7  AC2 7 G   A 5  ? G   A 5   . ? 1_555 ? 
8  AC2 7 HOH I .  ? HOH A 125 . ? 1_555 ? 
9  AC2 7 HOH I .  ? HOH A 136 . ? 1_555 ? 
10 AC2 7 HOH I .  ? HOH A 137 . ? 1_555 ? 
11 AC2 7 HOH I .  ? HOH A 138 . ? 1_555 ? 
12 AC2 7 HOH I .  ? HOH A 139 . ? 1_555 ? 
13 AC2 7 HOH I .  ? HOH A 140 . ? 1_555 ? 
14 AC3 6 A   A 9  ? A   A 9   . ? 1_555 ? 
15 AC3 6 HOH I .  ? HOH A 141 . ? 1_555 ? 
16 AC3 6 HOH I .  ? HOH A 142 . ? 1_555 ? 
17 AC3 6 HOH I .  ? HOH A 143 . ? 1_555 ? 
18 AC3 6 HOH I .  ? HOH A 144 . ? 1_555 ? 
19 AC3 6 HOH I .  ? HOH A 145 . ? 1_555 ? 
20 AC4 8 A   A 9  ? A   A 9   . ? 3_755 ? 
21 AC4 8 G   A 10 ? G   A 10  . ? 3_755 ? 
22 AC4 8 HOH I .  ? HOH A 147 . ? 3_755 ? 
23 AC4 8 HOH I .  ? HOH A 148 . ? 3_755 ? 
24 AC4 8 HOH I .  ? HOH A 149 . ? 2_654 ? 
25 AC4 8 DT  B 8  ? DT  B 18  . ? 1_555 ? 
26 AC4 8 DG  B 10 ? DG  B 20  . ? 4_555 ? 
27 AC4 8 HOH J .  ? HOH B 146 . ? 1_555 ? 
28 AC5 6 HOH I .  ? HOH A 150 . ? 1_555 ? 
29 AC5 6 HOH I .  ? HOH A 151 . ? 1_555 ? 
30 AC5 6 HOH I .  ? HOH A 152 . ? 1_555 ? 
31 AC5 6 HOH I .  ? HOH A 154 . ? 1_555 ? 
32 AC5 6 HOH J .  ? HOH B 153 . ? 1_555 ? 
33 AC5 6 HOH J .  ? HOH B 155 . ? 1_555 ? 
34 AC6 6 A   A 7  ? A   A 7   . ? 1_555 ? 
35 AC6 6 HOH I .  ? HOH A 156 . ? 1_555 ? 
36 AC6 6 HOH I .  ? HOH A 157 . ? 1_555 ? 
37 AC6 6 HOH I .  ? HOH A 158 . ? 1_555 ? 
38 AC6 6 HOH I .  ? HOH A 159 . ? 1_555 ? 
39 AC6 6 HOH I .  ? HOH A 160 . ? 1_555 ? 
# 
_pdbx_validate_symm_contact.id                1 
_pdbx_validate_symm_contact.PDB_model_num     1 
_pdbx_validate_symm_contact.auth_atom_id_1    OP1 
_pdbx_validate_symm_contact.auth_asym_id_1    B 
_pdbx_validate_symm_contact.auth_comp_id_1    DG 
_pdbx_validate_symm_contact.auth_seq_id_1     20 
_pdbx_validate_symm_contact.PDB_ins_code_1    ? 
_pdbx_validate_symm_contact.label_alt_id_1    B 
_pdbx_validate_symm_contact.site_symmetry_1   1_555 
_pdbx_validate_symm_contact.auth_atom_id_2    O 
_pdbx_validate_symm_contact.auth_asym_id_2    B 
_pdbx_validate_symm_contact.auth_comp_id_2    HOH 
_pdbx_validate_symm_contact.auth_seq_id_2     146 
_pdbx_validate_symm_contact.PDB_ins_code_2    ? 
_pdbx_validate_symm_contact.label_alt_id_2    ? 
_pdbx_validate_symm_contact.site_symmetry_2   4_455 
_pdbx_validate_symm_contact.dist              2.19 
# 
loop_
_pdbx_validate_rmsd_bond.id 
_pdbx_validate_rmsd_bond.PDB_model_num 
_pdbx_validate_rmsd_bond.auth_atom_id_1 
_pdbx_validate_rmsd_bond.auth_asym_id_1 
_pdbx_validate_rmsd_bond.auth_comp_id_1 
_pdbx_validate_rmsd_bond.auth_seq_id_1 
_pdbx_validate_rmsd_bond.PDB_ins_code_1 
_pdbx_validate_rmsd_bond.label_alt_id_1 
_pdbx_validate_rmsd_bond.auth_atom_id_2 
_pdbx_validate_rmsd_bond.auth_asym_id_2 
_pdbx_validate_rmsd_bond.auth_comp_id_2 
_pdbx_validate_rmsd_bond.auth_seq_id_2 
_pdbx_validate_rmsd_bond.PDB_ins_code_2 
_pdbx_validate_rmsd_bond.label_alt_id_2 
_pdbx_validate_rmsd_bond.bond_value 
_pdbx_validate_rmsd_bond.bond_target_value 
_pdbx_validate_rmsd_bond.bond_deviation 
_pdbx_validate_rmsd_bond.bond_standard_deviation 
_pdbx_validate_rmsd_bond.linker_flag 
1 1 "C2'" A C  1  ? ? "C1'" A C  1  ? ? 1.453 1.526 -0.073 0.008 N 
2 1 "O4'" A C  1  ? ? "C1'" A C  1  ? ? 1.529 1.415 0.114  0.012 N 
3 1 C5    A A  2  ? ? C6    A A  2  ? ? 1.349 1.406 -0.057 0.009 N 
4 1 C4    A G  5  ? ? C5    A G  5  ? ? 1.336 1.379 -0.043 0.007 N 
5 1 C5    A G  5  ? ? N7    A G  5  ? ? 1.341 1.388 -0.047 0.006 N 
6 1 C5    A A  6  ? ? N7    A A  6  ? ? 1.425 1.388 0.037  0.006 N 
7 1 C2    B DT 12 ? ? O2    B DT 12 ? ? 1.272 1.220 0.052  0.008 N 
8 1 C5    B DT 13 ? ? C6    B DT 13 ? ? 1.280 1.339 -0.059 0.007 N 
9 1 "C2'" B DT 18 ? ? "C1'" B DT 18 ? ? 1.456 1.518 -0.062 0.010 N 
# 
loop_
_pdbx_validate_rmsd_angle.id 
_pdbx_validate_rmsd_angle.PDB_model_num 
_pdbx_validate_rmsd_angle.auth_atom_id_1 
_pdbx_validate_rmsd_angle.auth_asym_id_1 
_pdbx_validate_rmsd_angle.auth_comp_id_1 
_pdbx_validate_rmsd_angle.auth_seq_id_1 
_pdbx_validate_rmsd_angle.PDB_ins_code_1 
_pdbx_validate_rmsd_angle.label_alt_id_1 
_pdbx_validate_rmsd_angle.auth_atom_id_2 
_pdbx_validate_rmsd_angle.auth_asym_id_2 
_pdbx_validate_rmsd_angle.auth_comp_id_2 
_pdbx_validate_rmsd_angle.auth_seq_id_2 
_pdbx_validate_rmsd_angle.PDB_ins_code_2 
_pdbx_validate_rmsd_angle.label_alt_id_2 
_pdbx_validate_rmsd_angle.auth_atom_id_3 
_pdbx_validate_rmsd_angle.auth_asym_id_3 
_pdbx_validate_rmsd_angle.auth_comp_id_3 
_pdbx_validate_rmsd_angle.auth_seq_id_3 
_pdbx_validate_rmsd_angle.PDB_ins_code_3 
_pdbx_validate_rmsd_angle.label_alt_id_3 
_pdbx_validate_rmsd_angle.angle_value 
_pdbx_validate_rmsd_angle.angle_target_value 
_pdbx_validate_rmsd_angle.angle_deviation 
_pdbx_validate_rmsd_angle.angle_standard_deviation 
_pdbx_validate_rmsd_angle.linker_flag 
1  1 N1    A C  1  ? ? "C1'" A C  1  ? ? "C2'" A C  1  ? ? 129.43 114.00 15.43  1.30 N 
2  1 "O4'" A C  1  ? ? "C1'" A C  1  ? ? N1    A C  1  ? ? 101.92 108.20 -6.28  0.80 N 
3  1 C6    A C  1  ? ? N1    A C  1  ? ? C2    A C  1  ? ? 122.83 120.30 2.53   0.40 N 
4  1 "O4'" A A  2  ? A "C1'" A A  2  ? A N9    A A  2  ? ? 113.15 108.50 4.65   0.70 N 
5  1 "O4'" A A  2  ? B "C1'" A A  2  ? B N9    A A  2  ? ? 115.62 108.50 7.12   0.70 N 
6  1 C8    A A  2  ? ? N9    A A  2  ? ? C4    A A  2  ? ? 108.38 105.80 2.58   0.40 N 
7  1 N9    A A  2  ? ? C4    A A  2  ? ? C5    A A  2  ? ? 102.32 105.80 -3.48  0.40 N 
8  1 "C3'" A A  2  ? A "O3'" A A  2  ? A P     A A  3  ? A 130.17 119.70 10.47  1.20 Y 
9  1 "C3'" A A  3  ? B "C2'" A A  3  ? B "C1'" A A  3  ? B 96.89  101.30 -4.41  0.70 N 
10 1 "O4'" A A  3  ? B "C1'" A A  3  ? B N9    A A  3  ? ? 100.73 108.20 -7.47  0.80 N 
11 1 OP1   A A  8  ? ? P     A A  8  ? ? OP2   A A  8  ? ? 131.60 119.60 12.00  1.50 N 
12 1 "O5'" A A  8  ? ? P     A A  8  ? ? OP2   A A  8  ? ? 96.75  105.70 -8.95  0.90 N 
13 1 N9    A G  10 ? ? "C1'" A G  10 ? ? "C2'" A G  10 ? ? 104.49 112.00 -7.51  1.10 N 
14 1 N3    B DC 11 ? ? C4    B DC 11 ? ? C5    B DC 11 ? ? 118.12 121.90 -3.78  0.40 N 
15 1 C4    B DC 11 ? ? C5    B DC 11 ? ? C6    B DC 11 ? ? 121.31 117.40 3.91   0.50 N 
16 1 "O4'" B DT 12 ? ? "C1'" B DT 12 ? ? "C2'" B DT 12 ? ? 110.36 106.80 3.56   0.50 N 
17 1 N1    B DT 12 ? ? C2    B DT 12 ? ? N3    B DT 12 ? ? 118.77 114.60 4.17   0.60 N 
18 1 N3    B DT 12 ? ? C2    B DT 12 ? ? O2    B DT 12 ? ? 117.91 122.30 -4.39  0.60 N 
19 1 C4    B DT 13 ? ? C5    B DT 13 ? ? C6    B DT 13 ? ? 113.84 118.00 -4.16  0.60 N 
20 1 C5    B DT 13 ? ? C6    B DT 13 ? ? N1    B DT 13 ? ? 128.85 123.70 5.15   0.60 N 
21 1 N3    B DT 14 ? ? C2    B DT 14 ? ? O2    B DT 14 ? ? 126.06 122.30 3.76   0.60 N 
22 1 N3    B DC 16 ? ? C4    B DC 16 ? ? C5    B DC 16 ? ? 119.04 121.90 -2.86  0.40 N 
23 1 C4    B DC 16 ? ? C5    B DC 16 ? ? C6    B DC 16 ? ? 121.17 117.40 3.77   0.50 N 
24 1 "O4'" B DT 17 ? ? "C1'" B DT 17 ? ? N1    B DT 17 ? ? 110.36 108.30 2.06   0.30 N 
25 1 "O4'" B DT 19 ? B "C4'" B DT 19 ? B "C3'" B DT 19 ? B 96.78  104.50 -7.72  0.40 N 
26 1 N1    B DT 19 ? ? "C1'" B DT 19 ? B "C2'" B DT 19 ? B 126.31 114.30 12.01  1.40 N 
27 1 "O4'" B DT 19 ? B "C1'" B DT 19 ? B N1    B DT 19 ? ? 98.77  108.00 -9.23  0.70 N 
28 1 "C3'" B DT 19 ? A "O3'" B DT 19 ? A P     B DG 20 ? A 130.47 119.70 10.77  1.20 Y 
29 1 P     B DG 20 ? A "O5'" B DG 20 ? A "C5'" B DG 20 ? A 110.74 120.90 -10.16 1.60 N 
30 1 "O4'" B DG 20 ? B "C1'" B DG 20 ? B N9    B DG 20 ? ? 114.97 108.30 6.67   0.30 N 
# 
loop_
_chem_comp_atom.comp_id 
_chem_comp_atom.atom_id 
_chem_comp_atom.type_symbol 
_chem_comp_atom.pdbx_aromatic_flag 
_chem_comp_atom.pdbx_stereo_config 
_chem_comp_atom.pdbx_ordinal 
A   OP3    O  N N 1   
A   P      P  N N 2   
A   OP1    O  N N 3   
A   OP2    O  N N 4   
A   "O5'"  O  N N 5   
A   "C5'"  C  N N 6   
A   "C4'"  C  N R 7   
A   "O4'"  O  N N 8   
A   "C3'"  C  N S 9   
A   "O3'"  O  N N 10  
A   "C2'"  C  N R 11  
A   "O2'"  O  N N 12  
A   "C1'"  C  N R 13  
A   N9     N  Y N 14  
A   C8     C  Y N 15  
A   N7     N  Y N 16  
A   C5     C  Y N 17  
A   C6     C  Y N 18  
A   N6     N  N N 19  
A   N1     N  Y N 20  
A   C2     C  Y N 21  
A   N3     N  Y N 22  
A   C4     C  Y N 23  
A   HOP3   H  N N 24  
A   HOP2   H  N N 25  
A   "H5'"  H  N N 26  
A   "H5''" H  N N 27  
A   "H4'"  H  N N 28  
A   "H3'"  H  N N 29  
A   "HO3'" H  N N 30  
A   "H2'"  H  N N 31  
A   "HO2'" H  N N 32  
A   "H1'"  H  N N 33  
A   H8     H  N N 34  
A   H61    H  N N 35  
A   H62    H  N N 36  
A   H2     H  N N 37  
C   OP3    O  N N 38  
C   P      P  N N 39  
C   OP1    O  N N 40  
C   OP2    O  N N 41  
C   "O5'"  O  N N 42  
C   "C5'"  C  N N 43  
C   "C4'"  C  N R 44  
C   "O4'"  O  N N 45  
C   "C3'"  C  N S 46  
C   "O3'"  O  N N 47  
C   "C2'"  C  N R 48  
C   "O2'"  O  N N 49  
C   "C1'"  C  N R 50  
C   N1     N  N N 51  
C   C2     C  N N 52  
C   O2     O  N N 53  
C   N3     N  N N 54  
C   C4     C  N N 55  
C   N4     N  N N 56  
C   C5     C  N N 57  
C   C6     C  N N 58  
C   HOP3   H  N N 59  
C   HOP2   H  N N 60  
C   "H5'"  H  N N 61  
C   "H5''" H  N N 62  
C   "H4'"  H  N N 63  
C   "H3'"  H  N N 64  
C   "HO3'" H  N N 65  
C   "H2'"  H  N N 66  
C   "HO2'" H  N N 67  
C   "H1'"  H  N N 68  
C   H41    H  N N 69  
C   H42    H  N N 70  
C   H5     H  N N 71  
C   H6     H  N N 72  
DC  OP3    O  N N 73  
DC  P      P  N N 74  
DC  OP1    O  N N 75  
DC  OP2    O  N N 76  
DC  "O5'"  O  N N 77  
DC  "C5'"  C  N N 78  
DC  "C4'"  C  N R 79  
DC  "O4'"  O  N N 80  
DC  "C3'"  C  N S 81  
DC  "O3'"  O  N N 82  
DC  "C2'"  C  N N 83  
DC  "C1'"  C  N R 84  
DC  N1     N  N N 85  
DC  C2     C  N N 86  
DC  O2     O  N N 87  
DC  N3     N  N N 88  
DC  C4     C  N N 89  
DC  N4     N  N N 90  
DC  C5     C  N N 91  
DC  C6     C  N N 92  
DC  HOP3   H  N N 93  
DC  HOP2   H  N N 94  
DC  "H5'"  H  N N 95  
DC  "H5''" H  N N 96  
DC  "H4'"  H  N N 97  
DC  "H3'"  H  N N 98  
DC  "HO3'" H  N N 99  
DC  "H2'"  H  N N 100 
DC  "H2''" H  N N 101 
DC  "H1'"  H  N N 102 
DC  H41    H  N N 103 
DC  H42    H  N N 104 
DC  H5     H  N N 105 
DC  H6     H  N N 106 
DG  OP3    O  N N 107 
DG  P      P  N N 108 
DG  OP1    O  N N 109 
DG  OP2    O  N N 110 
DG  "O5'"  O  N N 111 
DG  "C5'"  C  N N 112 
DG  "C4'"  C  N R 113 
DG  "O4'"  O  N N 114 
DG  "C3'"  C  N S 115 
DG  "O3'"  O  N N 116 
DG  "C2'"  C  N N 117 
DG  "C1'"  C  N R 118 
DG  N9     N  Y N 119 
DG  C8     C  Y N 120 
DG  N7     N  Y N 121 
DG  C5     C  Y N 122 
DG  C6     C  N N 123 
DG  O6     O  N N 124 
DG  N1     N  N N 125 
DG  C2     C  N N 126 
DG  N2     N  N N 127 
DG  N3     N  N N 128 
DG  C4     C  Y N 129 
DG  HOP3   H  N N 130 
DG  HOP2   H  N N 131 
DG  "H5'"  H  N N 132 
DG  "H5''" H  N N 133 
DG  "H4'"  H  N N 134 
DG  "H3'"  H  N N 135 
DG  "HO3'" H  N N 136 
DG  "H2'"  H  N N 137 
DG  "H2''" H  N N 138 
DG  "H1'"  H  N N 139 
DG  H8     H  N N 140 
DG  H1     H  N N 141 
DG  H21    H  N N 142 
DG  H22    H  N N 143 
DT  OP3    O  N N 144 
DT  P      P  N N 145 
DT  OP1    O  N N 146 
DT  OP2    O  N N 147 
DT  "O5'"  O  N N 148 
DT  "C5'"  C  N N 149 
DT  "C4'"  C  N R 150 
DT  "O4'"  O  N N 151 
DT  "C3'"  C  N S 152 
DT  "O3'"  O  N N 153 
DT  "C2'"  C  N N 154 
DT  "C1'"  C  N R 155 
DT  N1     N  N N 156 
DT  C2     C  N N 157 
DT  O2     O  N N 158 
DT  N3     N  N N 159 
DT  C4     C  N N 160 
DT  O4     O  N N 161 
DT  C5     C  N N 162 
DT  C7     C  N N 163 
DT  C6     C  N N 164 
DT  HOP3   H  N N 165 
DT  HOP2   H  N N 166 
DT  "H5'"  H  N N 167 
DT  "H5''" H  N N 168 
DT  "H4'"  H  N N 169 
DT  "H3'"  H  N N 170 
DT  "HO3'" H  N N 171 
DT  "H2'"  H  N N 172 
DT  "H2''" H  N N 173 
DT  "H1'"  H  N N 174 
DT  H3     H  N N 175 
DT  H71    H  N N 176 
DT  H72    H  N N 177 
DT  H73    H  N N 178 
DT  H6     H  N N 179 
G   OP3    O  N N 180 
G   P      P  N N 181 
G   OP1    O  N N 182 
G   OP2    O  N N 183 
G   "O5'"  O  N N 184 
G   "C5'"  C  N N 185 
G   "C4'"  C  N R 186 
G   "O4'"  O  N N 187 
G   "C3'"  C  N S 188 
G   "O3'"  O  N N 189 
G   "C2'"  C  N R 190 
G   "O2'"  O  N N 191 
G   "C1'"  C  N R 192 
G   N9     N  Y N 193 
G   C8     C  Y N 194 
G   N7     N  Y N 195 
G   C5     C  Y N 196 
G   C6     C  N N 197 
G   O6     O  N N 198 
G   N1     N  N N 199 
G   C2     C  N N 200 
G   N2     N  N N 201 
G   N3     N  N N 202 
G   C4     C  Y N 203 
G   HOP3   H  N N 204 
G   HOP2   H  N N 205 
G   "H5'"  H  N N 206 
G   "H5''" H  N N 207 
G   "H4'"  H  N N 208 
G   "H3'"  H  N N 209 
G   "HO3'" H  N N 210 
G   "H2'"  H  N N 211 
G   "HO2'" H  N N 212 
G   "H1'"  H  N N 213 
G   H8     H  N N 214 
G   H1     H  N N 215 
G   H21    H  N N 216 
G   H22    H  N N 217 
HOH O      O  N N 218 
HOH H1     H  N N 219 
HOH H2     H  N N 220 
MG  MG     MG N N 221 
# 
loop_
_chem_comp_bond.comp_id 
_chem_comp_bond.atom_id_1 
_chem_comp_bond.atom_id_2 
_chem_comp_bond.value_order 
_chem_comp_bond.pdbx_aromatic_flag 
_chem_comp_bond.pdbx_stereo_config 
_chem_comp_bond.pdbx_ordinal 
A   OP3   P      sing N N 1   
A   OP3   HOP3   sing N N 2   
A   P     OP1    doub N N 3   
A   P     OP2    sing N N 4   
A   P     "O5'"  sing N N 5   
A   OP2   HOP2   sing N N 6   
A   "O5'" "C5'"  sing N N 7   
A   "C5'" "C4'"  sing N N 8   
A   "C5'" "H5'"  sing N N 9   
A   "C5'" "H5''" sing N N 10  
A   "C4'" "O4'"  sing N N 11  
A   "C4'" "C3'"  sing N N 12  
A   "C4'" "H4'"  sing N N 13  
A   "O4'" "C1'"  sing N N 14  
A   "C3'" "O3'"  sing N N 15  
A   "C3'" "C2'"  sing N N 16  
A   "C3'" "H3'"  sing N N 17  
A   "O3'" "HO3'" sing N N 18  
A   "C2'" "O2'"  sing N N 19  
A   "C2'" "C1'"  sing N N 20  
A   "C2'" "H2'"  sing N N 21  
A   "O2'" "HO2'" sing N N 22  
A   "C1'" N9     sing N N 23  
A   "C1'" "H1'"  sing N N 24  
A   N9    C8     sing Y N 25  
A   N9    C4     sing Y N 26  
A   C8    N7     doub Y N 27  
A   C8    H8     sing N N 28  
A   N7    C5     sing Y N 29  
A   C5    C6     sing Y N 30  
A   C5    C4     doub Y N 31  
A   C6    N6     sing N N 32  
A   C6    N1     doub Y N 33  
A   N6    H61    sing N N 34  
A   N6    H62    sing N N 35  
A   N1    C2     sing Y N 36  
A   C2    N3     doub Y N 37  
A   C2    H2     sing N N 38  
A   N3    C4     sing Y N 39  
C   OP3   P      sing N N 40  
C   OP3   HOP3   sing N N 41  
C   P     OP1    doub N N 42  
C   P     OP2    sing N N 43  
C   P     "O5'"  sing N N 44  
C   OP2   HOP2   sing N N 45  
C   "O5'" "C5'"  sing N N 46  
C   "C5'" "C4'"  sing N N 47  
C   "C5'" "H5'"  sing N N 48  
C   "C5'" "H5''" sing N N 49  
C   "C4'" "O4'"  sing N N 50  
C   "C4'" "C3'"  sing N N 51  
C   "C4'" "H4'"  sing N N 52  
C   "O4'" "C1'"  sing N N 53  
C   "C3'" "O3'"  sing N N 54  
C   "C3'" "C2'"  sing N N 55  
C   "C3'" "H3'"  sing N N 56  
C   "O3'" "HO3'" sing N N 57  
C   "C2'" "O2'"  sing N N 58  
C   "C2'" "C1'"  sing N N 59  
C   "C2'" "H2'"  sing N N 60  
C   "O2'" "HO2'" sing N N 61  
C   "C1'" N1     sing N N 62  
C   "C1'" "H1'"  sing N N 63  
C   N1    C2     sing N N 64  
C   N1    C6     sing N N 65  
C   C2    O2     doub N N 66  
C   C2    N3     sing N N 67  
C   N3    C4     doub N N 68  
C   C4    N4     sing N N 69  
C   C4    C5     sing N N 70  
C   N4    H41    sing N N 71  
C   N4    H42    sing N N 72  
C   C5    C6     doub N N 73  
C   C5    H5     sing N N 74  
C   C6    H6     sing N N 75  
DC  OP3   P      sing N N 76  
DC  OP3   HOP3   sing N N 77  
DC  P     OP1    doub N N 78  
DC  P     OP2    sing N N 79  
DC  P     "O5'"  sing N N 80  
DC  OP2   HOP2   sing N N 81  
DC  "O5'" "C5'"  sing N N 82  
DC  "C5'" "C4'"  sing N N 83  
DC  "C5'" "H5'"  sing N N 84  
DC  "C5'" "H5''" sing N N 85  
DC  "C4'" "O4'"  sing N N 86  
DC  "C4'" "C3'"  sing N N 87  
DC  "C4'" "H4'"  sing N N 88  
DC  "O4'" "C1'"  sing N N 89  
DC  "C3'" "O3'"  sing N N 90  
DC  "C3'" "C2'"  sing N N 91  
DC  "C3'" "H3'"  sing N N 92  
DC  "O3'" "HO3'" sing N N 93  
DC  "C2'" "C1'"  sing N N 94  
DC  "C2'" "H2'"  sing N N 95  
DC  "C2'" "H2''" sing N N 96  
DC  "C1'" N1     sing N N 97  
DC  "C1'" "H1'"  sing N N 98  
DC  N1    C2     sing N N 99  
DC  N1    C6     sing N N 100 
DC  C2    O2     doub N N 101 
DC  C2    N3     sing N N 102 
DC  N3    C4     doub N N 103 
DC  C4    N4     sing N N 104 
DC  C4    C5     sing N N 105 
DC  N4    H41    sing N N 106 
DC  N4    H42    sing N N 107 
DC  C5    C6     doub N N 108 
DC  C5    H5     sing N N 109 
DC  C6    H6     sing N N 110 
DG  OP3   P      sing N N 111 
DG  OP3   HOP3   sing N N 112 
DG  P     OP1    doub N N 113 
DG  P     OP2    sing N N 114 
DG  P     "O5'"  sing N N 115 
DG  OP2   HOP2   sing N N 116 
DG  "O5'" "C5'"  sing N N 117 
DG  "C5'" "C4'"  sing N N 118 
DG  "C5'" "H5'"  sing N N 119 
DG  "C5'" "H5''" sing N N 120 
DG  "C4'" "O4'"  sing N N 121 
DG  "C4'" "C3'"  sing N N 122 
DG  "C4'" "H4'"  sing N N 123 
DG  "O4'" "C1'"  sing N N 124 
DG  "C3'" "O3'"  sing N N 125 
DG  "C3'" "C2'"  sing N N 126 
DG  "C3'" "H3'"  sing N N 127 
DG  "O3'" "HO3'" sing N N 128 
DG  "C2'" "C1'"  sing N N 129 
DG  "C2'" "H2'"  sing N N 130 
DG  "C2'" "H2''" sing N N 131 
DG  "C1'" N9     sing N N 132 
DG  "C1'" "H1'"  sing N N 133 
DG  N9    C8     sing Y N 134 
DG  N9    C4     sing Y N 135 
DG  C8    N7     doub Y N 136 
DG  C8    H8     sing N N 137 
DG  N7    C5     sing Y N 138 
DG  C5    C6     sing N N 139 
DG  C5    C4     doub Y N 140 
DG  C6    O6     doub N N 141 
DG  C6    N1     sing N N 142 
DG  N1    C2     sing N N 143 
DG  N1    H1     sing N N 144 
DG  C2    N2     sing N N 145 
DG  C2    N3     doub N N 146 
DG  N2    H21    sing N N 147 
DG  N2    H22    sing N N 148 
DG  N3    C4     sing N N 149 
DT  OP3   P      sing N N 150 
DT  OP3   HOP3   sing N N 151 
DT  P     OP1    doub N N 152 
DT  P     OP2    sing N N 153 
DT  P     "O5'"  sing N N 154 
DT  OP2   HOP2   sing N N 155 
DT  "O5'" "C5'"  sing N N 156 
DT  "C5'" "C4'"  sing N N 157 
DT  "C5'" "H5'"  sing N N 158 
DT  "C5'" "H5''" sing N N 159 
DT  "C4'" "O4'"  sing N N 160 
DT  "C4'" "C3'"  sing N N 161 
DT  "C4'" "H4'"  sing N N 162 
DT  "O4'" "C1'"  sing N N 163 
DT  "C3'" "O3'"  sing N N 164 
DT  "C3'" "C2'"  sing N N 165 
DT  "C3'" "H3'"  sing N N 166 
DT  "O3'" "HO3'" sing N N 167 
DT  "C2'" "C1'"  sing N N 168 
DT  "C2'" "H2'"  sing N N 169 
DT  "C2'" "H2''" sing N N 170 
DT  "C1'" N1     sing N N 171 
DT  "C1'" "H1'"  sing N N 172 
DT  N1    C2     sing N N 173 
DT  N1    C6     sing N N 174 
DT  C2    O2     doub N N 175 
DT  C2    N3     sing N N 176 
DT  N3    C4     sing N N 177 
DT  N3    H3     sing N N 178 
DT  C4    O4     doub N N 179 
DT  C4    C5     sing N N 180 
DT  C5    C7     sing N N 181 
DT  C5    C6     doub N N 182 
DT  C7    H71    sing N N 183 
DT  C7    H72    sing N N 184 
DT  C7    H73    sing N N 185 
DT  C6    H6     sing N N 186 
G   OP3   P      sing N N 187 
G   OP3   HOP3   sing N N 188 
G   P     OP1    doub N N 189 
G   P     OP2    sing N N 190 
G   P     "O5'"  sing N N 191 
G   OP2   HOP2   sing N N 192 
G   "O5'" "C5'"  sing N N 193 
G   "C5'" "C4'"  sing N N 194 
G   "C5'" "H5'"  sing N N 195 
G   "C5'" "H5''" sing N N 196 
G   "C4'" "O4'"  sing N N 197 
G   "C4'" "C3'"  sing N N 198 
G   "C4'" "H4'"  sing N N 199 
G   "O4'" "C1'"  sing N N 200 
G   "C3'" "O3'"  sing N N 201 
G   "C3'" "C2'"  sing N N 202 
G   "C3'" "H3'"  sing N N 203 
G   "O3'" "HO3'" sing N N 204 
G   "C2'" "O2'"  sing N N 205 
G   "C2'" "C1'"  sing N N 206 
G   "C2'" "H2'"  sing N N 207 
G   "O2'" "HO2'" sing N N 208 
G   "C1'" N9     sing N N 209 
G   "C1'" "H1'"  sing N N 210 
G   N9    C8     sing Y N 211 
G   N9    C4     sing Y N 212 
G   C8    N7     doub Y N 213 
G   C8    H8     sing N N 214 
G   N7    C5     sing Y N 215 
G   C5    C6     sing N N 216 
G   C5    C4     doub Y N 217 
G   C6    O6     doub N N 218 
G   C6    N1     sing N N 219 
G   N1    C2     sing N N 220 
G   N1    H1     sing N N 221 
G   C2    N2     sing N N 222 
G   C2    N3     doub N N 223 
G   N2    H21    sing N N 224 
G   N2    H22    sing N N 225 
G   N3    C4     sing N N 226 
HOH O     H1     sing N N 227 
HOH O     H2     sing N N 228 
# 
loop_
_ndb_struct_conf_na.entry_id 
_ndb_struct_conf_na.feature 
1PJO 'double helix'        
1PJO 'a-form double helix' 
# 
loop_
_ndb_struct_na_base_pair.model_number 
_ndb_struct_na_base_pair.i_label_asym_id 
_ndb_struct_na_base_pair.i_label_comp_id 
_ndb_struct_na_base_pair.i_label_seq_id 
_ndb_struct_na_base_pair.i_symmetry 
_ndb_struct_na_base_pair.j_label_asym_id 
_ndb_struct_na_base_pair.j_label_comp_id 
_ndb_struct_na_base_pair.j_label_seq_id 
_ndb_struct_na_base_pair.j_symmetry 
_ndb_struct_na_base_pair.shear 
_ndb_struct_na_base_pair.stretch 
_ndb_struct_na_base_pair.stagger 
_ndb_struct_na_base_pair.buckle 
_ndb_struct_na_base_pair.propeller 
_ndb_struct_na_base_pair.opening 
_ndb_struct_na_base_pair.pair_number 
_ndb_struct_na_base_pair.pair_name 
_ndb_struct_na_base_pair.i_auth_asym_id 
_ndb_struct_na_base_pair.i_auth_seq_id 
_ndb_struct_na_base_pair.i_PDB_ins_code 
_ndb_struct_na_base_pair.j_auth_asym_id 
_ndb_struct_na_base_pair.j_auth_seq_id 
_ndb_struct_na_base_pair.j_PDB_ins_code 
_ndb_struct_na_base_pair.hbond_type_28 
_ndb_struct_na_base_pair.hbond_type_12 
1 A C 1  1_555 B DG 10 1_555 0.119  -0.021 0.491  -27.194 -10.662 -0.177 1  A_C1:DG20_B  A 1  ? B 20 ? 19 1 
1 A A 2  1_555 B DT 9  1_555 0.022  -0.080 -0.104 1.404   -6.551  -3.717 2  A_A2:DT19_B  A 2  ? B 19 ? 20 1 
1 A A 3  1_555 B DT 8  1_555 -0.026 -0.153 0.172  6.447   -20.798 -0.138 3  A_A3:DT18_B  A 3  ? B 18 ? 20 1 
1 A A 4  1_555 B DT 7  1_555 0.032  -0.091 -0.007 2.831   -22.893 9.128  4  A_A4:DT17_B  A 4  ? B 17 ? 20 1 
1 A G 5  1_555 B DC 6  1_555 -0.261 -0.147 -0.212 -18.818 -2.124  -1.928 5  A_G5:DC16_B  A 5  ? B 16 ? 19 1 
1 A A 6  1_555 B DT 5  1_555 0.041  -0.113 -0.321 -16.761 -5.069  -2.448 6  A_A6:DT15_B  A 6  ? B 15 ? 20 1 
1 A A 7  1_555 B DT 4  1_555 0.012  -0.066 -0.120 -3.992  -6.621  0.188  7  A_A7:DT14_B  A 7  ? B 14 ? 20 1 
1 A A 8  1_555 B DT 3  1_555 -0.042 -0.184 -0.099 -0.342  -14.352 3.655  8  A_A8:DT13_B  A 8  ? B 13 ? 20 1 
1 A A 9  1_555 B DT 2  1_555 -0.074 -0.175 -0.144 -7.417  -4.175  0.338  9  A_A9:DT12_B  A 9  ? B 12 ? 20 1 
1 A G 10 1_555 B DC 1  1_555 -0.063 -0.058 0.127  5.838   -7.597  2.664  10 A_G10:DC11_B A 10 ? B 11 ? 19 1 
# 
loop_
_ndb_struct_na_base_pair_step.model_number 
_ndb_struct_na_base_pair_step.i_label_asym_id_1 
_ndb_struct_na_base_pair_step.i_label_comp_id_1 
_ndb_struct_na_base_pair_step.i_label_seq_id_1 
_ndb_struct_na_base_pair_step.i_symmetry_1 
_ndb_struct_na_base_pair_step.j_label_asym_id_1 
_ndb_struct_na_base_pair_step.j_label_comp_id_1 
_ndb_struct_na_base_pair_step.j_label_seq_id_1 
_ndb_struct_na_base_pair_step.j_symmetry_1 
_ndb_struct_na_base_pair_step.i_label_asym_id_2 
_ndb_struct_na_base_pair_step.i_label_comp_id_2 
_ndb_struct_na_base_pair_step.i_label_seq_id_2 
_ndb_struct_na_base_pair_step.i_symmetry_2 
_ndb_struct_na_base_pair_step.j_label_asym_id_2 
_ndb_struct_na_base_pair_step.j_label_comp_id_2 
_ndb_struct_na_base_pair_step.j_label_seq_id_2 
_ndb_struct_na_base_pair_step.j_symmetry_2 
_ndb_struct_na_base_pair_step.shift 
_ndb_struct_na_base_pair_step.slide 
_ndb_struct_na_base_pair_step.rise 
_ndb_struct_na_base_pair_step.tilt 
_ndb_struct_na_base_pair_step.roll 
_ndb_struct_na_base_pair_step.twist 
_ndb_struct_na_base_pair_step.x_displacement 
_ndb_struct_na_base_pair_step.y_displacement 
_ndb_struct_na_base_pair_step.helical_rise 
_ndb_struct_na_base_pair_step.inclination 
_ndb_struct_na_base_pair_step.tip 
_ndb_struct_na_base_pair_step.helical_twist 
_ndb_struct_na_base_pair_step.step_number 
_ndb_struct_na_base_pair_step.step_name 
_ndb_struct_na_base_pair_step.i_auth_asym_id_1 
_ndb_struct_na_base_pair_step.i_auth_seq_id_1 
_ndb_struct_na_base_pair_step.i_PDB_ins_code_1 
_ndb_struct_na_base_pair_step.j_auth_asym_id_1 
_ndb_struct_na_base_pair_step.j_auth_seq_id_1 
_ndb_struct_na_base_pair_step.j_PDB_ins_code_1 
_ndb_struct_na_base_pair_step.i_auth_asym_id_2 
_ndb_struct_na_base_pair_step.i_auth_seq_id_2 
_ndb_struct_na_base_pair_step.i_PDB_ins_code_2 
_ndb_struct_na_base_pair_step.j_auth_asym_id_2 
_ndb_struct_na_base_pair_step.j_auth_seq_id_2 
_ndb_struct_na_base_pair_step.j_PDB_ins_code_2 
1 A C 1 1_555 B DG 10 1_555 A A 2  1_555 B DT 9 1_555 -0.303 0.536  2.834 1.756  8.894  26.703 -0.751 0.988  2.836 18.589 -3.671 
28.173 1 AA_C1A2:DT19DG20_BB  A 1 ? B 20 ? A 2  ? B 19 ? 
1 A A 2 1_555 B DT 9  1_555 A A 3  1_555 B DT 8 1_555 0.203  -0.867 3.175 -5.458 2.272  34.011 -1.798 -1.152 3.045 3.849  9.244  
34.506 2 AA_A2A3:DT18DT19_BB  A 2 ? B 19 ? A 3  ? B 18 ? 
1 A A 3 1_555 B DT 8  1_555 A A 4  1_555 B DT 7 1_555 0.525  -1.154 3.455 -0.956 6.328  30.815 -3.336 -1.150 3.144 11.750 1.776  
31.457 3 AA_A3A4:DT17DT18_BB  A 3 ? B 18 ? A 4  ? B 17 ? 
1 A A 4 1_555 B DT 7  1_555 A G 5  1_555 B DC 6 1_555 -1.774 -1.270 3.607 -9.135 20.005 38.890 -3.679 1.431  2.974 27.537 12.574 
44.467 4 AA_A4G5:DC16DT17_BB  A 4 ? B 17 ? A 5  ? B 16 ? 
1 A G 5 1_555 B DC 6  1_555 A A 6  1_555 B DT 5 1_555 0.094  -1.599 3.402 3.798  10.323 32.236 -4.331 0.428  2.767 17.951 -6.605 
34.013 5 AA_G5A6:DT15DC16_BB  A 5 ? B 16 ? A 6  ? B 15 ? 
1 A A 6 1_555 B DT 5  1_555 A A 7  1_555 B DT 4 1_555 0.786  -1.567 3.118 1.464  7.506  26.401 -4.954 -1.333 2.619 16.011 -3.123 
27.467 6 AA_A6A7:DT14DT15_BB  A 6 ? B 15 ? A 7  ? B 14 ? 
1 A A 7 1_555 B DT 4  1_555 A A 8  1_555 B DT 3 1_555 1.038  -2.062 3.215 1.315  6.169  25.757 -5.995 -1.945 2.705 13.582 -2.895 
26.506 7 AA_A7A8:DT13DT14_BB  A 7 ? B 14 ? A 8  ? B 13 ? 
1 A A 8 1_555 B DT 3  1_555 A A 9  1_555 B DT 2 1_555 -1.340 -1.628 3.338 -4.106 6.225  37.689 -3.254 1.524  3.163 9.521  6.280  
38.394 8 AA_A8A9:DT12DT13_BB  A 8 ? B 13 ? A 9  ? B 12 ? 
1 A A 9 1_555 B DT 2  1_555 A G 10 1_555 B DC 1 1_555 0.755  -1.688 2.963 0.580  3.434  28.611 -4.064 -1.404 2.760 6.916  -1.168 
28.818 9 AA_A9G10:DC11DT12_BB A 9 ? B 12 ? A 10 ? B 11 ? 
# 
_pdbx_initial_refinement_model.accession_code   404D 
_pdbx_initial_refinement_model.id               1 
_pdbx_initial_refinement_model.entity_id_list   ? 
_pdbx_initial_refinement_model.type             'experimental model' 
_pdbx_initial_refinement_model.source_name      PDB 
_pdbx_initial_refinement_model.details          'NDB ID AH0001' 
# 
_atom_sites.entry_id                    1PJO 
_atom_sites.Cartn_transform_axes        ? 
_atom_sites.fract_transf_matrix[1][1]   0.03538434 
_atom_sites.fract_transf_matrix[1][2]   -0.01034030 
_atom_sites.fract_transf_matrix[1][3]   -0.01294185 
_atom_sites.fract_transf_matrix[2][1]   0.01039495 
_atom_sites.fract_transf_matrix[2][2]   0.01308156 
_atom_sites.fract_transf_matrix[2][3]   0.01796893 
_atom_sites.fract_transf_matrix[3][1]   -0.00037640 
_atom_sites.fract_transf_matrix[3][2]   -0.01756840 
_atom_sites.fract_transf_matrix[3][3]   0.01300771 
_atom_sites.fract_transf_vector[1]      0.812522 
_atom_sites.fract_transf_vector[2]      0.092593 
_atom_sites.fract_transf_vector[3]      0.279693 
# 
loop_
_atom_type.symbol 
C  
H  
MG 
N  
O  
P  
# 
loop_
_atom_site.group_PDB 
_atom_site.id 
_atom_site.type_symbol 
_atom_site.label_atom_id 
_atom_site.label_alt_id 
_atom_site.label_comp_id 
_atom_site.label_asym_id 
_atom_site.label_entity_id 
_atom_site.label_seq_id 
_atom_site.pdbx_PDB_ins_code 
_atom_site.Cartn_x 
_atom_site.Cartn_y 
_atom_site.Cartn_z 
_atom_site.occupancy 
_atom_site.B_iso_or_equiv 
_atom_site.pdbx_formal_charge 
_atom_site.auth_seq_id 
_atom_site.auth_comp_id 
_atom_site.auth_asym_id 
_atom_site.auth_atom_id 
_atom_site.pdbx_PDB_model_num 
ATOM   1   O  "O5'"  . C   A 1 1  ? 12.074  1.523   9.418   1.00 17.64 ? 1   C   A "O5'"  1 
ATOM   2   C  "C5'"  . C   A 1 1  ? 10.799  1.447   8.743   1.00 18.44 ? 1   C   A "C5'"  1 
ATOM   3   C  "C4'"  . C   A 1 1  ? 9.753   2.288   9.413   1.00 15.97 ? 1   C   A "C4'"  1 
ATOM   4   O  "O4'"  . C   A 1 1  ? 9.899   3.664   8.988   1.00 15.34 ? 1   C   A "O4'"  1 
ATOM   5   C  "C3'"  . C   A 1 1  ? 8.312   2.015   9.028   1.00 15.99 ? 1   C   A "C3'"  1 
ATOM   6   O  "O3'"  . C   A 1 1  ? 7.776   1.007   9.865   1.00 17.50 ? 1   C   A "O3'"  1 
ATOM   7   C  "C2'"  . C   A 1 1  ? 7.551   3.281   9.245   1.00 14.74 ? 1   C   A "C2'"  1 
ATOM   8   O  "O2'"  . C   A 1 1  ? 7.322   3.551   10.641  1.00 16.91 ? 1   C   A "O2'"  1 
ATOM   9   C  "C1'"  . C   A 1 1  ? 8.508   4.232   8.707   1.00 14.97 ? 1   C   A "C1'"  1 
ATOM   10  N  N1     . C   A 1 1  ? 8.657   4.732   7.334   1.00 13.91 ? 1   C   A N1     1 
ATOM   11  C  C2     . C   A 1 1  ? 7.850   5.847   7.069   1.00 13.06 ? 1   C   A C2     1 
ATOM   12  O  O2     . C   A 1 1  ? 7.113   6.314   7.894   1.00 14.60 ? 1   C   A O2     1 
ATOM   13  N  N3     . C   A 1 1  ? 7.952   6.422   5.845   1.00 12.65 ? 1   C   A N3     1 
ATOM   14  C  C4     . C   A 1 1  ? 8.795   5.876   4.935   1.00 13.47 ? 1   C   A C4     1 
ATOM   15  N  N4     . C   A 1 1  ? 8.850   6.444   3.719   1.00 13.96 ? 1   C   A N4     1 
ATOM   16  C  C5     . C   A 1 1  ? 9.605   4.712   5.211   1.00 14.96 ? 1   C   A C5     1 
ATOM   17  C  C6     . C   A 1 1  ? 9.498   4.211   6.427   1.00 14.67 ? 1   C   A C6     1 
ATOM   18  H  "H5'"  . C   A 1 1  ? 10.496  0.505   8.725   1.00 22.13 ? 1   C   A "H5'"  1 
ATOM   19  H  "H5''" . C   A 1 1  ? 10.909  1.750   7.807   1.00 22.13 ? 1   C   A "H5''" 1 
ATOM   20  H  "H4'"  . C   A 1 1  ? 9.856   2.228   10.406  1.00 19.17 ? 1   C   A "H4'"  1 
ATOM   21  H  "H3'"  . C   A 1 1  ? 8.257   1.737   8.069   1.00 19.19 ? 1   C   A "H3'"  1 
ATOM   22  H  "H2'"  . C   A 1 1  ? 6.696   3.287   8.726   1.00 17.68 ? 1   C   A "H2'"  1 
ATOM   23  H  "HO2'" . C   A 1 1  ? 7.792   4.205   10.880  1.00 25.37 ? 1   C   A "HO2'" 1 
ATOM   24  H  "H1'"  . C   A 1 1  ? 8.430   5.047   9.282   1.00 17.97 ? 1   C   A "H1'"  1 
ATOM   25  H  H41    . C   A 1 1  ? 8.349   7.145   3.539   1.00 16.75 ? 1   C   A H41    1 
ATOM   26  H  H42    . C   A 1 1  ? 9.386   6.116   3.105   1.00 16.75 ? 1   C   A H42    1 
ATOM   27  H  H5     . C   A 1 1  ? 10.179  4.331   4.557   1.00 17.95 ? 1   C   A H5     1 
ATOM   28  H  H6     . C   A 1 1  ? 10.029  3.461   6.667   1.00 17.60 ? 1   C   A H6     1 
ATOM   29  P  P      . A   A 1 2  ? 6.679   0.020   9.353   1.00 18.68 ? 2   A   A P      1 
ATOM   30  O  OP1    . A   A 1 2  ? 6.586   -1.000  10.376  1.00 22.49 ? 2   A   A OP1    1 
ATOM   31  O  OP2    . A   A 1 2  ? 6.912   -0.379  7.944   1.00 23.42 ? 2   A   A OP2    1 
ATOM   32  O  "O5'"  . A   A 1 2  ? 5.344   0.860   9.292   1.00 20.28 ? 2   A   A "O5'"  1 
ATOM   33  C  "C5'"  . A   A 1 2  ? 4.781   1.407   10.494  1.00 21.61 ? 2   A   A "C5'"  1 
ATOM   34  C  "C4'"  A A   A 1 2  ? 3.637   2.345   10.222  0.61 21.09 ? 2   A   A "C4'"  1 
ATOM   35  C  "C4'"  B A   A 1 2  ? 3.585   2.276   10.202  0.39 21.10 ? 2   A   A "C4'"  1 
ATOM   36  O  "O4'"  A A   A 1 2  ? 4.088   3.393   9.331   0.61 20.76 ? 2   A   A "O4'"  1 
ATOM   37  O  "O4'"  B A   A 1 2  ? 4.028   3.371   9.366   0.39 20.91 ? 2   A   A "O4'"  1 
ATOM   38  C  "C3'"  A A   A 1 2  ? 2.439   1.684   9.561   0.61 22.78 ? 2   A   A "C3'"  1 
ATOM   39  C  "C3'"  B A   A 1 2  ? 2.444   1.564   9.481   0.39 22.52 ? 2   A   A "C3'"  1 
ATOM   40  O  "O3'"  A A   A 1 2  ? 1.257   2.406   9.762   0.61 24.68 ? 2   A   A "O3'"  1 
ATOM   41  O  "O3'"  B A   A 1 2  ? 1.174   2.113   9.802   0.39 24.80 ? 2   A   A "O3'"  1 
ATOM   42  C  "C2'"  A A   A 1 2  ? 2.939   1.754   8.139   0.61 21.96 ? 2   A   A "C2'"  1 
ATOM   43  C  "C2'"  B A   A 1 2  ? 2.891   1.785   8.062   0.39 21.74 ? 2   A   A "C2'"  1 
ATOM   44  O  "O2'"  A A   A 1 2  ? 1.924   1.358   7.250   0.61 25.28 ? 2   A   A "O2'"  1 
ATOM   45  O  "O2'"  B A   A 1 2  ? 1.999   1.757   6.944   0.39 27.23 ? 2   A   A "O2'"  1 
ATOM   46  C  "C1'"  A A   A 1 2  ? 3.373   3.234   8.133   0.61 21.00 ? 2   A   A "C1'"  1 
ATOM   47  C  "C1'"  B A   A 1 2  ? 3.358   3.260   8.136   0.39 21.36 ? 2   A   A "C1'"  1 
ATOM   48  N  N9     . A   A 1 2  ? 4.167   3.510   6.955   1.00 19.05 ? 2   A   A N9     1 
ATOM   49  C  C8     . A   A 1 2  ? 5.058   2.670   6.369   1.00 18.76 ? 2   A   A C8     1 
ATOM   50  N  N7     . A   A 1 2  ? 5.620   3.176   5.343   1.00 16.73 ? 2   A   A N7     1 
ATOM   51  C  C5     . A   A 1 2  ? 5.064   4.460   5.212   1.00 15.08 ? 2   A   A C5     1 
ATOM   52  C  C6     . A   A 1 2  ? 5.231   5.473   4.337   1.00 14.84 ? 2   A   A C6     1 
ATOM   53  N  N6     . A   A 1 2  ? 6.076   5.381   3.334   1.00 14.08 ? 2   A   A N6     1 
ATOM   54  N  N1     . A   A 1 2  ? 4.521   6.630   4.494   1.00 13.83 ? 2   A   A N1     1 
ATOM   55  C  C2     . A   A 1 2  ? 3.687   6.720   5.486   1.00 15.17 ? 2   A   A C2     1 
ATOM   56  N  N3     . A   A 1 2  ? 3.412   5.787   6.438   1.00 16.70 ? 2   A   A N3     1 
ATOM   57  C  C4     . A   A 1 2  ? 4.137   4.707   6.220   1.00 16.55 ? 2   A   A C4     1 
ATOM   58  H  "H5'"  A A   A 1 2  ? 5.486   1.891   10.991  1.00 25.94 ? 2   A   A "H5'"  1 
ATOM   59  H  "H5''" A A   A 1 2  ? 4.461   0.665   11.068  1.00 25.94 ? 2   A   A "H5''" 1 
ATOM   60  H  "H4'"  A A   A 1 2  ? 3.344   2.756   11.085  0.61 25.31 ? 2   A   A "H4'"  1 
ATOM   61  H  "H4'"  B A   A 1 2  ? 3.240   2.649   11.063  0.39 25.32 ? 2   A   A "H4'"  1 
ATOM   62  H  "H3'"  A A   A 1 2  ? 2.339   0.735   9.861   0.61 27.34 ? 2   A   A "H3'"  1 
ATOM   63  H  "H3'"  B A   A 1 2  ? 2.460   0.587   9.697   0.39 27.03 ? 2   A   A "H3'"  1 
ATOM   64  H  "H2'"  A A   A 1 2  ? 3.738   1.165   8.028   0.61 26.36 ? 2   A   A "H2'"  1 
ATOM   65  H  "H2'"  B A   A 1 2  ? 3.679   1.200   7.869   0.39 26.09 ? 2   A   A "H2'"  1 
ATOM   66  H  "HO2'" A A   A 1 2  ? 1.222   1.193   7.682   0.61 37.91 ? 2   A   A "HO2'" 1 
ATOM   67  H  "HO2'" B A   A 1 2  ? 1.235   1.524   7.202   0.39 40.85 ? 2   A   A "HO2'" 1 
ATOM   68  H  "H1'"  A A   A 1 2  ? 2.564   3.823   8.141   0.61 25.20 ? 2   A   A "H1'"  1 
ATOM   69  H  "H1'"  B A   A 1 2  ? 2.561   3.865   8.131   0.39 25.64 ? 2   A   A "H1'"  1 
ATOM   70  H  H8     . A   A 1 2  ? 5.244   1.795   6.689   1.00 22.51 ? 2   A   A H8     1 
ATOM   71  H  H61    . A   A 1 2  ? 6.547   4.646   3.221   1.00 16.90 ? 2   A   A H61    1 
ATOM   72  H  H62    . A   A 1 2  ? 6.171   6.054   2.774   1.00 16.90 ? 2   A   A H62    1 
ATOM   73  H  H2     . A   A 1 2  ? 3.210   7.538   5.556   1.00 18.20 ? 2   A   A H2     1 
ATOM   74  P  P      A A   A 1 3  ? -0.192  1.904   10.177  0.61 24.66 ? 3   A   A P      1 
ATOM   75  P  P      B A   A 1 3  ? -0.066  1.155   9.427   0.39 25.20 ? 3   A   A P      1 
ATOM   76  O  OP1    A A   A 1 3  ? -0.363  2.099   11.636  0.61 30.60 ? 3   A   A OP1    1 
ATOM   77  O  OP1    B A   A 1 3  ? -0.366  0.240   10.544  0.39 28.12 ? 3   A   A OP1    1 
ATOM   78  O  OP2    A A   A 1 3  ? -0.451  0.541   9.630   0.61 25.52 ? 3   A   A OP2    1 
ATOM   79  O  OP2    B A   A 1 3  ? 0.307   0.707   8.049   0.39 21.29 ? 3   A   A OP2    1 
ATOM   80  O  "O5'"  A A   A 1 3  ? -1.148  2.937   9.425   0.61 23.43 ? 3   A   A "O5'"  1 
ATOM   81  O  "O5'"  B A   A 1 3  ? -1.303  2.134   9.191   0.39 23.35 ? 3   A   A "O5'"  1 
ATOM   82  C  "C5'"  A A   A 1 3  ? -1.255  2.846   8.000   0.61 20.67 ? 3   A   A "C5'"  1 
ATOM   83  C  "C5'"  B A   A 1 3  ? -1.606  2.397   7.813   0.39 20.94 ? 3   A   A "C5'"  1 
ATOM   84  C  "C4'"  A A   A 1 3  ? -1.549  4.190   7.389   0.61 18.48 ? 3   A   A "C4'"  1 
ATOM   85  C  "C4'"  B A   A 1 3  ? -1.523  3.818   7.340   0.39 18.92 ? 3   A   A "C4'"  1 
ATOM   86  O  "O4'"  A A   A 1 3  ? -0.303  4.874   7.182   0.61 17.59 ? 3   A   A "O4'"  1 
ATOM   87  O  "O4'"  B A   A 1 3  ? -0.190  4.254   7.009   0.39 17.61 ? 3   A   A "O4'"  1 
ATOM   88  C  "C3'"  A A   A 1 3  ? -2.223  4.152   6.027   0.61 18.45 ? 3   A   A "C3'"  1 
ATOM   89  C  "C3'"  B A   A 1 3  ? -2.232  4.067   6.015   0.39 18.62 ? 3   A   A "C3'"  1 
ATOM   90  O  "O3'"  . A   A 1 3  ? -3.640  4.018   6.181   1.00 19.06 ? 3   A   A "O3'"  1 
ATOM   91  C  "C2'"  A A   A 1 3  ? -1.795  5.468   5.433   0.61 16.98 ? 3   A   A "C2'"  1 
ATOM   92  C  "C2'"  B A   A 1 3  ? -1.789  5.444   5.620   0.39 17.45 ? 3   A   A "C2'"  1 
ATOM   93  O  "O2'"  A A   A 1 3  ? -2.551  6.550   5.919   0.61 21.32 ? 3   A   A "O2'"  1 
ATOM   94  O  "O2'"  B A   A 1 3  ? -2.279  6.530   6.357   0.39 18.17 ? 3   A   A "O2'"  1 
ATOM   95  C  "C1'"  A A   A 1 3  ? -0.355  5.497   5.893   0.61 16.51 ? 3   A   A "C1'"  1 
ATOM   96  C  "C1'"  B A   A 1 3  ? -0.345  5.285   6.004   0.39 16.35 ? 3   A   A "C1'"  1 
ATOM   97  N  N9     . A   A 1 3  ? 0.598   4.820   4.987   1.00 14.71 ? 3   A   A N9     1 
ATOM   98  C  C8     . A   A 1 3  ? 1.126   3.571   4.992   1.00 14.73 ? 3   A   A C8     1 
ATOM   99  N  N7     . A   A 1 3  ? 1.941   3.291   4.049   1.00 13.57 ? 3   A   A N7     1 
ATOM   100 C  C5     . A   A 1 3  ? 1.974   4.484   3.319   1.00 13.22 ? 3   A   A C5     1 
ATOM   101 C  C6     . A   A 1 3  ? 2.656   4.851   2.186   1.00 12.15 ? 3   A   A C6     1 
ATOM   102 N  N6     . A   A 1 3  ? 3.484   4.033   1.536   1.00 13.19 ? 3   A   A N6     1 
ATOM   103 N  N1     . A   A 1 3  ? 2.484   6.109   1.703   1.00 12.10 ? 3   A   A N1     1 
ATOM   104 C  C2     . A   A 1 3  ? 1.654   6.889   2.373   1.00 12.73 ? 3   A   A C2     1 
ATOM   105 N  N3     . A   A 1 3  ? 0.935   6.664   3.474   1.00 13.16 ? 3   A   A N3     1 
ATOM   106 C  C4     . A   A 1 3  ? 1.148   5.405   3.908   1.00 13.15 ? 3   A   A C4     1 
ATOM   107 H  "H5'"  A A   A 1 3  ? -1.978  2.213   7.765   0.61 24.81 ? 3   A   A "H5'"  1 
ATOM   108 H  "H5'"  B A   A 1 3  ? -2.524  2.071   7.637   0.39 25.13 ? 3   A   A "H5'"  1 
ATOM   109 H  "H5''" A A   A 1 3  ? -0.408  2.495   7.628   0.61 24.81 ? 3   A   A "H5''" 1 
ATOM   110 H  "H5''" B A   A 1 3  ? -0.991  1.855   7.258   0.39 25.13 ? 3   A   A "H5''" 1 
ATOM   111 H  "H4'"  A A   A 1 3  ? -2.114  4.720   8.020   0.61 22.18 ? 3   A   A "H4'"  1 
ATOM   112 H  "H4'"  B A   A 1 3  ? -1.905  4.422   8.039   0.39 22.70 ? 3   A   A "H4'"  1 
ATOM   113 H  "H3'"  A A   A 1 3  ? -1.861  3.395   5.484   0.61 22.15 ? 3   A   A "H3'"  1 
ATOM   114 H  "H3'"  B A   A 1 3  ? -1.939  3.398   5.332   0.39 22.34 ? 3   A   A "H3'"  1 
ATOM   115 H  "H2'"  A A   A 1 3  ? -1.841  5.430   4.435   0.61 20.38 ? 3   A   A "H2'"  1 
ATOM   116 H  "H2'"  B A   A 1 3  ? -1.892  5.593   4.637   0.39 20.94 ? 3   A   A "H2'"  1 
ATOM   117 H  "HO2'" A A   A 1 3  ? -3.133  6.267   6.454   0.61 31.98 ? 3   A   A "HO2'" 1 
ATOM   118 H  "HO2'" B A   A 1 3  ? -2.783  6.249   6.968   0.39 27.25 ? 3   A   A "HO2'" 1 
ATOM   119 H  "H1'"  A A   A 1 3  ? -0.074  6.452   5.992   0.61 19.81 ? 3   A   A "H1'"  1 
ATOM   120 H  "H1'"  B A   A 1 3  ? -0.015  6.152   6.377   0.39 19.62 ? 3   A   A "H1'"  1 
ATOM   121 H  H8     . A   A 1 3  ? 0.902   2.936   5.662   1.00 17.68 ? 3   A   A H8     1 
ATOM   122 H  H61    . A   A 1 3  ? 3.614   3.214   1.831   1.00 15.83 ? 3   A   A H61    1 
ATOM   123 H  H62    . A   A 1 3  ? 3.901   4.313   0.813   1.00 15.83 ? 3   A   A H62    1 
ATOM   124 H  H2     . A   A 1 3  ? 1.551   7.759   2.008   1.00 15.28 ? 3   A   A H2     1 
ATOM   125 P  P      . A   A 1 4  ? -4.452  3.194   5.076   1.00 18.19 ? 4   A   A P      1 
ATOM   126 O  OP1    . A   A 1 4  ? -5.848  3.203   5.517   1.00 21.14 ? 4   A   A OP1    1 
ATOM   127 O  OP2    . A   A 1 4  ? -3.823  1.922   4.701   1.00 21.03 ? 4   A   A OP2    1 
ATOM   128 O  "O5'"  . A   A 1 4  ? -4.381  4.167   3.806   1.00 16.83 ? 4   A   A "O5'"  1 
ATOM   129 C  "C5'"  . A   A 1 4  ? -5.021  5.467   3.771   1.00 16.17 ? 4   A   A "C5'"  1 
ATOM   130 C  "C4'"  . A   A 1 4  ? -4.522  6.260   2.603   1.00 15.41 ? 4   A   A "C4'"  1 
ATOM   131 O  "O4'"  . A   A 1 4  ? -3.087  6.404   2.729   1.00 14.27 ? 4   A   A "O4'"  1 
ATOM   132 C  "C3'"  . A   A 1 4  ? -4.746  5.637   1.226   1.00 14.06 ? 4   A   A "C3'"  1 
ATOM   133 O  "O3'"  . A   A 1 4  ? -6.061  5.901   0.766   1.00 15.24 ? 4   A   A "O3'"  1 
ATOM   134 C  "C2'"  . A   A 1 4  ? -3.655  6.320   0.453   1.00 13.10 ? 4   A   A "C2'"  1 
ATOM   135 O  "O2'"  . A   A 1 4  ? -4.091  7.593   0.018   1.00 14.25 ? 4   A   A "O2'"  1 
ATOM   136 C  "C1'"  . A   A 1 4  ? -2.497  6.407   1.445   1.00 12.54 ? 4   A   A "C1'"  1 
ATOM   137 N  N9     . A   A 1 4  ? -1.648  5.233   1.307   1.00 11.75 ? 4   A   A N9     1 
ATOM   138 C  C8     . A   A 1 4  ? -1.579  4.040   2.031   1.00 11.83 ? 4   A   A C8     1 
ATOM   139 N  N7     . A   A 1 4  ? -0.689  3.197   1.603   1.00 11.51 ? 4   A   A N7     1 
ATOM   140 C  C5     . A   A 1 4  ? -0.123  3.864   0.506   1.00 11.02 ? 4   A   A C5     1 
ATOM   141 C  C6     . A   A 1 4  ? 0.875   3.504   -0.361  1.00 10.68 ? 4   A   A C6     1 
ATOM   142 N  N6     . A   A 1 4  ? 1.570   2.327   -0.348  1.00 11.58 ? 4   A   A N6     1 
ATOM   143 N  N1     . A   A 1 4  ? 1.200   4.385   -1.350  1.00 10.58 ? 4   A   A N1     1 
ATOM   144 C  C2     . A   A 1 4  ? 0.551   5.541   -1.408  1.00 10.44 ? 4   A   A C2     1 
ATOM   145 N  N3     . A   A 1 4  ? -0.422  6.014   -0.624  1.00 10.70 ? 4   A   A N3     1 
ATOM   146 C  C4     . A   A 1 4  ? -0.710  5.093   0.333   1.00 10.98 ? 4   A   A C4     1 
ATOM   147 H  "H5'"  . A   A 1 4  ? -4.828  5.955   4.610   1.00 19.40 ? 4   A   A "H5'"  1 
ATOM   148 H  "H5''" . A   A 1 4  ? -6.003  5.352   3.700   1.00 19.40 ? 4   A   A "H5''" 1 
ATOM   149 H  "H4'"  . A   A 1 4  ? -4.943  7.166   2.621   1.00 18.49 ? 4   A   A "H4'"  1 
ATOM   150 H  "H3'"  . A   A 1 4  ? -4.583  4.651   1.261   1.00 16.87 ? 4   A   A "H3'"  1 
ATOM   151 H  "H2'"  . A   A 1 4  ? -3.390  5.761   -0.334  1.00 15.72 ? 4   A   A "H2'"  1 
ATOM   152 H  "HO2'" . A   A 1 4  ? -3.475  7.968   -0.413  1.00 21.37 ? 4   A   A "HO2'" 1 
ATOM   153 H  "H1'"  . A   A 1 4  ? -1.970  7.244   1.300   1.00 15.04 ? 4   A   A "H1'"  1 
ATOM   154 H  H8     . A   A 1 4  ? -2.139  3.860   2.777   1.00 14.20 ? 4   A   A H8     1 
ATOM   155 H  H61    . A   A 1 4  ? 2.186   2.174   -0.958  1.00 13.90 ? 4   A   A H61    1 
ATOM   156 H  H62    . A   A 1 4  ? 1.400   1.722   0.268   1.00 13.90 ? 4   A   A H62    1 
ATOM   157 H  H2     . A   A 1 4  ? 0.818   6.119   -2.113  1.00 12.53 ? 4   A   A H2     1 
ATOM   158 P  P      . G   A 1 5  ? -6.712  5.090   -0.444  1.00 15.93 ? 5   G   A P      1 
ATOM   159 O  OP1    . G   A 1 5  ? -8.167  5.336   -0.345  1.00 17.46 ? 5   G   A OP1    1 
ATOM   160 O  OP2    . G   A 1 5  ? -6.259  3.673   -0.369  1.00 16.04 ? 5   G   A OP2    1 
ATOM   161 O  "O5'"  . G   A 1 5  ? -6.094  5.682   -1.790  1.00 14.39 ? 5   G   A "O5'"  1 
ATOM   162 C  "C5'"  . G   A 1 5  ? -6.619  6.861   -2.439  1.00 15.65 ? 5   G   A "C5'"  1 
ATOM   163 C  "C4'"  . G   A 1 5  ? -6.148  6.971   -3.860  1.00 14.60 ? 5   G   A "C4'"  1 
ATOM   164 O  "O4'"  . G   A 1 5  ? -4.756  7.359   -3.929  1.00 14.25 ? 5   G   A "O4'"  1 
ATOM   165 C  "C3'"  . G   A 1 5  ? -6.199  5.667   -4.697  1.00 14.01 ? 5   G   A "C3'"  1 
ATOM   166 O  "O3'"  . G   A 1 5  ? -7.519  5.458   -5.161  1.00 14.78 ? 5   G   A "O3'"  1 
ATOM   167 C  "C2'"  . G   A 1 5  ? -5.171  5.915   -5.766  1.00 13.37 ? 5   G   A "C2'"  1 
ATOM   168 O  "O2'"  . G   A 1 5  ? -5.675  6.834   -6.716  1.00 14.57 ? 5   G   A "O2'"  1 
ATOM   169 C  "C1'"  . G   A 1 5  ? -4.081  6.575   -4.905  1.00 13.27 ? 5   G   A "C1'"  1 
ATOM   170 N  N9     . G   A 1 5  ? -3.309  5.561   -4.241  1.00 12.91 ? 5   G   A N9     1 
ATOM   171 C  C8     . G   A 1 5  ? -3.328  5.313   -2.914  1.00 13.20 ? 5   G   A C8     1 
ATOM   172 N  N7     . G   A 1 5  ? -2.526  4.327   -2.550  1.00 13.73 ? 5   G   A N7     1 
ATOM   173 C  C5     . G   A 1 5  ? -1.973  3.931   -3.706  1.00 12.00 ? 5   G   A C5     1 
ATOM   174 C  C6     . G   A 1 5  ? -1.010  2.893   -3.978  1.00 11.86 ? 5   G   A C6     1 
ATOM   175 O  O6     . G   A 1 5  ? -0.482  2.120   -3.142  1.00 11.93 ? 5   G   A O6     1 
ATOM   176 N  N1     . G   A 1 5  ? -0.700  2.809   -5.303  1.00 11.51 ? 5   G   A N1     1 
ATOM   177 C  C2     . G   A 1 5  ? -1.200  3.579   -6.282  1.00 11.73 ? 5   G   A C2     1 
ATOM   178 N  N2     . G   A 1 5  ? -0.806  3.383   -7.546  1.00 13.98 ? 5   G   A N2     1 
ATOM   179 N  N3     . G   A 1 5  ? -2.094  4.547   -6.045  1.00 12.24 ? 5   G   A N3     1 
ATOM   180 C  C4     . G   A 1 5  ? -2.408  4.642   -4.750  1.00 12.19 ? 5   G   A C4     1 
ATOM   181 H  "H5'"  . G   A 1 5  ? -6.333  7.665   -1.936  1.00 18.77 ? 5   G   A "H5'"  1 
ATOM   182 H  "H5''" . G   A 1 5  ? -7.608  6.828   -2.424  1.00 18.77 ? 5   G   A "H5''" 1 
ATOM   183 H  "H4'"  . G   A 1 5  ? -6.697  7.668   -4.323  1.00 17.52 ? 5   G   A "H4'"  1 
ATOM   184 H  "H3'"  . G   A 1 5  ? -5.916  4.893   -4.131  1.00 16.81 ? 5   G   A "H3'"  1 
ATOM   185 H  "H2'"  . G   A 1 5  ? -4.855  5.067   -6.190  1.00 16.05 ? 5   G   A "H2'"  1 
ATOM   186 H  "HO2'" . G   A 1 5  ? -5.097  6.968   -7.310  1.00 21.86 ? 5   G   A "HO2'" 1 
ATOM   187 H  "H1'"  . G   A 1 5  ? -3.491  7.152   -5.470  1.00 15.92 ? 5   G   A "H1'"  1 
ATOM   188 H  H8     . G   A 1 5  ? -3.865  5.800   -2.301  1.00 15.84 ? 5   G   A H8     1 
ATOM   189 H  H1     . G   A 1 5  ? -0.118  2.192   -5.539  1.00 13.82 ? 5   G   A H1     1 
ATOM   190 H  H21    . G   A 1 5  ? -0.221  2.751   -7.731  1.00 16.78 ? 5   G   A H21    1 
ATOM   191 H  H22    . G   A 1 5  ? -1.131  3.885   -8.191  1.00 16.78 ? 5   G   A H22    1 
ATOM   192 P  P      . A   A 1 6  ? -8.063  3.937   -5.298  1.00 15.65 ? 6   A   A P      1 
ATOM   193 O  OP1    . A   A 1 6  ? -9.450  4.095   -5.787  1.00 17.92 ? 6   A   A OP1    1 
ATOM   194 O  OP2    . A   A 1 6  ? -7.733  3.149   -4.086  1.00 17.02 ? 6   A   A OP2    1 
ATOM   195 O  "O5'"  . A   A 1 6  ? -7.203  3.270   -6.432  1.00 15.60 ? 6   A   A "O5'"  1 
ATOM   196 C  "C5'"  . A   A 1 6  ? -7.392  3.648   -7.782  1.00 15.71 ? 6   A   A "C5'"  1 
ATOM   197 C  "C4'"  . A   A 1 6  ? -6.445  2.850   -8.634  1.00 15.03 ? 6   A   A "C4'"  1 
ATOM   198 O  "O4'"  . A   A 1 6  ? -5.073  3.095   -8.290  1.00 14.57 ? 6   A   A "O4'"  1 
ATOM   199 C  "C3'"  . A   A 1 6  ? -6.560  1.332   -8.455  1.00 16.06 ? 6   A   A "C3'"  1 
ATOM   200 O  "O3'"  . A   A 1 6  ? -7.708  0.841   -9.118  1.00 17.08 ? 6   A   A "O3'"  1 
ATOM   201 C  "C2'"  . A   A 1 6  ? -5.259  0.908   -9.061  1.00 15.44 ? 6   A   A "C2'"  1 
ATOM   202 O  "O2'"  . A   A 1 6  ? -5.336  0.958   -10.479 1.00 17.07 ? 6   A   A "O2'"  1 
ATOM   203 C  "C1'"  . A   A 1 6  ? -4.306  1.931   -8.435  1.00 14.29 ? 6   A   A "C1'"  1 
ATOM   204 N  N9     . A   A 1 6  ? -3.911  1.445   -7.131  1.00 13.39 ? 6   A   A N9     1 
ATOM   205 C  C8     . A   A 1 6  ? -4.414  1.777   -5.920  1.00 13.29 ? 6   A   A C8     1 
ATOM   206 N  N7     . A   A 1 6  ? -3.838  1.141   -4.898  1.00 13.66 ? 6   A   A N7     1 
ATOM   207 C  C5     . A   A 1 6  ? -2.861  0.320   -5.532  1.00 12.61 ? 6   A   A C5     1 
ATOM   208 C  C6     . A   A 1 6  ? -1.949  -0.574  -5.015  1.00 11.53 ? 6   A   A C6     1 
ATOM   209 N  N6     . A   A 1 6  ? -1.808  -0.830  -3.709  1.00 12.28 ? 6   A   A N6     1 
ATOM   210 N  N1     . A   A 1 6  ? -1.135  -1.227  -5.885  1.00 11.78 ? 6   A   A N1     1 
ATOM   211 C  C2     . A   A 1 6  ? -1.282  -0.957  -7.202  1.00 12.16 ? 6   A   A C2     1 
ATOM   212 N  N3     . A   A 1 6  ? -2.120  -0.121  -7.804  1.00 12.52 ? 6   A   A N3     1 
ATOM   213 C  C4     . A   A 1 6  ? -2.902  0.496   -6.889  1.00 12.07 ? 6   A   A C4     1 
ATOM   214 H  "H5'"  . A   A 1 6  ? -7.214  4.615   -7.891  1.00 18.85 ? 6   A   A "H5'"  1 
ATOM   215 H  "H5''" . A   A 1 6  ? -8.326  3.470   -8.056  1.00 18.85 ? 6   A   A "H5''" 1 
ATOM   216 H  "H4'"  . A   A 1 6  ? -6.591  3.082   -9.596  1.00 18.04 ? 6   A   A "H4'"  1 
ATOM   217 H  "H3'"  . A   A 1 6  ? -6.590  1.095   -7.484  1.00 19.27 ? 6   A   A "H3'"  1 
ATOM   218 H  "H2'"  . A   A 1 6  ? -5.022  -0.015  -8.760  1.00 18.52 ? 6   A   A "H2'"  1 
ATOM   219 H  "HO2'" . A   A 1 6  ? -6.099  1.223   -10.710 1.00 25.60 ? 6   A   A "HO2'" 1 
ATOM   220 H  "H1'"  . A   A 1 6  ? -3.510  2.090   -9.019  1.00 17.15 ? 6   A   A "H1'"  1 
ATOM   221 H  H8     . A   A 1 6  ? -5.115  2.408   -5.807  1.00 15.95 ? 6   A   A H8     1 
ATOM   222 H  H61    . A   A 1 6  ? -1.202  -1.407  -3.436  1.00 14.73 ? 6   A   A H61    1 
ATOM   223 H  H62    . A   A 1 6  ? -2.323  -0.421  -3.123  1.00 14.73 ? 6   A   A H62    1 
ATOM   224 H  H2     . A   A 1 6  ? -0.700  -1.436  -7.781  1.00 14.59 ? 6   A   A H2     1 
ATOM   225 P  P      . A   A 1 7  ? -8.486  -0.481  -8.629  1.00 18.64 ? 7   A   A P      1 
ATOM   226 O  OP1    . A   A 1 7  ? -9.678  -0.607  -9.522  1.00 21.63 ? 7   A   A OP1    1 
ATOM   227 O  OP2    . A   A 1 7  ? -8.704  -0.436  -7.179  1.00 20.78 ? 7   A   A OP2    1 
ATOM   228 O  "O5'"  . A   A 1 7  ? -7.508  -1.703  -8.889  1.00 17.64 ? 7   A   A "O5'"  1 
ATOM   229 C  "C5'"  . A   A 1 7  ? -7.117  -1.979  -10.259 1.00 18.01 ? 7   A   A "C5'"  1 
ATOM   230 C  "C4'"  . A   A 1 7  ? -5.936  -2.905  -10.228 1.00 16.42 ? 7   A   A "C4'"  1 
ATOM   231 O  "O4'"  . A   A 1 7  ? -4.881  -2.341  -9.419  1.00 15.79 ? 7   A   A "O4'"  1 
ATOM   232 C  "C3'"  . A   A 1 7  ? -6.192  -4.238  -9.576  1.00 15.92 ? 7   A   A "C3'"  1 
ATOM   233 O  "O3'"  . A   A 1 7  ? -6.898  -5.049  -10.477 1.00 18.44 ? 7   A   A "O3'"  1 
ATOM   234 C  "C2'"  . A   A 1 7  ? -4.776  -4.685  -9.338  1.00 14.35 ? 7   A   A "C2'"  1 
ATOM   235 O  "O2'"  . A   A 1 7  ? -4.177  -5.113  -10.531 1.00 16.75 ? 7   A   A "O2'"  1 
ATOM   236 C  "C1'"  . A   A 1 7  ? -4.142  -3.388  -8.829  1.00 14.01 ? 7   A   A "C1'"  1 
ATOM   237 N  N9     . A   A 1 7  ? -4.194  -3.258  -7.377  1.00 13.11 ? 7   A   A N9     1 
ATOM   238 C  C8     . A   A 1 7  ? -5.039  -2.582  -6.577  1.00 13.34 ? 7   A   A C8     1 
ATOM   239 N  N7     . A   A 1 7  ? -4.793  -2.671  -5.329  1.00 13.35 ? 7   A   A N7     1 
ATOM   240 C  C5     . A   A 1 7  ? -3.681  -3.476  -5.235  1.00 12.26 ? 7   A   A C5     1 
ATOM   241 C  C6     . A   A 1 7  ? -2.924  -3.960  -4.175  1.00 12.24 ? 7   A   A C6     1 
ATOM   242 N  N6     . A   A 1 7  ? -3.129  -3.720  -2.908  1.00 12.44 ? 7   A   A N6     1 
ATOM   243 N  N1     . A   A 1 7  ? -1.841  -4.758  -4.501  1.00 11.74 ? 7   A   A N1     1 
ATOM   244 C  C2     . A   A 1 7  ? -1.626  -5.010  -5.784  1.00 12.01 ? 7   A   A C2     1 
ATOM   245 N  N3     . A   A 1 7  ? -2.263  -4.615  -6.861  1.00 12.34 ? 7   A   A N3     1 
ATOM   246 C  C4     . A   A 1 7  ? -3.304  -3.835  -6.496  1.00 12.25 ? 7   A   A C4     1 
ATOM   247 H  "H5'"  . A   A 1 7  ? -6.877  -1.136  -10.721 1.00 21.62 ? 7   A   A "H5'"  1 
ATOM   248 H  "H5''" . A   A 1 7  ? -7.868  -2.401  -10.748 1.00 21.62 ? 7   A   A "H5''" 1 
ATOM   249 H  "H4'"  . A   A 1 7  ? -5.601  -3.049  -11.159 1.00 19.71 ? 7   A   A "H4'"  1 
ATOM   250 H  "H3'"  . A   A 1 7  ? -6.690  -4.133  -8.715  1.00 19.10 ? 7   A   A "H3'"  1 
ATOM   251 H  "H2'"  . A   A 1 7  ? -4.739  -5.400  -8.640  1.00 17.22 ? 7   A   A "H2'"  1 
ATOM   252 H  "HO2'" . A   A 1 7  ? -4.731  -5.053  -11.160 1.00 25.12 ? 7   A   A "HO2'" 1 
ATOM   253 H  "H1'"  . A   A 1 7  ? -3.190  -3.340  -9.135  1.00 16.82 ? 7   A   A "H1'"  1 
ATOM   254 H  H8     . A   A 1 7  ? -5.766  -2.074  -6.918  1.00 16.01 ? 7   A   A H8     1 
ATOM   255 H  H61    . A   A 1 7  ? -2.590  -4.063  -2.303  1.00 14.93 ? 7   A   A H61    1 
ATOM   256 H  H62    . A   A 1 7  ? -3.807  -3.218  -2.659  1.00 14.93 ? 7   A   A H62    1 
ATOM   257 H  H2     . A   A 1 7  ? -0.880  -5.573  -5.954  1.00 14.41 ? 7   A   A H2     1 
ATOM   258 P  P      . A   A 1 8  ? -7.682  -6.375  -10.112 1.00 19.92 ? 8   A   A P      1 
ATOM   259 O  OP1    . A   A 1 8  ? -8.253  -6.889  -11.388 1.00 24.24 ? 8   A   A OP1    1 
ATOM   260 O  OP2    . A   A 1 8  ? -8.270  -6.237  -8.751  1.00 22.04 ? 8   A   A OP2    1 
ATOM   261 O  "O5'"  . A   A 1 8  ? -6.461  -7.259  -9.696  1.00 15.91 ? 8   A   A "O5'"  1 
ATOM   262 C  "C5'"  . A   A 1 8  ? -6.509  -8.196  -8.635  1.00 15.09 ? 8   A   A "C5'"  1 
ATOM   263 C  "C4'"  . A   A 1 8  ? -5.087  -8.626  -8.318  1.00 12.30 ? 8   A   A "C4'"  1 
ATOM   264 O  "O4'"  . A   A 1 8  ? -4.424  -7.506  -7.721  1.00 13.27 ? 8   A   A "O4'"  1 
ATOM   265 C  "C3'"  . A   A 1 8  ? -4.992  -9.739  -7.311  1.00 10.91 ? 8   A   A "C3'"  1 
ATOM   266 O  "O3'"  . A   A 1 8  ? -5.098  -11.015 -7.977  1.00 10.27 ? 8   A   A "O3'"  1 
ATOM   267 C  "C2'"  . A   A 1 8  ? -3.654  -9.484  -6.685  1.00 11.41 ? 8   A   A "C2'"  1 
ATOM   268 O  "O2'"  . A   A 1 8  ? -2.632  -10.026 -7.500  1.00 13.52 ? 8   A   A "O2'"  1 
ATOM   269 C  "C1'"  . A   A 1 8  ? -3.621  -7.979  -6.636  1.00 11.75 ? 8   A   A "C1'"  1 
ATOM   270 N  N9     . A   A 1 8  ? -4.142  -7.407  -5.401  1.00 11.95 ? 8   A   A N9     1 
ATOM   271 C  C8     . A   A 1 8  ? -5.251  -6.624  -5.189  1.00 12.20 ? 8   A   A C8     1 
ATOM   272 N  N7     . A   A 1 8  ? -5.424  -6.263  -3.919  1.00 12.65 ? 8   A   A N7     1 
ATOM   273 C  C5     . A   A 1 8  ? -4.377  -6.862  -3.282  1.00 11.73 ? 8   A   A C5     1 
ATOM   274 C  C6     . A   A 1 8  ? -3.983  -6.878  -1.940  1.00 12.05 ? 8   A   A C6     1 
ATOM   275 N  N6     . A   A 1 8  ? -4.659  -6.243  -0.977  1.00 12.90 ? 8   A   A N6     1 
ATOM   276 N  N1     . A   A 1 8  ? -2.872  -7.575  -1.606  1.00 11.60 ? 8   A   A N1     1 
ATOM   277 C  C2     . A   A 1 8  ? -2.205  -8.194  -2.570  1.00 11.45 ? 8   A   A C2     1 
ATOM   278 N  N3     . A   A 1 8  ? -2.467  -8.245  -3.862  1.00 11.24 ? 8   A   A N3     1 
ATOM   279 C  C4     . A   A 1 8  ? -3.573  -7.559  -4.158  1.00 11.29 ? 8   A   A C4     1 
ATOM   280 H  "H5'"  . A   A 1 8  ? -7.051  -8.981  -8.900  1.00 18.11 ? 8   A   A "H5'"  1 
ATOM   281 H  "H5''" . A   A 1 8  ? -6.926  -7.783  -7.837  1.00 18.11 ? 8   A   A "H5''" 1 
ATOM   282 H  "H4'"  . A   A 1 8  ? -4.616  -8.889  -9.160  1.00 14.76 ? 8   A   A "H4'"  1 
ATOM   283 H  "H3'"  . A   A 1 8  ? -5.716  -9.646  -6.627  1.00 13.10 ? 8   A   A "H3'"  1 
ATOM   284 H  "H2'"  . A   A 1 8  ? -3.614  -9.869  -5.763  1.00 13.69 ? 8   A   A "H2'"  1 
ATOM   285 H  "HO2'" . A   A 1 8  ? -1.884  -9.880  -7.146  1.00 20.28 ? 8   A   A "HO2'" 1 
ATOM   286 H  "H1'"  . A   A 1 8  ? -2.679  -7.669  -6.768  1.00 14.10 ? 8   A   A "H1'"  1 
ATOM   287 H  H8     . A   A 1 8  ? -5.840  -6.364  -5.885  1.00 14.64 ? 8   A   A H8     1 
ATOM   288 H  H61    . A   A 1 8  ? -4.379  -6.284  -0.143  1.00 15.48 ? 8   A   A H61    1 
ATOM   289 H  H62    . A   A 1 8  ? -5.383  -5.784  -1.176  1.00 15.48 ? 8   A   A H62    1 
ATOM   290 H  H2     . A   A 1 8  ? -1.429  -8.668  -2.292  1.00 13.74 ? 8   A   A H2     1 
ATOM   291 P  P      . A   A 1 9  ? -5.634  -12.280 -7.192  1.00 9.89  ? 9   A   A P      1 
ATOM   292 O  OP1    . A   A 1 9  ? -5.856  -13.310 -8.205  1.00 10.29 ? 9   A   A OP1    1 
ATOM   293 O  OP2    . A   A 1 9  ? -6.697  -11.840 -6.297  1.00 10.72 ? 9   A   A OP2    1 
ATOM   294 O  "O5'"  . A   A 1 9  ? -4.415  -12.705 -6.256  1.00 10.27 ? 9   A   A "O5'"  1 
ATOM   295 C  "C5'"  . A   A 1 9  ? -3.345  -13.511 -6.753  1.00 10.32 ? 9   A   A "C5'"  1 
ATOM   296 C  "C4'"  . A   A 1 9  ? -2.561  -14.068 -5.601  1.00 10.07 ? 9   A   A "C4'"  1 
ATOM   297 O  "O4'"  . A   A 1 9  ? -1.842  -13.038 -4.894  1.00 10.66 ? 9   A   A "O4'"  1 
ATOM   298 C  "C3'"  . A   A 1 9  ? -3.382  -14.734 -4.496  1.00 10.46 ? 9   A   A "C3'"  1 
ATOM   299 O  "O3'"  . A   A 1 9  ? -3.783  -16.032 -4.868  1.00 9.99  ? 9   A   A "O3'"  1 
ATOM   300 C  "C2'"  . A   A 1 9  ? -2.422  -14.691 -3.331  1.00 10.51 ? 9   A   A "C2'"  1 
ATOM   301 O  "O2'"  . A   A 1 9  ? -1.376  -15.664 -3.424  1.00 10.97 ? 9   A   A "O2'"  1 
ATOM   302 C  "C1'"  . A   A 1 9  ? -1.889  -13.277 -3.501  1.00 11.19 ? 9   A   A "C1'"  1 
ATOM   303 N  N9     . A   A 1 9  ? -2.790  -12.310 -2.884  1.00 10.73 ? 9   A   A N9     1 
ATOM   304 C  C8     . A   A 1 9  ? -3.713  -11.496 -3.563  1.00 11.52 ? 9   A   A C8     1 
ATOM   305 N  N7     . A   A 1 9  ? -4.400  -10.730 -2.768  1.00 10.91 ? 9   A   A N7     1 
ATOM   306 C  C5     . A   A 1 9  ? -3.930  -11.017 -1.493  1.00 10.52 ? 9   A   A C5     1 
ATOM   307 C  C6     . A   A 1 9  ? -4.262  -10.518 -0.219  1.00 11.04 ? 9   A   A C6     1 
ATOM   308 N  N6     . A   A 1 9  ? -5.193  -9.584  -0.056  1.00 11.63 ? 9   A   A N6     1 
ATOM   309 N  N1     . A   A 1 9  ? -3.591  -11.023 0.850   1.00 11.05 ? 9   A   A N1     1 
ATOM   310 C  C2     . A   A 1 9  ? -2.671  -11.960 0.627   1.00 11.83 ? 9   A   A C2     1 
ATOM   311 N  N3     . A   A 1 9  ? -2.250  -12.523 -0.498  1.00 11.09 ? 9   A   A N3     1 
ATOM   312 C  C4     . A   A 1 9  ? -2.944  -11.983 -1.555  1.00 10.82 ? 9   A   A C4     1 
ATOM   313 H  "H5'"  . A   A 1 9  ? -2.753  -12.965 -7.329  1.00 12.39 ? 9   A   A "H5'"  1 
ATOM   314 H  "H5''" . A   A 1 9  ? -3.710  -14.252 -7.299  1.00 12.39 ? 9   A   A "H5''" 1 
ATOM   315 H  "H4'"  . A   A 1 9  ? -1.902  -14.733 -5.954  1.00 12.09 ? 9   A   A "H4'"  1 
ATOM   316 H  "H3'"  . A   A 1 9  ? -4.187  -14.177 -4.291  1.00 12.55 ? 9   A   A "H3'"  1 
ATOM   317 H  "H2'"  . A   A 1 9  ? -2.913  -14.781 -2.465  1.00 12.61 ? 9   A   A "H2'"  1 
ATOM   318 H  "HO2'" . A   A 1 9  ? -1.470  -16.109 -4.131  1.00 16.46 ? 9   A   A "HO2'" 1 
ATOM   319 H  "H1'"  . A   A 1 9  ? -0.975  -13.201 -3.105  1.00 13.42 ? 9   A   A "H1'"  1 
ATOM   320 H  H8     . A   A 1 9  ? -3.823  -11.505 -4.506  1.00 13.82 ? 9   A   A H8     1 
ATOM   321 H  H61    . A   A 1 9  ? -5.381  -9.286  0.751   1.00 13.96 ? 9   A   A H61    1 
ATOM   322 H  H62    . A   A 1 9  ? -5.622  -9.263  -0.754  1.00 13.96 ? 9   A   A H62    1 
ATOM   323 H  H2     . A   A 1 9  ? -2.240  -12.282 1.411   1.00 14.20 ? 9   A   A H2     1 
ATOM   324 P  P      . G   A 1 10 ? -5.220  -16.540 -4.400  1.00 9.90  ? 10  G   A P      1 
ATOM   325 O  OP1    . G   A 1 10 ? -5.435  -17.836 -5.087  1.00 10.25 ? 10  G   A OP1    1 
ATOM   326 O  OP2    . G   A 1 10 ? -6.221  -15.468 -4.548  1.00 9.86  ? 10  G   A OP2    1 
ATOM   327 O  "O5'"  . G   A 1 10 ? -5.055  -16.726 -2.848  1.00 10.04 ? 10  G   A "O5'"  1 
ATOM   328 C  "C5'"  . G   A 1 10 ? -4.117  -17.719 -2.345  1.00 11.25 ? 10  G   A "C5'"  1 
ATOM   329 C  "C4'"  . G   A 1 10 ? -4.063  -17.597 -0.854  1.00 11.34 ? 10  G   A "C4'"  1 
ATOM   330 O  "O4'"  . G   A 1 10 ? -3.529  -16.268 -0.522  1.00 10.76 ? 10  G   A "O4'"  1 
ATOM   331 C  "C3'"  . G   A 1 10 ? -5.366  -17.675 -0.070  1.00 10.79 ? 10  G   A "C3'"  1 
ATOM   332 O  "O3'"  . G   A 1 10 ? -5.813  -19.024 0.109   1.00 13.15 ? 10  G   A "O3'"  1 
ATOM   333 C  "C2'"  . G   A 1 10 ? -4.972  -16.947 1.201   1.00 10.69 ? 10  G   A "C2'"  1 
ATOM   334 O  "O2'"  . G   A 1 10 ? -4.263  -17.750 2.045   1.00 11.52 ? 10  G   A "O2'"  1 
ATOM   335 C  "C1'"  . G   A 1 10 ? -4.093  -15.746 0.641   1.00 10.65 ? 10  G   A "C1'"  1 
ATOM   336 N  N9     . G   A 1 10 ? -5.046  -14.707 0.350   1.00 10.14 ? 10  G   A N9     1 
ATOM   337 C  C8     . G   A 1 10 ? -5.682  -14.357 -0.813  1.00 10.66 ? 10  G   A C8     1 
ATOM   338 N  N7     . G   A 1 10 ? -6.490  -13.356 -0.675  1.00 9.93  ? 10  G   A N7     1 
ATOM   339 C  C5     . G   A 1 10 ? -6.398  -13.006 0.668   1.00 10.10 ? 10  G   A C5     1 
ATOM   340 C  C6     . G   A 1 10 ? -7.054  -11.976 1.448   1.00 10.50 ? 10  G   A C6     1 
ATOM   341 O  O6     . G   A 1 10 ? -7.870  -11.138 1.083   1.00 11.05 ? 10  G   A O6     1 
ATOM   342 N  N1     . G   A 1 10 ? -6.648  -12.021 2.753   1.00 10.47 ? 10  G   A N1     1 
ATOM   343 C  C2     . G   A 1 10 ? -5.744  -12.898 3.298   1.00 10.58 ? 10  G   A C2     1 
ATOM   344 N  N2     . G   A 1 10 ? -5.501  -12.748 4.593   1.00 11.39 ? 10  G   A N2     1 
ATOM   345 N  N3     . G   A 1 10 ? -5.147  -13.832 2.597   1.00 10.73 ? 10  G   A N3     1 
ATOM   346 C  C4     . G   A 1 10 ? -5.528  -13.817 1.306   1.00 10.14 ? 10  G   A C4     1 
ATOM   347 H  "H5'"  . G   A 1 10 ? -3.219  -17.564 -2.730  1.00 13.50 ? 10  G   A "H5'"  1 
ATOM   348 H  "H5''" . G   A 1 10 ? -4.415  -18.627 -2.600  1.00 13.50 ? 10  G   A "H5''" 1 
ATOM   349 H  "H4'"  . G   A 1 10 ? -3.436  -18.291 -0.499  1.00 13.61 ? 10  G   A "H4'"  1 
ATOM   350 H  "H3'"  . G   A 1 10 ? -6.073  -17.151 -0.546  1.00 12.94 ? 10  G   A "H3'"  1 
ATOM   351 H  "H2'"  . G   A 1 10 ? -5.785  -16.592 1.663   1.00 12.83 ? 10  G   A "H2'"  1 
ATOM   352 H  "HO2'" . G   A 1 10 ? -4.051  -17.318 2.733   1.00 17.28 ? 10  G   A "HO2'" 1 
ATOM   353 H  "H1'"  . G   A 1 10 ? -3.398  -15.449 1.296   1.00 12.78 ? 10  G   A "H1'"  1 
ATOM   354 H  H8     . G   A 1 10 ? -5.543  -14.806 -1.639  1.00 12.79 ? 10  G   A H8     1 
ATOM   355 H  H1     . G   A 1 10 ? -7.003  -11.429 3.298   1.00 12.57 ? 10  G   A H1     1 
ATOM   356 H  H21    . G   A 1 10 ? -4.931  -13.281 4.998   1.00 13.66 ? 10  G   A H21    1 
ATOM   357 H  H22    . G   A 1 10 ? -5.911  -12.116 5.047   1.00 13.66 ? 10  G   A H22    1 
ATOM   358 O  "O5'"  . DC  B 2 1  ? -9.071  -6.159  8.834   1.00 25.47 ? 11  DC  B "O5'"  1 
ATOM   359 C  "C5'"  . DC  B 2 1  ? -8.707  -6.782  10.060  1.00 18.35 ? 11  DC  B "C5'"  1 
ATOM   360 C  "C4'"  . DC  B 2 1  ? -8.029  -8.105  9.965   1.00 15.79 ? 11  DC  B "C4'"  1 
ATOM   361 O  "O4'"  . DC  B 2 1  ? -8.802  -9.054  9.179   1.00 14.42 ? 11  DC  B "O4'"  1 
ATOM   362 C  "C3'"  . DC  B 2 1  ? -6.733  -8.035  9.230   1.00 15.05 ? 11  DC  B "C3'"  1 
ATOM   363 O  "O3'"  . DC  B 2 1  ? -5.741  -7.619  10.141  1.00 15.53 ? 11  DC  B "O3'"  1 
ATOM   364 C  "C2'"  . DC  B 2 1  ? -6.532  -9.470  8.752   1.00 13.11 ? 11  DC  B "C2'"  1 
ATOM   365 C  "C1'"  . DC  B 2 1  ? -7.931  -9.818  8.370   1.00 12.68 ? 11  DC  B "C1'"  1 
ATOM   366 N  N1     . DC  B 2 1  ? -8.250  -9.532  6.945   1.00 11.79 ? 11  DC  B N1     1 
ATOM   367 C  C2     . DC  B 2 1  ? -7.626  -10.385 6.012   1.00 11.18 ? 11  DC  B C2     1 
ATOM   368 O  O2     . DC  B 2 1  ? -6.902  -11.255 6.420   1.00 11.79 ? 11  DC  B O2     1 
ATOM   369 N  N3     . DC  B 2 1  ? -7.873  -10.176 4.671   1.00 11.02 ? 11  DC  B N3     1 
ATOM   370 C  C4     . DC  B 2 1  ? -8.678  -9.215  4.247   1.00 11.50 ? 11  DC  B C4     1 
ATOM   371 N  N4     . DC  B 2 1  ? -8.874  -9.071  2.960   1.00 11.88 ? 11  DC  B N4     1 
ATOM   372 C  C5     . DC  B 2 1  ? -9.301  -8.346  5.245   1.00 11.90 ? 11  DC  B C5     1 
ATOM   373 C  C6     . DC  B 2 1  ? -9.082  -8.512  6.521   1.00 12.67 ? 11  DC  B C6     1 
ATOM   374 H  "H5'"  . DC  B 2 1  ? -9.525  -6.894  10.604  1.00 22.03 ? 11  DC  B "H5'"  1 
ATOM   375 H  "H5''" . DC  B 2 1  ? -8.109  -6.165  10.552  1.00 22.03 ? 11  DC  B "H5''" 1 
ATOM   376 H  "H4'"  . DC  B 2 1  ? -7.876  -8.473  10.882  1.00 18.94 ? 11  DC  B "H4'"  1 
ATOM   377 H  "H3'"  . DC  B 2 1  ? -6.793  -7.405  8.456   1.00 18.06 ? 11  DC  B "H3'"  1 
ATOM   378 H  "H2'"  . DC  B 2 1  ? -5.918  -9.516  7.976   1.00 15.73 ? 11  DC  B "H2'"  1 
ATOM   379 H  "H2''" . DC  B 2 1  ? -6.193  -10.053 9.476   1.00 15.73 ? 11  DC  B "H2''" 1 
ATOM   380 H  "H1'"  . DC  B 2 1  ? -8.085  -10.790 8.551   1.00 15.21 ? 11  DC  B "H1'"  1 
ATOM   381 H  H41    . DC  B 2 1  ? -8.472  -9.609  2.391   1.00 14.25 ? 11  DC  B H41    1 
ATOM   382 H  H42    . DC  B 2 1  ? -9.406  -8.436  2.664   1.00 14.25 ? 11  DC  B H42    1 
ATOM   383 H  H5     . DC  B 2 1  ? -9.878  -7.646  4.959   1.00 14.28 ? 11  DC  B H5     1 
ATOM   384 H  H6     . DC  B 2 1  ? -9.491  -7.936  7.154   1.00 15.20 ? 11  DC  B H6     1 
ATOM   385 P  P      . DT  B 2 2  ? -4.499  -6.761  9.629   1.00 16.25 ? 12  DT  B P      1 
ATOM   386 O  OP1    . DT  B 2 2  ? -3.830  -6.285  10.858  1.00 17.84 ? 12  DT  B OP1    1 
ATOM   387 O  OP2    . DT  B 2 2  ? -4.887  -5.780  8.586   1.00 17.31 ? 12  DT  B OP2    1 
ATOM   388 O  "O5'"  . DT  B 2 2  ? -3.541  -7.761  8.862   1.00 15.57 ? 12  DT  B "O5'"  1 
ATOM   389 C  "C5'"  . DT  B 2 2  ? -2.812  -8.725  9.589   1.00 16.22 ? 12  DT  B "C5'"  1 
ATOM   390 C  "C4'"  . DT  B 2 2  ? -2.110  -9.698  8.671   1.00 14.27 ? 12  DT  B "C4'"  1 
ATOM   391 O  "O4'"  . DT  B 2 2  ? -3.127  -10.448 7.967   1.00 14.03 ? 12  DT  B "O4'"  1 
ATOM   392 C  "C3'"  . DT  B 2 2  ? -1.219  -9.135  7.585   1.00 15.11 ? 12  DT  B "C3'"  1 
ATOM   393 O  "O3'"  . DT  B 2 2  ? 0.059   -8.823  8.115   1.00 15.59 ? 12  DT  B "O3'"  1 
ATOM   394 C  "C2'"  . DT  B 2 2  ? -1.149  -10.288 6.624   1.00 13.53 ? 12  DT  B "C2'"  1 
ATOM   395 C  "C1'"  . DT  B 2 2  ? -2.561  -10.760 6.694   1.00 13.08 ? 12  DT  B "C1'"  1 
ATOM   396 N  N1     . DT  B 2 2  ? -3.393  -10.116 5.617   1.00 12.30 ? 12  DT  B N1     1 
ATOM   397 C  C2     . DT  B 2 2  ? -3.307  -10.620 4.365   1.00 12.44 ? 12  DT  B C2     1 
ATOM   398 O  O2     . DT  B 2 2  ? -2.565  -11.608 4.059   1.00 13.09 ? 12  DT  B O2     1 
ATOM   399 N  N3     . DT  B 2 2  ? -4.044  -10.070 3.398   1.00 12.06 ? 12  DT  B N3     1 
ATOM   400 C  C4     . DT  B 2 2  ? -4.883  -8.987  3.591   1.00 12.42 ? 12  DT  B C4     1 
ATOM   401 O  O4     . DT  B 2 2  ? -5.547  -8.505  2.635   1.00 12.62 ? 12  DT  B O4     1 
ATOM   402 C  C5     . DT  B 2 2  ? -4.936  -8.488  4.958   1.00 11.98 ? 12  DT  B C5     1 
ATOM   403 C  C7     . DT  B 2 2  ? -5.837  -7.289  5.237   1.00 14.37 ? 12  DT  B C7     1 
ATOM   404 C  C6     . DT  B 2 2  ? -4.199  -9.058  5.909   1.00 12.90 ? 12  DT  B C6     1 
ATOM   405 H  "H5'"  . DT  B 2 2  ? -3.427  -9.222  10.184  1.00 19.46 ? 12  DT  B "H5'"  1 
ATOM   406 H  "H5''" . DT  B 2 2  ? -2.141  -8.269  10.156  1.00 19.46 ? 12  DT  B "H5''" 1 
ATOM   407 H  "H4'"  . DT  B 2 2  ? -1.574  -10.333 9.227   1.00 17.13 ? 12  DT  B "H4'"  1 
ATOM   408 H  "H3'"  . DT  B 2 2  ? -1.636  -8.333  7.156   1.00 18.14 ? 12  DT  B "H3'"  1 
ATOM   409 H  "H2'"  . DT  B 2 2  ? -0.904  -9.993  5.710   1.00 16.24 ? 12  DT  B "H2'"  1 
ATOM   410 H  "H2''" . DT  B 2 2  ? -0.512  -10.983 6.928   1.00 16.24 ? 12  DT  B "H2''" 1 
ATOM   411 H  "H1'"  . DT  B 2 2  ? -2.577  -11.752 6.566   1.00 15.70 ? 12  DT  B "H1'"  1 
ATOM   412 H  H3     . DT  B 2 2  ? -3.993  -10.416 2.589   1.00 14.47 ? 12  DT  B H3     1 
ATOM   413 H  H71    . DT  B 2 2  ? -6.293  -7.024  4.411   1.00 21.56 ? 12  DT  B H71    1 
ATOM   414 H  H72    . DT  B 2 2  ? -5.293  -6.541  5.563   1.00 21.56 ? 12  DT  B H72    1 
ATOM   415 H  H73    . DT  B 2 2  ? -6.501  -7.529  5.915   1.00 21.56 ? 12  DT  B H73    1 
ATOM   416 H  H6     . DT  B 2 2  ? -4.235  -8.726  6.798   1.00 15.48 ? 12  DT  B H6     1 
ATOM   417 P  P      . DT  B 2 3  ? 0.977   -7.733  7.373   1.00 17.32 ? 13  DT  B P      1 
ATOM   418 O  OP1    . DT  B 2 3  ? 2.217   -7.700  8.172   1.00 21.90 ? 13  DT  B OP1    1 
ATOM   419 O  OP2    . DT  B 2 3  ? 0.233   -6.475  7.059   1.00 19.09 ? 13  DT  B OP2    1 
ATOM   420 O  "O5'"  . DT  B 2 3  ? 1.211   -8.355  5.911   1.00 16.09 ? 13  DT  B "O5'"  1 
ATOM   421 C  "C5'"  . DT  B 2 3  ? 2.086   -9.461  5.748   1.00 16.33 ? 13  DT  B "C5'"  1 
ATOM   422 C  "C4'"  . DT  B 2 3  ? 2.076   -9.942  4.318   1.00 15.37 ? 13  DT  B "C4'"  1 
ATOM   423 O  "O4'"  . DT  B 2 3  ? 0.741   -10.290 3.907   1.00 14.31 ? 13  DT  B "O4'"  1 
ATOM   424 C  "C3'"  . DT  B 2 3  ? 2.484   -8.921  3.277   1.00 14.90 ? 13  DT  B "C3'"  1 
ATOM   425 O  "O3'"  . DT  B 2 3  ? 3.913   -8.780  3.276   1.00 16.83 ? 13  DT  B "O3'"  1 
ATOM   426 C  "C2'"  . DT  B 2 3  ? 1.901   -9.501  2.016   1.00 14.72 ? 13  DT  B "C2'"  1 
ATOM   427 C  "C1'"  . DT  B 2 3  ? 0.574   -10.010 2.544   1.00 13.80 ? 13  DT  B "C1'"  1 
ATOM   428 N  N1     . DT  B 2 3  ? -0.480  -8.978  2.372   1.00 12.36 ? 13  DT  B N1     1 
ATOM   429 C  C2     . DT  B 2 3  ? -1.016  -8.875  1.130   1.00 12.09 ? 13  DT  B C2     1 
ATOM   430 O  O2     . DT  B 2 3  ? -0.690  -9.586  0.198   1.00 12.82 ? 13  DT  B O2     1 
ATOM   431 N  N3     . DT  B 2 3  ? -1.993  -7.897  0.988   1.00 12.08 ? 13  DT  B N3     1 
ATOM   432 C  C4     . DT  B 2 3  ? -2.402  -7.065  1.969   1.00 11.99 ? 13  DT  B C4     1 
ATOM   433 O  O4     . DT  B 2 3  ? -3.278  -6.223  1.731   1.00 13.40 ? 13  DT  B O4     1 
ATOM   434 C  C5     . DT  B 2 3  ? -1.783  -7.205  3.290   1.00 12.46 ? 13  DT  B C5     1 
ATOM   435 C  C7     . DT  B 2 3  ? -2.177  -6.320  4.427   1.00 14.78 ? 13  DT  B C7     1 
ATOM   436 C  C6     . DT  B 2 3  ? -0.891  -8.121  3.348   1.00 13.03 ? 13  DT  B C6     1 
ATOM   437 H  "H5'"  . DT  B 2 3  ? 1.805   -10.196 6.346   1.00 19.60 ? 13  DT  B "H5'"  1 
ATOM   438 H  "H5''" . DT  B 2 3  ? 3.006   -9.194  6.000   1.00 19.60 ? 13  DT  B "H5''" 1 
ATOM   439 H  "H4'"  . DT  B 2 3  ? 2.665   -10.746 4.238   1.00 18.45 ? 13  DT  B "H4'"  1 
ATOM   440 H  "H3'"  . DT  B 2 3  ? 2.055   -8.041  3.478   1.00 17.88 ? 13  DT  B "H3'"  1 
ATOM   441 H  "H2'"  . DT  B 2 3  ? 1.778   -8.810  1.318   1.00 17.66 ? 13  DT  B "H2'"  1 
ATOM   442 H  "H2''" . DT  B 2 3  ? 2.459   -10.236 1.657   1.00 17.66 ? 13  DT  B "H2''" 1 
ATOM   443 H  "H1'"  . DT  B 2 3  ? 0.314   -10.843 2.057   1.00 16.56 ? 13  DT  B "H1'"  1 
ATOM   444 H  H3     . DT  B 2 3  ? -2.373  -7.813  0.200   1.00 14.49 ? 13  DT  B H3     1 
ATOM   445 H  H71    . DT  B 2 3  ? -2.880  -5.704  4.133   1.00 22.17 ? 13  DT  B H71    1 
ATOM   446 H  H72    . DT  B 2 3  ? -1.397  -5.807  4.726   1.00 22.17 ? 13  DT  B H72    1 
ATOM   447 H  H73    . DT  B 2 3  ? -2.511  -6.868  5.167   1.00 22.17 ? 13  DT  B H73    1 
ATOM   448 H  H6     . DT  B 2 3  ? -0.456  -8.216  4.187   1.00 15.64 ? 13  DT  B H6     1 
ATOM   449 P  P      . DT  B 2 4  ? 4.601   -7.491  2.645   1.00 18.29 ? 14  DT  B P      1 
ATOM   450 O  OP1    . DT  B 2 4  ? 6.036   -7.599  2.946   1.00 21.73 ? 14  DT  B OP1    1 
ATOM   451 O  OP2    . DT  B 2 4  ? 3.876   -6.274  3.086   1.00 19.98 ? 14  DT  B OP2    1 
ATOM   452 O  "O5'"  . DT  B 2 4  ? 4.431   -7.649  1.063   1.00 16.04 ? 14  DT  B "O5'"  1 
ATOM   453 C  "C5'"  . DT  B 2 4  ? 5.095   -8.643  0.298   1.00 16.61 ? 14  DT  B "C5'"  1 
ATOM   454 C  "C4'"  . DT  B 2 4  ? 4.686   -8.554  -1.136  1.00 14.90 ? 14  DT  B "C4'"  1 
ATOM   455 O  "O4'"  . DT  B 2 4  ? 3.275   -8.821  -1.316  1.00 14.58 ? 14  DT  B "O4'"  1 
ATOM   456 C  "C3'"  . DT  B 2 4  ? 4.870   -7.179  -1.796  1.00 13.27 ? 14  DT  B "C3'"  1 
ATOM   457 O  "O3'"  . DT  B 2 4  ? 6.274   -7.015  -2.044  1.00 13.93 ? 14  DT  B "O3'"  1 
ATOM   458 C  "C2'"  . DT  B 2 4  ? 3.992   -7.279  -2.996  1.00 12.01 ? 14  DT  B "C2'"  1 
ATOM   459 C  "C1'"  . DT  B 2 4  ? 2.834   -8.057  -2.436  1.00 13.23 ? 14  DT  B "C1'"  1 
ATOM   460 N  N1     . DT  B 2 4  ? 1.745   -7.154  -1.981  1.00 11.79 ? 14  DT  B N1     1 
ATOM   461 C  C2     . DT  B 2 4  ? 0.865   -6.708  -2.969  1.00 11.48 ? 14  DT  B C2     1 
ATOM   462 O  O2     . DT  B 2 4  ? 0.957   -7.064  -4.106  1.00 12.63 ? 14  DT  B O2     1 
ATOM   463 N  N3     . DT  B 2 4  ? -0.098  -5.875  -2.459  1.00 11.87 ? 14  DT  B N3     1 
ATOM   464 C  C4     . DT  B 2 4  ? -0.250  -5.457  -1.171  1.00 12.41 ? 14  DT  B C4     1 
ATOM   465 O  O4     . DT  B 2 4  ? -1.205  -4.684  -0.885  1.00 13.33 ? 14  DT  B O4     1 
ATOM   466 C  C5     . DT  B 2 4  ? 0.702   -5.931  -0.215  1.00 12.31 ? 14  DT  B C5     1 
ATOM   467 C  C7     . DT  B 2 4  ? 0.617   -5.512  1.221   1.00 15.36 ? 14  DT  B C7     1 
ATOM   468 C  C6     . DT  B 2 4  ? 1.649   -6.750  -0.687  1.00 12.45 ? 14  DT  B C6     1 
ATOM   469 H  "H5'"  . DT  B 2 4  ? 4.870   -9.540  0.652   1.00 19.93 ? 14  DT  B "H5'"  1 
ATOM   470 H  "H5''" . DT  B 2 4  ? 6.074   -8.520  0.373   1.00 19.93 ? 14  DT  B "H5''" 1 
ATOM   471 H  "H4'"  . DT  B 2 4  ? 5.208   -9.230  -1.657  1.00 17.88 ? 14  DT  B "H4'"  1 
ATOM   472 H  "H3'"  . DT  B 2 4  ? 4.540   -6.457  -1.188  1.00 15.93 ? 14  DT  B "H3'"  1 
ATOM   473 H  "H2'"  . DT  B 2 4  ? 3.711   -6.386  -3.317  1.00 14.41 ? 14  DT  B "H2'"  1 
ATOM   474 H  "H2''" . DT  B 2 4  ? 4.437   -7.768  -3.733  1.00 14.41 ? 14  DT  B "H2''" 1 
ATOM   475 H  "H1'"  . DT  B 2 4  ? 2.479   -8.673  -3.138  1.00 15.87 ? 14  DT  B "H1'"  1 
ATOM   476 H  H3     . DT  B 2 4  ? -0.691  -5.572  -3.036  1.00 14.25 ? 14  DT  B H3     1 
ATOM   477 H  H71    . DT  B 2 4  ? -0.153  -4.919  1.344   1.00 23.05 ? 14  DT  B H71    1 
ATOM   478 H  H72    . DT  B 2 4  ? 1.438   -5.038  1.472   1.00 23.05 ? 14  DT  B H72    1 
ATOM   479 H  H73    . DT  B 2 4  ? 0.512   -6.305  1.787   1.00 23.05 ? 14  DT  B H73    1 
ATOM   480 H  H6     . DT  B 2 4  ? 2.300   -7.071  -0.075  1.00 14.93 ? 14  DT  B H6     1 
ATOM   481 P  P      . DT  B 2 5  ? 6.882   -5.542  -2.267  1.00 13.79 ? 15  DT  B P      1 
ATOM   482 O  OP1    . DT  B 2 5  ? 8.332   -5.769  -2.358  1.00 14.92 ? 15  DT  B OP1    1 
ATOM   483 O  OP2    . DT  B 2 5  ? 6.307   -4.553  -1.356  1.00 15.50 ? 15  DT  B OP2    1 
ATOM   484 O  "O5'"  . DT  B 2 5  ? 6.305   -5.134  -3.703  1.00 12.89 ? 15  DT  B "O5'"  1 
ATOM   485 C  "C5'"  . DT  B 2 5  ? 6.756   -5.758  -4.882  1.00 12.40 ? 15  DT  B "C5'"  1 
ATOM   486 C  "C4'"  . DT  B 2 5  ? 6.029   -5.215  -6.068  1.00 12.31 ? 15  DT  B "C4'"  1 
ATOM   487 O  "O4'"  . DT  B 2 5  ? 4.618   -5.538  -5.961  1.00 12.09 ? 15  DT  B "O4'"  1 
ATOM   488 C  "C3'"  . DT  B 2 5  ? 6.056   -3.697  -6.234  1.00 12.38 ? 15  DT  B "C3'"  1 
ATOM   489 O  "O3'"  . DT  B 2 5  ? 7.295   -3.316  -6.768  1.00 13.17 ? 15  DT  B "O3'"  1 
ATOM   490 C  "C2'"  . DT  B 2 5  ? 4.918   -3.522  -7.176  1.00 12.30 ? 15  DT  B "C2'"  1 
ATOM   491 C  "C1'"  . DT  B 2 5  ? 3.926   -4.420  -6.575  1.00 12.35 ? 15  DT  B "C1'"  1 
ATOM   492 N  N1     . DT  B 2 5  ? 2.998   -3.882  -5.521  1.00 11.39 ? 15  DT  B N1     1 
ATOM   493 C  C2     . DT  B 2 5  ? 1.846   -3.317  -5.998  1.00 11.23 ? 15  DT  B C2     1 
ATOM   494 O  O2     . DT  B 2 5  ? 1.563   -3.256  -7.201  1.00 12.34 ? 15  DT  B O2     1 
ATOM   495 N  N3     . DT  B 2 5  ? 1.012   -2.821  -5.008  1.00 11.24 ? 15  DT  B N3     1 
ATOM   496 C  C4     . DT  B 2 5  ? 1.268   -2.870  -3.667  1.00 10.45 ? 15  DT  B C4     1 
ATOM   497 O  O4     . DT  B 2 5  ? 0.422   -2.388  -2.892  1.00 11.80 ? 15  DT  B O4     1 
ATOM   498 C  C5     . DT  B 2 5  ? 2.491   -3.451  -3.272  1.00 11.12 ? 15  DT  B C5     1 
ATOM   499 C  C7     . DT  B 2 5  ? 2.864   -3.536  -1.802  1.00 12.37 ? 15  DT  B C7     1 
ATOM   500 C  C6     . DT  B 2 5  ? 3.314   -3.934  -4.218  1.00 11.45 ? 15  DT  B C6     1 
ATOM   501 H  "H5'"  . DT  B 2 5  ? 6.606   -6.735  -4.819  1.00 14.89 ? 15  DT  B "H5'"  1 
ATOM   502 H  "H5''" . DT  B 2 5  ? 7.728   -5.602  -4.988  1.00 14.89 ? 15  DT  B "H5''" 1 
ATOM   503 H  "H4'"  . DT  B 2 5  ? 6.397   -5.640  -6.894  1.00 14.77 ? 15  DT  B "H4'"  1 
ATOM   504 H  "H3'"  . DT  B 2 5  ? 5.880   -3.235  -5.365  1.00 14.85 ? 15  DT  B "H3'"  1 
ATOM   505 H  "H2'"  . DT  B 2 5  ? 4.599   -2.585  -7.194  1.00 14.76 ? 15  DT  B "H2'"  1 
ATOM   506 H  "H2''" . DT  B 2 5  ? 5.158   -3.805  -8.095  1.00 14.76 ? 15  DT  B "H2''" 1 
ATOM   507 H  "H1'"  . DT  B 2 5  ? 3.361   -4.784  -7.316  1.00 14.82 ? 15  DT  B "H1'"  1 
ATOM   508 H  H3     . DT  B 2 5  ? 0.259   -2.445  -5.264  1.00 13.48 ? 15  DT  B H3     1 
ATOM   509 H  H71    . DT  B 2 5  ? 2.148   -3.142  -1.261  1.00 18.56 ? 15  DT  B H71    1 
ATOM   510 H  H72    . DT  B 2 5  ? 3.698   -3.046  -1.647  1.00 18.56 ? 15  DT  B H72    1 
ATOM   511 H  H73    . DT  B 2 5  ? 2.984   -4.475  -1.550  1.00 18.56 ? 15  DT  B H73    1 
ATOM   512 H  H6     . DT  B 2 5  ? 4.140   -4.323  -3.957  1.00 13.74 ? 15  DT  B H6     1 
ATOM   513 P  P      . DC  B 2 6  ? 7.920   -1.896  -6.453  1.00 14.14 ? 16  DC  B P      1 
ATOM   514 O  OP1    . DC  B 2 6  ? 9.290   -1.887  -7.003  1.00 16.84 ? 16  DC  B OP1    1 
ATOM   515 O  OP2    . DC  B 2 6  ? 7.707   -1.599  -5.008  1.00 15.70 ? 16  DC  B OP2    1 
ATOM   516 O  "O5'"  . DC  B 2 6  ? 7.020   -0.878  -7.274  1.00 12.68 ? 16  DC  B "O5'"  1 
ATOM   517 C  "C5'"  . DC  B 2 6  ? 7.038   -0.930  -8.711  1.00 12.38 ? 16  DC  B "C5'"  1 
ATOM   518 C  "C4'"  . DC  B 2 6  ? 5.994   -0.011  -9.240  1.00 11.47 ? 16  DC  B "C4'"  1 
ATOM   519 O  "O4'"  . DC  B 2 6  ? 4.697   -0.525  -8.854  1.00 12.05 ? 16  DC  B "O4'"  1 
ATOM   520 C  "C3'"  . DC  B 2 6  ? 5.951   1.438   -8.722  1.00 11.55 ? 16  DC  B "C3'"  1 
ATOM   521 O  "O3'"  . DC  B 2 6  ? 6.901   2.216   -9.413  1.00 11.40 ? 16  DC  B "O3'"  1 
ATOM   522 C  "C2'"  . DC  B 2 6  ? 4.540   1.838   -9.016  1.00 12.00 ? 16  DC  B "C2'"  1 
ATOM   523 C  "C1'"  . DC  B 2 6  ? 3.804   0.569   -8.691  1.00 11.50 ? 16  DC  B "C1'"  1 
ATOM   524 N  N1     . DC  B 2 6  ? 3.294   0.506   -7.311  1.00 11.52 ? 16  DC  B N1     1 
ATOM   525 C  C2     . DC  B 2 6  ? 2.098   1.126   -7.058  1.00 11.07 ? 16  DC  B C2     1 
ATOM   526 O  O2     . DC  B 2 6  ? 1.498   1.738   -7.992  1.00 12.01 ? 16  DC  B O2     1 
ATOM   527 N  N3     . DC  B 2 6  ? 1.597   1.091   -5.777  1.00 11.52 ? 16  DC  B N3     1 
ATOM   528 C  C4     . DC  B 2 6  ? 2.248   0.453   -4.801  1.00 12.13 ? 16  DC  B C4     1 
ATOM   529 N  N4     . DC  B 2 6  ? 1.725   0.436   -3.570  1.00 12.56 ? 16  DC  B N4     1 
ATOM   530 C  C5     . DC  B 2 6  ? 3.482   -0.182  -5.097  1.00 12.15 ? 16  DC  B C5     1 
ATOM   531 C  C6     . DC  B 2 6  ? 3.979   -0.163  -6.302  1.00 12.11 ? 16  DC  B C6     1 
ATOM   532 H  "H5'"  . DC  B 2 6  ? 6.859   -1.855  -9.016  1.00 14.85 ? 16  DC  B "H5'"  1 
ATOM   533 H  "H5''" . DC  B 2 6  ? 7.928   -0.659  -9.047  1.00 14.85 ? 16  DC  B "H5''" 1 
ATOM   534 H  "H4'"  . DC  B 2 6  ? 6.052   0.004   -10.238 1.00 13.76 ? 16  DC  B "H4'"  1 
ATOM   535 H  "H3'"  . DC  B 2 6  ? 6.126   1.464   -7.737  1.00 13.86 ? 16  DC  B "H3'"  1 
ATOM   536 H  "H2'"  . DC  B 2 6  ? 4.245   2.586   -8.437  1.00 14.40 ? 16  DC  B "H2'"  1 
ATOM   537 H  "H2''" . DC  B 2 6  ? 4.424   2.091   -9.966  1.00 14.40 ? 16  DC  B "H2''" 1 
ATOM   538 H  "H1'"  . DC  B 2 6  ? 3.039   0.464   -9.327  1.00 13.80 ? 16  DC  B "H1'"  1 
ATOM   539 H  H41    . DC  B 2 6  ? 0.961   0.842   -3.412  1.00 15.07 ? 16  DC  B H41    1 
ATOM   540 H  H42    . DC  B 2 6  ? 2.145   0.018   -2.920  1.00 15.07 ? 16  DC  B H42    1 
ATOM   541 H  H5     . DC  B 2 6  ? 3.954   -0.630  -4.404  1.00 14.58 ? 16  DC  B H5     1 
ATOM   542 H  H6     . DC  B 2 6  ? 4.802   -0.599  -6.488  1.00 14.53 ? 16  DC  B H6     1 
ATOM   543 P  P      . DT  B 2 7  ? 7.680   3.342   -8.589  1.00 10.88 ? 17  DT  B P      1 
ATOM   544 O  OP1    . DT  B 2 7  ? 8.586   3.975   -9.585  1.00 11.67 ? 17  DT  B OP1    1 
ATOM   545 O  OP2    . DT  B 2 7  ? 8.229   2.844   -7.335  1.00 11.36 ? 17  DT  B OP2    1 
ATOM   546 O  "O5'"  . DT  B 2 7  ? 6.529   4.343   -8.180  1.00 10.27 ? 17  DT  B "O5'"  1 
ATOM   547 C  "C5'"  . DT  B 2 7  ? 5.915   5.210   -9.121  1.00 10.51 ? 17  DT  B "C5'"  1 
ATOM   548 C  "C4'"  . DT  B 2 7  ? 4.841   6.025   -8.463  1.00 9.85  ? 17  DT  B "C4'"  1 
ATOM   549 O  "O4'"  . DT  B 2 7  ? 3.820   5.126   -7.972  1.00 10.49 ? 17  DT  B "O4'"  1 
ATOM   550 C  "C3'"  . DT  B 2 7  ? 5.207   6.865   -7.257  1.00 9.88  ? 17  DT  B "C3'"  1 
ATOM   551 O  "O3'"  . DT  B 2 7  ? 5.782   8.095   -7.693  1.00 10.03 ? 17  DT  B "O3'"  1 
ATOM   552 C  "C2'"  . DT  B 2 7  ? 3.882   7.016   -6.595  1.00 9.90  ? 17  DT  B "C2'"  1 
ATOM   553 C  "C1'"  . DT  B 2 7  ? 3.235   5.647   -6.797  1.00 10.18 ? 17  DT  B "C1'"  1 
ATOM   554 N  N1     . DT  B 2 7  ? 3.506   4.752   -5.646  1.00 10.54 ? 17  DT  B N1     1 
ATOM   555 C  C2     . DT  B 2 7  ? 2.621   4.847   -4.606  1.00 11.06 ? 17  DT  B C2     1 
ATOM   556 O  O2     . DT  B 2 7  ? 1.633   5.594   -4.626  1.00 12.11 ? 17  DT  B O2     1 
ATOM   557 N  N3     . DT  B 2 7  ? 2.886   4.039   -3.557  1.00 10.79 ? 17  DT  B N3     1 
ATOM   558 C  C4     . DT  B 2 7  ? 3.961   3.179   -3.419  1.00 10.49 ? 17  DT  B C4     1 
ATOM   559 O  O4     . DT  B 2 7  ? 4.049   2.523   -2.379  1.00 11.46 ? 17  DT  B O4     1 
ATOM   560 C  C5     . DT  B 2 7  ? 4.882   3.131   -4.527  1.00 10.46 ? 17  DT  B C5     1 
ATOM   561 C  C7     . DT  B 2 7  ? 6.078   2.266   -4.519  1.00 11.39 ? 17  DT  B C7     1 
ATOM   562 C  C6     . DT  B 2 7  ? 4.611   3.939   -5.596  1.00 10.19 ? 17  DT  B C6     1 
ATOM   563 H  "H5'"  . DT  B 2 7  ? 5.522   4.677   -9.855  1.00 12.61 ? 17  DT  B "H5'"  1 
ATOM   564 H  "H5''" . DT  B 2 7  ? 6.597   5.814   -9.509  1.00 12.61 ? 17  DT  B "H5''" 1 
ATOM   565 H  "H4'"  . DT  B 2 7  ? 4.431   6.622   -9.152  1.00 11.81 ? 17  DT  B "H4'"  1 
ATOM   566 H  "H3'"  . DT  B 2 7  ? 5.842   6.371   -6.664  1.00 11.85 ? 17  DT  B "H3'"  1 
ATOM   567 H  "H2'"  . DT  B 2 7  ? 3.986   7.222   -5.632  1.00 11.88 ? 17  DT  B "H2'"  1 
ATOM   568 H  "H2''" . DT  B 2 7  ? 3.348   7.730   -7.023  1.00 11.88 ? 17  DT  B "H2''" 1 
ATOM   569 H  "H1'"  . DT  B 2 7  ? 2.248   5.750   -6.924  1.00 12.21 ? 17  DT  B "H1'"  1 
ATOM   570 H  H3     . DT  B 2 7  ? 2.313   4.061   -2.889  1.00 12.95 ? 17  DT  B H3     1 
ATOM   571 H  H71    . DT  B 2 7  ? 6.112   1.764   -3.678  1.00 17.08 ? 17  DT  B H71    1 
ATOM   572 H  H72    . DT  B 2 7  ? 6.881   2.819   -4.603  1.00 17.08 ? 17  DT  B H72    1 
ATOM   573 H  H73    . DT  B 2 7  ? 6.032   1.640   -5.272  1.00 17.08 ? 17  DT  B H73    1 
ATOM   574 H  H6     . DT  B 2 7  ? 5.211   3.938   -6.333  1.00 12.22 ? 17  DT  B H6     1 
ATOM   575 P  P      . DT  B 2 8  ? 6.794   8.916   -6.744  1.00 9.99  ? 18  DT  B P      1 
ATOM   576 O  OP1    . DT  B 2 8  ? 7.323   10.014  -7.604  1.00 10.65 ? 18  DT  B OP1    1 
ATOM   577 O  OP2    . DT  B 2 8  ? 7.710   7.982   -6.056  1.00 10.32 ? 18  DT  B OP2    1 
ATOM   578 O  "O5'"  . DT  B 2 8  ? 5.829   9.508   -5.618  1.00 9.73  ? 18  DT  B "O5'"  1 
ATOM   579 C  "C5'"  . DT  B 2 8  ? 4.855   10.510  -6.016  1.00 9.45  ? 18  DT  B "C5'"  1 
ATOM   580 C  "C4'"  . DT  B 2 8  ? 3.869   10.759  -4.894  1.00 9.75  ? 18  DT  B "C4'"  1 
ATOM   581 O  "O4'"  . DT  B 2 8  ? 3.253   9.512   -4.537  1.00 10.29 ? 18  DT  B "O4'"  1 
ATOM   582 C  "C3'"  . DT  B 2 8  ? 4.372   11.316  -3.576  1.00 9.83  ? 18  DT  B "C3'"  1 
ATOM   583 O  "O3'"  . DT  B 2 8  ? 4.507   12.727  -3.707  1.00 10.10 ? 18  DT  B "O3'"  1 
ATOM   584 C  "C2'"  . DT  B 2 8  ? 3.258   10.891  -2.643  1.00 10.48 ? 18  DT  B "C2'"  1 
ATOM   585 C  "C1'"  . DT  B 2 8  ? 2.897   9.575   -3.151  1.00 10.56 ? 18  DT  B "C1'"  1 
ATOM   586 N  N1     . DT  B 2 8  ? 3.594   8.422   -2.493  1.00 10.41 ? 18  DT  B N1     1 
ATOM   587 C  C2     . DT  B 2 8  ? 3.028   8.007   -1.321  1.00 10.12 ? 18  DT  B C2     1 
ATOM   588 O  O2     . DT  B 2 8  ? 2.044   8.522   -0.862  1.00 11.46 ? 18  DT  B O2     1 
ATOM   589 N  N3     . DT  B 2 8  ? 3.663   6.948   -0.701  1.00 10.52 ? 18  DT  B N3     1 
ATOM   590 C  C4     . DT  B 2 8  ? 4.807   6.302   -1.166  1.00 11.17 ? 18  DT  B C4     1 
ATOM   591 O  O4     . DT  B 2 8  ? 5.266   5.366   -0.503  1.00 12.82 ? 18  DT  B O4     1 
ATOM   592 C  C5     . DT  B 2 8  ? 5.331   6.806   -2.375  1.00 10.94 ? 18  DT  B C5     1 
ATOM   593 C  C7     . DT  B 2 8  ? 6.549   6.200   -2.969  1.00 12.09 ? 18  DT  B C7     1 
ATOM   594 C  C6     . DT  B 2 8  ? 4.715   7.857   -2.999  1.00 10.31 ? 18  DT  B C6     1 
ATOM   595 H  "H5'"  . DT  B 2 8  ? 4.370   10.200  -6.821  1.00 11.34 ? 18  DT  B "H5'"  1 
ATOM   596 H  "H5''" . DT  B 2 8  ? 5.321   11.354  -6.242  1.00 11.34 ? 18  DT  B "H5''" 1 
ATOM   597 H  "H4'"  . DT  B 2 8  ? 3.156   11.371  -5.236  1.00 11.70 ? 18  DT  B "H4'"  1 
ATOM   598 H  "H3'"  . DT  B 2 8  ? 5.240   10.894  -3.316  1.00 11.79 ? 18  DT  B "H3'"  1 
ATOM   599 H  "H2'"  . DT  B 2 8  ? 3.576   10.838  -1.706  1.00 12.58 ? 18  DT  B "H2'"  1 
ATOM   600 H  "H2''" . DT  B 2 8  ? 2.492   11.516  -2.691  1.00 12.58 ? 18  DT  B "H2''" 1 
ATOM   601 H  "H1'"  . DT  B 2 8  ? 1.909   9.451   -3.063  1.00 12.68 ? 18  DT  B "H1'"  1 
ATOM   602 H  H3     . DT  B 2 8  ? 3.315   6.656   0.052   1.00 12.62 ? 18  DT  B H3     1 
ATOM   603 H  H71    . DT  B 2 8  ? 6.858   5.464   -2.402  1.00 18.14 ? 18  DT  B H71    1 
ATOM   604 H  H72    . DT  B 2 8  ? 7.252   6.880   -3.036  1.00 18.14 ? 18  DT  B H72    1 
ATOM   605 H  H73    . DT  B 2 8  ? 6.339   5.858   -3.863  1.00 18.14 ? 18  DT  B H73    1 
ATOM   606 H  H6     . DT  B 2 8  ? 5.083   8.198   -3.805  1.00 12.37 ? 18  DT  B H6     1 
ATOM   607 P  P      . DT  B 2 9  ? 5.326   13.585  -2.622  1.00 10.08 ? 19  DT  B P      1 
ATOM   608 O  OP1    . DT  B 2 9  ? 5.239   14.979  -3.112  1.00 11.03 ? 19  DT  B OP1    1 
ATOM   609 O  OP2    . DT  B 2 9  ? 6.646   12.987  -2.349  1.00 10.45 ? 19  DT  B OP2    1 
ATOM   610 O  "O5'"  . DT  B 2 9  ? 4.515   13.414  -1.260  1.00 10.17 ? 19  DT  B "O5'"  1 
ATOM   611 C  "C5'"  . DT  B 2 9  ? 3.226   13.990  -1.045  1.00 10.83 ? 19  DT  B "C5'"  1 
ATOM   612 C  "C4'"  A DT  B 2 9  ? 2.751   13.760  0.342   0.60 12.24 ? 19  DT  B "C4'"  1 
ATOM   613 C  "C4'"  B DT  B 2 9  ? 2.821   13.692  0.382   0.40 12.39 ? 19  DT  B "C4'"  1 
ATOM   614 O  "O4'"  A DT  B 2 9  ? 2.733   12.335  0.506   0.60 13.09 ? 19  DT  B "O4'"  1 
ATOM   615 O  "O4'"  B DT  B 2 9  ? 2.694   12.282  0.668   0.40 13.08 ? 19  DT  B "O4'"  1 
ATOM   616 C  "C3'"  A DT  B 2 9  ? 3.682   14.357  1.372   0.60 13.74 ? 19  DT  B "C3'"  1 
ATOM   617 C  "C3'"  B DT  B 2 9  ? 3.805   14.016  1.503   0.40 13.33 ? 19  DT  B "C3'"  1 
ATOM   618 O  "O3'"  A DT  B 2 9  ? 3.077   15.527  1.924   0.60 14.00 ? 19  DT  B "O3'"  1 
ATOM   619 O  "O3'"  B DT  B 2 9  ? 3.823   15.410  1.716   0.40 14.91 ? 19  DT  B "O3'"  1 
ATOM   620 C  "C2'"  A DT  B 2 9  ? 3.920   13.245  2.371   0.60 14.83 ? 19  DT  B "C2'"  1 
ATOM   621 C  "C2'"  B DT  B 2 9  ? 3.306   13.262  2.711   0.40 13.78 ? 19  DT  B "C2'"  1 
ATOM   622 C  "C1'"  A DT  B 2 9  ? 3.167   12.061  1.836   0.60 14.44 ? 19  DT  B "C1'"  1 
ATOM   623 C  "C1'"  B DT  B 2 9  ? 3.032   11.948  2.048   0.40 14.23 ? 19  DT  B "C1'"  1 
ATOM   624 N  N1     . DT  B 2 9  ? 4.022   10.871  1.785   1.00 13.09 ? 19  DT  B N1     1 
ATOM   625 C  C2     . DT  B 2 9  ? 3.847   9.827   2.691   1.00 13.88 ? 19  DT  B C2     1 
ATOM   626 O  O2     . DT  B 2 9  ? 2.994   9.833   3.561   1.00 15.05 ? 19  DT  B O2     1 
ATOM   627 N  N3     . DT  B 2 9  ? 4.724   8.795   2.519   1.00 12.21 ? 19  DT  B N3     1 
ATOM   628 C  C4     . DT  B 2 9  ? 5.711   8.677   1.573   1.00 11.72 ? 19  DT  B C4     1 
ATOM   629 O  O4     . DT  B 2 9  ? 6.416   7.662   1.552   1.00 13.29 ? 19  DT  B O4     1 
ATOM   630 C  C5     . DT  B 2 9  ? 5.830   9.812   0.670   1.00 11.88 ? 19  DT  B C5     1 
ATOM   631 C  C7     . DT  B 2 9  ? 6.870   9.764   -0.374  1.00 11.72 ? 19  DT  B C7     1 
ATOM   632 C  C6     . DT  B 2 9  ? 4.979   10.851  0.817   1.00 12.07 ? 19  DT  B C6     1 
ATOM   633 H  "H5'"  A DT  B 2 9  ? 2.580   13.595  -1.682  1.00 13.00 ? 19  DT  B "H5'"  1 
ATOM   634 H  "H5''" A DT  B 2 9  ? 3.270   14.964  -1.218  1.00 13.00 ? 19  DT  B "H5''" 1 
ATOM   635 H  "H4'"  A DT  B 2 9  ? 1.829   14.131  0.456   0.60 14.69 ? 19  DT  B "H4'"  1 
ATOM   636 H  "H4'"  B DT  B 2 9  ? 1.949   14.142  0.574   0.40 14.86 ? 19  DT  B "H4'"  1 
ATOM   637 H  "H3'"  A DT  B 2 9  ? 4.547   14.603  0.936   0.60 16.49 ? 19  DT  B "H3'"  1 
ATOM   638 H  "H3'"  B DT  B 2 9  ? 4.720   13.698  1.256   0.40 16.00 ? 19  DT  B "H3'"  1 
ATOM   639 H  "H2'"  A DT  B 2 9  ? 4.886   13.041  2.444   0.60 17.79 ? 19  DT  B "H2'"  1 
ATOM   640 H  "H2'"  B DT  B 2 9  ? 3.997   13.188  3.415   0.40 16.54 ? 19  DT  B "H2'"  1 
ATOM   641 H  "H2''" A DT  B 2 9  ? 3.580   13.500  3.266   0.60 17.79 ? 19  DT  B "H2''" 1 
ATOM   642 H  "H2''" B DT  B 2 9  ? 2.485   13.667  3.089   0.40 16.54 ? 19  DT  B "H2''" 1 
ATOM   643 H  "H1'"  A DT  B 2 9  ? 2.373   11.878  2.416   0.60 17.33 ? 19  DT  B "H1'"  1 
ATOM   644 H  "H1'"  B DT  B 2 9  ? 2.229   11.538  2.479   0.40 17.08 ? 19  DT  B "H1'"  1 
ATOM   645 H  H3     . DT  B 2 9  ? 4.647   8.123   3.083   1.00 14.66 ? 19  DT  B H3     1 
ATOM   646 H  H71    . DT  B 2 9  ? 7.375   8.928   -0.295  1.00 17.58 ? 19  DT  B H71    1 
ATOM   647 H  H72    . DT  B 2 9  ? 7.478   10.525  -0.263  1.00 17.58 ? 19  DT  B H72    1 
ATOM   648 H  H73    . DT  B 2 9  ? 6.448   9.809   -1.257  1.00 17.58 ? 19  DT  B H73    1 
ATOM   649 H  H6     . DT  B 2 9  ? 5.051   11.591  0.225   1.00 14.48 ? 19  DT  B H6     1 
ATOM   650 P  P      A DG  B 2 10 ? 3.736   16.800  2.630   0.60 16.14 ? 20  DG  B P      1 
ATOM   651 P  P      B DG  B 2 10 ? 2.748   16.265  2.512   0.40 16.38 ? 20  DG  B P      1 
ATOM   652 O  OP1    A DG  B 2 10 ? 2.591   17.779  2.659   0.60 17.63 ? 20  DG  B OP1    1 
ATOM   653 O  OP1    B DG  B 2 10 ? 1.484   16.286  1.789   0.40 18.86 ? 20  DG  B OP1    1 
ATOM   654 O  OP2    A DG  B 2 10 ? 4.889   17.274  1.854   0.60 20.55 ? 20  DG  B OP2    1 
ATOM   655 O  OP2    B DG  B 2 10 ? 3.512   17.565  2.532   0.40 20.17 ? 20  DG  B OP2    1 
ATOM   656 O  "O5'"  A DG  B 2 10 ? 4.138   16.350  4.075   0.60 16.34 ? 20  DG  B "O5'"  1 
ATOM   657 O  "O5'"  B DG  B 2 10 ? 2.680   15.836  4.027   0.40 16.32 ? 20  DG  B "O5'"  1 
ATOM   658 C  "C5'"  A DG  B 2 10 ? 2.959   15.973  4.845   0.60 16.25 ? 20  DG  B "C5'"  1 
ATOM   659 C  "C5'"  B DG  B 2 10 ? 3.713   16.338  4.894   0.40 16.41 ? 20  DG  B "C5'"  1 
ATOM   660 C  "C4'"  A DG  B 2 10 ? 3.348   15.249  6.107   0.60 16.74 ? 20  DG  B "C4'"  1 
ATOM   661 C  "C4'"  B DG  B 2 10 ? 3.719   15.563  6.189   0.40 16.04 ? 20  DG  B "C4'"  1 
ATOM   662 O  "O4'"  A DG  B 2 10 ? 3.857   13.957  5.735   0.60 16.48 ? 20  DG  B "O4'"  1 
ATOM   663 O  "O4'"  B DG  B 2 10 ? 3.911   14.182  5.827   0.40 15.66 ? 20  DG  B "O4'"  1 
ATOM   664 C  "C3'"  A DG  B 2 10 ? 4.420   15.957  6.893   0.60 16.84 ? 20  DG  B "C3'"  1 
ATOM   665 C  "C3'"  B DG  B 2 10 ? 4.809   15.890  7.183   0.40 16.46 ? 20  DG  B "C3'"  1 
ATOM   666 O  "O3'"  A DG  B 2 10 ? 4.023   15.849  8.261   0.60 18.51 ? 20  DG  B "O3'"  1 
ATOM   667 O  "O3'"  B DG  B 2 10 ? 4.491   15.630  8.548   0.40 20.68 ? 20  DG  B "O3'"  1 
ATOM   668 C  "C2'"  A DG  B 2 10 ? 5.652   15.205  6.487   0.60 16.74 ? 20  DG  B "C2'"  1 
ATOM   669 C  "C2'"  B DG  B 2 10 ? 5.895   14.929  6.789   0.40 16.15 ? 20  DG  B "C2'"  1 
ATOM   670 C  "C1'"  A DG  B 2 10 ? 5.101   13.773  6.359   0.60 15.67 ? 20  DG  B "C1'"  1 
ATOM   671 C  "C1'"  B DG  B 2 10 ? 5.078   13.681  6.417   0.40 15.44 ? 20  DG  B "C1'"  1 
ATOM   672 N  N9     . DG  B 2 10 ? 5.915   12.901  5.542   1.00 13.83 ? 20  DG  B N9     1 
ATOM   673 C  C8     . DG  B 2 10 ? 6.666   13.310  4.440   1.00 14.10 ? 20  DG  B C8     1 
ATOM   674 N  N7     . DG  B 2 10 ? 7.314   12.310  3.875   1.00 13.33 ? 20  DG  B N7     1 
ATOM   675 C  C5     . DG  B 2 10 ? 6.964   11.213  4.656   1.00 12.07 ? 20  DG  B C5     1 
ATOM   676 C  C6     . DG  B 2 10 ? 7.366   9.844   4.529   1.00 11.36 ? 20  DG  B C6     1 
ATOM   677 O  O6     . DG  B 2 10 ? 8.116   9.333   3.693   1.00 11.86 ? 20  DG  B O6     1 
ATOM   678 N  N1     . DG  B 2 10 ? 6.786   9.075   5.520   1.00 11.63 ? 20  DG  B N1     1 
ATOM   679 C  C2     . DG  B 2 10 ? 5.943   9.515   6.495   1.00 11.53 ? 20  DG  B C2     1 
ATOM   680 N  N2     . DG  B 2 10 ? 5.489   8.581   7.366   1.00 13.17 ? 20  DG  B N2     1 
ATOM   681 N  N3     . DG  B 2 10 ? 5.575   10.786  6.606   1.00 12.92 ? 20  DG  B N3     1 
ATOM   682 C  C4     . DG  B 2 10 ? 6.125   11.575  5.652   1.00 12.04 ? 20  DG  B C4     1 
ATOM   683 H  "H5'"  A DG  B 2 10 ? 2.378   15.389  4.295   0.60 19.51 ? 20  DG  B "H5'"  1 
ATOM   684 H  "H5'"  B DG  B 2 10 ? 3.555   17.297  5.081   0.40 19.70 ? 20  DG  B "H5'"  1 
ATOM   685 H  "H5''" A DG  B 2 10 ? 2.443   16.786  5.077   0.60 19.51 ? 20  DG  B "H5''" 1 
ATOM   686 H  "H5''" B DG  B 2 10 ? 4.593   16.252  4.449   0.40 19.70 ? 20  DG  B "H5''" 1 
ATOM   687 H  "H4'"  A DG  B 2 10 ? 2.540   15.132  6.683   0.60 20.08 ? 20  DG  B "H4'"  1 
ATOM   688 H  "H4'"  B DG  B 2 10 ? 2.831   15.663  6.634   0.40 19.25 ? 20  DG  B "H4'"  1 
ATOM   689 H  "H3'"  A DG  B 2 10 ? 4.485   16.916  6.618   0.60 20.21 ? 20  DG  B "H3'"  1 
ATOM   690 H  "H3'"  B DG  B 2 10 ? 5.117   16.835  7.067   0.40 19.76 ? 20  DG  B "H3'"  1 
ATOM   691 H  "H2'"  A DG  B 2 10 ? 6.011   15.534  5.625   0.60 20.09 ? 20  DG  B "H2'"  1 
ATOM   692 H  "H2'"  B DG  B 2 10 ? 6.413   15.266  6.016   0.40 19.38 ? 20  DG  B "H2'"  1 
ATOM   693 H  "H2''" A DG  B 2 10 ? 6.357   15.263  7.179   0.60 20.09 ? 20  DG  B "H2''" 1 
ATOM   694 H  "H2''" B DG  B 2 10 ? 6.509   14.749  7.543   0.40 19.38 ? 20  DG  B "H2''" 1 
ATOM   695 H  "H1'"  A DG  B 2 10 ? 4.974   13.372  7.266   0.60 18.80 ? 20  DG  B "H1'"  1 
ATOM   696 H  "H1'"  B DG  B 2 10 ? 4.852   13.158  7.239   0.40 18.53 ? 20  DG  B "H1'"  1 
ATOM   697 H  H8     . DG  B 2 10 ? 6.704   14.208  4.130   1.00 16.92 ? 20  DG  B H8     1 
ATOM   698 H  H1     . DG  B 2 10 ? 6.979   8.217   5.520   1.00 13.95 ? 20  DG  B H1     1 
ATOM   699 H  H21    . DG  B 2 10 ? 4.943   8.815   8.015   1.00 15.80 ? 20  DG  B H21    1 
ATOM   700 H  H22    . DG  B 2 10 ? 5.740   7.743   7.282   1.00 15.80 ? 20  DG  B H22    1 
HETATM 701 MG MG     . MG  C 3 .  ? -6.778  -14.940 -8.910  1.00 8.27  ? 31  MG  A MG     1 
HETATM 702 MG MG     . MG  D 3 .  ? -5.260  1.913   -0.861  1.00 16.58 ? 32  MG  A MG     1 
HETATM 703 MG MG     . MG  E 3 .  ? -7.977  -11.602 -4.792  1.00 8.77  ? 33  MG  A MG     1 
HETATM 704 MG MG     . MG  F 3 .  ? 3.592   -0.418  2.469   0.70 21.74 ? 35  MG  A MG     1 
HETATM 705 MG MG     . MG  G 3 .  ? -11.215 -0.943  -10.780 0.30 32.26 ? 36  MG  A MG     1 
HETATM 706 MG MG     . MG  H 3 .  ? 7.731   11.878  -8.289  1.00 11.58 ? 34  MG  B MG     1 
HETATM 707 O  O      . HOH I 4 .  ? -0.702  -9.501  -5.678  1.00 12.53 ? 28  HOH A O      1 
HETATM 708 O  O      . HOH I 4 .  ? -1.455  0.838   -0.932  1.00 13.16 ? 29  HOH A O      1 
HETATM 709 O  O      . HOH I 4 .  ? -7.455  -8.083  -1.689  1.00 18.67 ? 44  HOH A O      1 
HETATM 710 O  O      . HOH I 4 .  ? -4.083  -0.676  -12.169 1.00 21.29 ? 45  HOH A O      1 
HETATM 711 O  O      . HOH I 4 .  ? -5.503  -6.260  -13.087 1.00 45.61 ? 46  HOH A O      1 
HETATM 712 O  O      . HOH I 4 .  ? -5.764  -20.831 -2.055  1.00 24.48 ? 47  HOH A O      1 
HETATM 713 O  O      . HOH I 4 .  ? -0.469  0.712   2.481   1.00 26.16 ? 48  HOH A O      1 
HETATM 714 O  O      . HOH I 4 .  ? -7.933  0.338   -4.527  1.00 30.67 ? 49  HOH A O      1 
HETATM 715 O  O      . HOH I 4 .  ? -8.134  -6.119  -0.226  1.00 31.63 ? 50  HOH A O      1 
HETATM 716 O  O      . HOH I 4 .  ? -0.586  8.886   4.459   1.00 27.90 ? 51  HOH A O      1 
HETATM 717 O  O      . HOH I 4 .  ? -8.647  -11.464 -9.681  1.00 20.42 ? 52  HOH A O      1 
HETATM 718 O  O      . HOH I 4 .  ? -8.421  -7.630  -4.475  1.00 25.61 ? 55  HOH A O      1 
HETATM 719 O  O      . HOH I 4 .  ? -8.089  -5.634  -6.560  1.00 29.91 ? 58  HOH A O      1 
HETATM 720 O  O      . HOH I 4 .  ? -2.759  -3.075  -11.957 1.00 21.44 ? 59  HOH A O      1 
HETATM 721 O  O      . HOH I 4 .  ? 2.115   6.975   8.502   1.00 26.69 ? 61  HOH A O      1 
HETATM 722 O  O      . HOH I 4 .  ? -6.247  -1.432  -3.302  1.00 31.26 ? 62  HOH A O      1 
HETATM 723 O  O      . HOH I 4 .  ? -0.779  -19.666 -4.311  1.00 22.19 ? 63  HOH A O      1 
HETATM 724 O  O      . HOH I 4 .  ? -10.049 -10.031 -8.025  1.00 35.13 ? 64  HOH A O      1 
HETATM 725 O  O      . HOH I 4 .  ? 9.341   4.089   1.937   1.00 28.01 ? 65  HOH A O      1 
HETATM 726 O  O      . HOH I 4 .  ? -7.406  1.273   -12.235 1.00 27.03 ? 66  HOH A O      1 
HETATM 727 O  O      . HOH I 4 .  ? -5.803  -9.499  -12.733 1.00 27.14 ? 67  HOH A O      1 
HETATM 728 O  O      . HOH I 4 .  ? -7.534  8.908   -6.328  1.00 25.93 ? 68  HOH A O      1 
HETATM 729 O  O      . HOH I 4 .  ? -3.188  0.372   -14.463 1.00 29.05 ? 70  HOH A O      1 
HETATM 730 O  O      . HOH I 4 .  ? -6.974  -4.301  -2.316  1.00 34.92 ? 71  HOH A O      1 
HETATM 731 O  O      . HOH I 4 .  ? -10.178 6.066   -7.599  1.00 34.17 ? 72  HOH A O      1 
HETATM 732 O  O      . HOH I 4 .  ? 6.999   2.489   13.115  1.00 29.21 ? 73  HOH A O      1 
HETATM 733 O  O      . HOH I 4 .  ? -0.144  -14.233 0.064   1.00 32.40 ? 74  HOH A O      1 
HETATM 734 O  O      . HOH I 4 .  ? -3.396  0.478   2.419   0.50 27.52 ? 75  HOH A O      1 
HETATM 735 O  O      . HOH I 4 .  ? -2.472  -3.762  -14.127 0.50 34.42 ? 77  HOH A O      1 
HETATM 736 O  O      . HOH I 4 .  ? 6.979   2.243   3.085   1.00 35.67 ? 79  HOH A O      1 
HETATM 737 O  O      . HOH I 4 .  ? -8.662  -2.912  -5.866  1.00 31.70 ? 80  HOH A O      1 
HETATM 738 O  O      . HOH I 4 .  ? -10.774 -7.852  -8.720  0.50 38.37 ? 83  HOH A O      1 
HETATM 739 O  O      . HOH I 4 .  ? 0.820   9.317   7.251   1.00 35.21 ? 86  HOH A O      1 
HETATM 740 O  O      . HOH I 4 .  ? -6.122  -11.276 -10.815 1.00 14.56 ? 87  HOH A O      1 
HETATM 741 O  O      . HOH I 4 .  ? -9.587  -8.348  -12.812 1.00 39.04 ? 90  HOH A O      1 
HETATM 742 O  O      . HOH I 4 .  ? 0.190   -19.425 0.382   1.00 35.13 ? 94  HOH A O      1 
HETATM 743 O  O      . HOH I 4 .  ? -6.540  1.566   -14.891 1.00 37.89 ? 99  HOH A O      1 
HETATM 744 O  O      . HOH I 4 .  ? -12.109 -3.205  -8.316  0.30 23.55 ? 101 HOH A O      1 
HETATM 745 O  O      . HOH I 4 .  ? -10.211 6.146   -2.044  1.00 38.64 ? 102 HOH A O      1 
HETATM 746 O  O      . HOH I 4 .  ? 1.940   -0.695  6.230   1.00 49.30 ? 103 HOH A O      1 
HETATM 747 O  O      . HOH I 4 .  ? -8.756  7.662   0.982   1.00 44.48 ? 104 HOH A O      1 
HETATM 748 O  O      . HOH I 4 .  ? -7.496  2.563   2.932   1.00 43.96 ? 107 HOH A O      1 
HETATM 749 O  O      . HOH I 4 .  ? 4.978   -1.101  6.297   1.00 38.65 ? 116 HOH A O      1 
HETATM 750 O  O      . HOH I 4 .  ? 1.984   -19.657 -1.181  1.00 32.18 ? 117 HOH A O      1 
HETATM 751 O  O      . HOH I 4 .  ? -11.141 -5.608  -8.986  1.00 38.30 ? 118 HOH A O      1 
HETATM 752 O  O      . HOH I 4 .  ? -1.076  0.528   5.042   1.00 40.63 ? 122 HOH A O      1 
HETATM 753 O  O      . HOH I 4 .  ? -2.250  -22.410 -4.507  0.50 31.39 ? 124 HOH A O      1 
HETATM 754 O  O      . HOH I 4 .  ? -3.257  0.636   0.524   0.50 36.34 ? 125 HOH A O      1 
HETATM 755 O  O      . HOH I 4 .  ? -9.183  -10.158 -1.041  1.00 12.34 ? 128 HOH A O      1 
HETATM 756 O  O      . HOH I 4 .  ? 5.649   5.720   10.294  1.00 18.50 ? 131 HOH A O      1 
HETATM 757 O  O      . HOH I 4 .  ? -7.084  -15.942 -7.092  1.00 11.07 ? 132 HOH A O      1 
HETATM 758 O  O      . HOH I 4 .  ? -6.687  -14.067 -10.809 1.00 10.63 ? 133 HOH A O      1 
HETATM 759 O  O      . HOH I 4 .  ? -8.617  -13.936 -8.417  1.00 11.36 ? 134 HOH A O      1 
HETATM 760 O  O      . HOH I 4 .  ? -5.214  2.356   -2.802  1.00 17.73 ? 136 HOH A O      1 
HETATM 761 O  O      . HOH I 4 .  ? -5.375  1.272   1.016   1.00 23.94 ? 137 HOH A O      1 
HETATM 762 O  O      . HOH I 4 .  ? -3.488  2.763   -0.464  1.00 16.08 ? 138 HOH A O      1 
HETATM 763 O  O      . HOH I 4 .  ? -7.061  0.924   -1.138  1.00 24.30 ? 139 HOH A O      1 
HETATM 764 O  O      . HOH I 4 .  ? -4.288  0.229   -1.457  1.00 22.33 ? 140 HOH A O      1 
HETATM 765 O  O      . HOH I 4 .  ? -6.845  -10.122 -3.885  1.00 12.46 ? 141 HOH A O      1 
HETATM 766 O  O      . HOH I 4 .  ? -9.075  -13.073 -5.696  1.00 11.60 ? 142 HOH A O      1 
HETATM 767 O  O      . HOH I 4 .  ? -7.022  -13.007 -3.582  1.00 11.63 ? 143 HOH A O      1 
HETATM 768 O  O      . HOH I 4 .  ? -8.952  -10.138 -5.834  1.00 14.95 ? 144 HOH A O      1 
HETATM 769 O  O      . HOH I 4 .  ? -9.472  -11.540 -3.311  1.00 13.67 ? 145 HOH A O      1 
HETATM 770 O  O      . HOH I 4 .  ? -2.662  -18.527 -5.778  1.00 13.55 ? 147 HOH A O      1 
HETATM 771 O  O      . HOH I 4 .  ? -4.472  -20.585 -4.554  1.00 16.31 ? 148 HOH A O      1 
HETATM 772 O  O      . HOH I 4 .  ? -11.700 -9.310  -0.066  1.00 15.37 ? 149 HOH A O      1 
HETATM 773 O  O      . HOH I 4 .  ? 5.188   -0.731  3.531   0.70 24.37 ? 150 HOH A O      1 
HETATM 774 O  O      . HOH I 4 .  ? 2.169   -0.170  0.954   0.70 34.41 ? 151 HOH A O      1 
HETATM 775 O  O      . HOH I 4 .  ? 4.718   1.342   1.943   0.70 22.48 ? 152 HOH A O      1 
HETATM 776 O  O      . HOH I 4 .  ? 2.688   0.775   3.712   0.70 27.58 ? 154 HOH A O      1 
HETATM 777 O  O      . HOH I 4 .  ? -12.360 -1.359  -9.291  0.30 35.84 ? 156 HOH A O      1 
HETATM 778 O  O      . HOH I 4 .  ? -9.580  -0.366  -12.205 0.30 27.78 ? 157 HOH A O      1 
HETATM 779 O  O      . HOH I 4 .  ? -12.036 1.014   -9.758  0.30 42.94 ? 158 HOH A O      1 
HETATM 780 O  O      . HOH I 4 .  ? -10.256 -2.646  -11.808 0.30 30.47 ? 159 HOH A O      1 
HETATM 781 O  O      . HOH I 4 .  ? -12.828 -1.231  -11.972 0.30 40.05 ? 160 HOH A O      1 
HETATM 782 O  O      . HOH J 4 .  ? 3.528   13.070  10.628  0.50 37.61 ? 27  HOH B O      1 
HETATM 783 O  O      . HOH J 4 .  ? 4.322   -11.090 7.890   1.00 37.48 ? 30  HOH B O      1 
HETATM 784 O  O      . HOH J 4 .  ? -6.933  -6.238  2.090   1.00 23.38 ? 37  HOH B O      1 
HETATM 785 O  O      . HOH J 4 .  ? 6.040   -1.877  -2.845  1.00 17.82 ? 38  HOH B O      1 
HETATM 786 O  O      . HOH J 4 .  ? 8.079   5.393   0.314   1.00 19.16 ? 39  HOH B O      1 
HETATM 787 O  O      . HOH J 4 .  ? 0.597   18.445  4.325   1.00 17.67 ? 40  HOH B O      1 
HETATM 788 O  O      . HOH J 4 .  ? -1.634  -2.949  1.108   1.00 23.01 ? 41  HOH B O      1 
HETATM 789 O  O      . HOH J 4 .  ? -1.759  -5.154  10.854  1.00 37.36 ? 42  HOH B O      1 
HETATM 790 O  O      . HOH J 4 .  ? 10.826  14.716  1.881   1.00 15.09 ? 43  HOH B O      1 
HETATM 791 O  O      . HOH J 4 .  ? 6.084   2.199   -0.555  1.00 19.65 ? 53  HOH B O      1 
HETATM 792 O  O      . HOH J 4 .  ? 6.546   17.161  -2.251  1.00 25.39 ? 54  HOH B O      1 
HETATM 793 O  O      . HOH J 4 .  ? -5.765  -4.828  12.595  1.00 28.35 ? 56  HOH B O      1 
HETATM 794 O  O      . HOH J 4 .  ? 7.445   16.153  0.827   1.00 20.70 ? 57  HOH B O      1 
HETATM 795 O  O      . HOH J 4 .  ? 10.307  1.363   -6.638  1.00 27.41 ? 60  HOH B O      1 
HETATM 796 O  O      . HOH J 4 .  ? -4.965  -4.353  2.675   1.00 24.28 ? 69  HOH B O      1 
HETATM 797 O  O      . HOH J 4 .  ? 1.999   11.501  5.636   1.00 37.83 ? 76  HOH B O      1 
HETATM 798 O  O      . HOH J 4 .  ? 3.925   9.197   9.675   1.00 36.06 ? 78  HOH B O      1 
HETATM 799 O  O      . HOH J 4 .  ? 3.004   -9.695  9.565   1.00 37.07 ? 81  HOH B O      1 
HETATM 800 O  O      . HOH J 4 .  ? 9.462   -7.969  -1.301  1.00 39.50 ? 82  HOH B O      1 
HETATM 801 O  O      . HOH J 4 .  ? 5.369   -3.696  0.812   1.00 39.85 ? 84  HOH B O      1 
HETATM 802 O  O      . HOH J 4 .  ? -3.083  -4.148  7.322   1.00 31.11 ? 85  HOH B O      1 
HETATM 803 O  O      . HOH J 4 .  ? 5.016   18.572  -0.746  1.00 19.08 ? 88  HOH B O      1 
HETATM 804 O  O      . HOH J 4 .  ? 9.277   0.479   -4.075  1.00 33.56 ? 89  HOH B O      1 
HETATM 805 O  O      . HOH J 4 .  ? 1.001   13.519  5.276   1.00 36.68 ? 91  HOH B O      1 
HETATM 806 O  O      . HOH J 4 .  ? 7.659   17.401  4.485   1.00 41.07 ? 92  HOH B O      1 
HETATM 807 O  O      . HOH J 4 .  ? 3.869   9.708   12.089  1.00 39.26 ? 93  HOH B O      1 
HETATM 808 O  O      . HOH J 4 .  ? 2.431   19.375  5.353   1.00 39.13 ? 95  HOH B O      1 
HETATM 809 O  O      . HOH J 4 .  ? -0.658  17.156  6.291   1.00 39.35 ? 96  HOH B O      1 
HETATM 810 O  O      . HOH J 4 .  ? 0.703   -2.922  3.836   1.00 42.32 ? 97  HOH B O      1 
HETATM 811 O  O      . HOH J 4 .  ? 8.290   4.385   -12.175 1.00 37.11 ? 98  HOH B O      1 
HETATM 812 O  O      . HOH J 4 .  ? 3.228   11.363  8.040   0.50 25.83 ? 100 HOH B O      1 
HETATM 813 O  O      . HOH J 4 .  ? 11.189  -0.509  -7.835  1.00 45.87 ? 105 HOH B O      1 
HETATM 814 O  O      . HOH J 4 .  ? 5.227   15.190  10.628  0.50 33.03 ? 106 HOH B O      1 
HETATM 815 O  O      . HOH J 4 .  ? 6.417   19.094  2.591   1.00 39.80 ? 108 HOH B O      1 
HETATM 816 O  O      . HOH J 4 .  ? 9.099   16.546  2.947   1.00 31.43 ? 109 HOH B O      1 
HETATM 817 O  O      . HOH J 4 .  ? -11.372 -5.771  7.466   1.00 38.87 ? 110 HOH B O      1 
HETATM 818 O  O      . HOH J 4 .  ? 5.871   20.853  0.116   1.00 31.12 ? 111 HOH B O      1 
HETATM 819 O  O      . HOH J 4 .  ? -7.209  -4.378  8.322   1.00 34.00 ? 112 HOH B O      1 
HETATM 820 O  O      . HOH J 4 .  ? -0.868  -4.518  8.361   1.00 31.61 ? 113 HOH B O      1 
HETATM 821 O  O      . HOH J 4 .  ? 1.580   17.690  8.272   1.00 37.36 ? 114 HOH B O      1 
HETATM 822 O  O      . HOH J 4 .  ? -4.226  -3.069  5.156   1.00 39.96 ? 115 HOH B O      1 
HETATM 823 O  O      . HOH J 4 .  ? 9.419   19.232  3.938   1.00 42.48 ? 119 HOH B O      1 
HETATM 824 O  O      . HOH J 4 .  ? 1.314   -4.965  4.869   0.50 32.27 ? 120 HOH B O      1 
HETATM 825 O  O      . HOH J 4 .  ? 3.517   -4.366  4.703   1.00 41.10 ? 121 HOH B O      1 
HETATM 826 O  O      . HOH J 4 .  ? 5.009   -7.588  7.308   0.50 34.41 ? 123 HOH B O      1 
HETATM 827 O  O      . HOH J 4 .  ? 9.163   12.488  1.781   1.00 12.44 ? 126 HOH B O      1 
HETATM 828 O  O      . HOH J 4 .  ? 0.227   -1.318  -0.373  1.00 14.81 ? 127 HOH B O      1 
HETATM 829 O  O      . HOH J 4 .  ? 4.064   -0.259  -1.811  1.00 16.09 ? 129 HOH B O      1 
HETATM 830 O  O      . HOH J 4 .  ? 7.426   13.842  0.221   1.00 16.32 ? 130 HOH B O      1 
HETATM 831 O  O      . HOH J 4 .  ? 1.925   19.412  0.715   1.00 11.05 ? 135 HOH B O      1 
HETATM 832 O  O      . HOH J 4 .  ? 8.104   11.178  -10.050 1.00 16.97 ? 146 HOH B O      1 
HETATM 833 O  O      . HOH J 4 .  ? 2.621   -2.142  2.838   0.70 31.83 ? 153 HOH B O      1 
HETATM 834 O  O      . HOH J 4 .  ? 4.123   -1.026  0.766   0.70 36.08 ? 155 HOH B O      1 
# 
loop_
_atom_site_anisotrop.id 
_atom_site_anisotrop.type_symbol 
_atom_site_anisotrop.pdbx_label_atom_id 
_atom_site_anisotrop.pdbx_label_alt_id 
_atom_site_anisotrop.pdbx_label_comp_id 
_atom_site_anisotrop.pdbx_label_asym_id 
_atom_site_anisotrop.pdbx_label_seq_id 
_atom_site_anisotrop.pdbx_PDB_ins_code 
_atom_site_anisotrop.U[1][1] 
_atom_site_anisotrop.U[2][2] 
_atom_site_anisotrop.U[3][3] 
_atom_site_anisotrop.U[1][2] 
_atom_site_anisotrop.U[1][3] 
_atom_site_anisotrop.U[2][3] 
_atom_site_anisotrop.pdbx_auth_seq_id 
_atom_site_anisotrop.pdbx_auth_comp_id 
_atom_site_anisotrop.pdbx_auth_asym_id 
_atom_site_anisotrop.pdbx_auth_atom_id 
1   O  "O5'" . C   A 1  ? 0.2628 0.2044 0.2030 0.0043  -0.0296 0.0342  1   C   A "O5'" 
2   C  "C5'" . C   A 1  ? 0.2655 0.1659 0.2694 0.0015  -0.0457 0.0323  1   C   A "C5'" 
3   C  "C4'" . C   A 1  ? 0.2568 0.1656 0.1846 -0.0136 -0.0567 0.0383  1   C   A "C4'" 
4   O  "O4'" . C   A 1  ? 0.2441 0.1569 0.1817 -0.0185 -0.0517 0.0317  1   C   A "O4'" 
5   C  "C3'" . C   A 1  ? 0.2590 0.1486 0.1999 -0.0231 -0.0560 0.0391  1   C   A "C3'" 
6   O  "O3'" . C   A 1  ? 0.3002 0.1581 0.2065 -0.0597 -0.0954 0.0482  1   C   A "O3'" 
7   C  "C2'" . C   A 1  ? 0.2432 0.1556 0.1611 -0.0326 -0.0612 0.0202  1   C   A "C2'" 
8   O  "O2'" . C   A 1  ? 0.2778 0.1952 0.1695 -0.0379 -0.0387 0.0246  1   C   A "O2'" 
9   C  "C1'" . C   A 1  ? 0.2501 0.1442 0.1746 -0.0033 -0.0342 0.0230  1   C   A "C1'" 
10  N  N1    . C   A 1  ? 0.2181 0.1464 0.1641 -0.0084 -0.0534 0.0244  1   C   A N1    
11  C  C2    . C   A 1  ? 0.2323 0.1305 0.1334 -0.0115 -0.0548 -0.0064 1   C   A C2    
12  O  O2    . C   A 1  ? 0.2344 0.1670 0.1533 -0.0035 -0.0316 0.0066  1   C   A O2    
13  N  N3    . C   A 1  ? 0.2034 0.1317 0.1457 -0.0279 -0.0450 0.0139  1   C   A N3    
14  C  C4    . C   A 1  ? 0.1931 0.1657 0.1531 -0.0095 -0.0438 0.0209  1   C   A C4    
15  N  N4    . C   A 1  ? 0.2029 0.1713 0.1560 -0.0024 -0.0194 0.0235  1   C   A N4    
16  C  C5    . C   A 1  ? 0.2443 0.1419 0.1822 -0.0076 -0.0320 0.0163  1   C   A C5    
17  C  C6    . C   A 1  ? 0.2413 0.1207 0.1954 -0.0078 -0.0214 0.0275  1   C   A C6    
29  P  P     . A   A 2  ? 0.2866 0.1897 0.2334 -0.0594 -0.0816 0.0456  2   A   A P     
30  O  OP1   . A   A 2  ? 0.3047 0.1927 0.3572 -0.0799 -0.0969 0.1080  2   A   A OP1   
31  O  OP2   . A   A 2  ? 0.3906 0.2320 0.2670 -0.0221 -0.1175 -0.0458 2   A   A OP2   
32  O  "O5'" . A   A 2  ? 0.2859 0.2710 0.2138 -0.0303 -0.0808 0.0687  2   A   A "O5'" 
33  C  "C5'" . A   A 2  ? 0.3040 0.3026 0.2147 -0.0258 -0.0264 0.1018  2   A   A "C5'" 
34  C  "C4'" A A   A 2  ? 0.2798 0.2637 0.2578 -0.0522 -0.0121 0.1019  2   A   A "C4'" 
35  C  "C4'" B A   A 2  ? 0.2833 0.2673 0.2511 -0.0499 -0.0168 0.1004  2   A   A "C4'" 
36  O  "O4'" A A   A 2  ? 0.2954 0.2430 0.2503 -0.0595 -0.0098 0.0820  2   A   A "O4'" 
37  O  "O4'" B A   A 2  ? 0.2962 0.2469 0.2512 -0.0537 -0.0116 0.0837  2   A   A "O4'" 
38  C  "C3'" A A   A 2  ? 0.2731 0.2913 0.3012 -0.0675 -0.0127 0.1146  2   A   A "C3'" 
39  C  "C3'" B A   A 2  ? 0.2845 0.2840 0.2873 -0.0647 -0.0216 0.1107  2   A   A "C3'" 
40  O  "O3'" A A   A 2  ? 0.2768 0.3287 0.3323 -0.0544 -0.0132 0.1262  2   A   A "O3'" 
41  O  "O3'" B A   A 2  ? 0.2823 0.3431 0.3171 -0.0515 -0.0201 0.1214  2   A   A "O3'" 
42  C  "C2'" A A   A 2  ? 0.2793 0.2736 0.2815 -0.0832 -0.0376 0.1050  2   A   A "C2'" 
43  C  "C2'" B A   A 2  ? 0.2635 0.2901 0.2725 -0.0812 -0.0500 0.1115  2   A   A "C2'" 
44  O  "O2'" A A   A 2  ? 0.3305 0.3113 0.3185 -0.1565 -0.0676 0.1657  2   A   A "O2'" 
45  O  "O2'" B A   A 2  ? 0.3616 0.3536 0.3194 -0.0808 -0.1191 0.1178  2   A   A "O2'" 
46  C  "C1'" A A   A 2  ? 0.2746 0.2626 0.2606 -0.0676 -0.0182 0.0980  2   A   A "C1'" 
47  C  "C1'" B A   A 2  ? 0.2822 0.2734 0.2562 -0.0548 -0.0163 0.1047  2   A   A "C1'" 
48  N  N9    . A   A 2  ? 0.2063 0.2681 0.2493 -0.0284 -0.0418 0.1184  2   A   A N9    
49  C  C8    . A   A 2  ? 0.2253 0.2407 0.2467 -0.0368 -0.0599 0.0960  2   A   A C8    
50  N  N7    . A   A 2  ? 0.2240 0.1986 0.2132 -0.0338 -0.0633 0.0605  2   A   A N7    
51  C  C5    . A   A 2  ? 0.1772 0.2026 0.1930 -0.0404 -0.0539 0.0516  2   A   A C5    
52  C  C6    . A   A 2  ? 0.1993 0.1785 0.1863 -0.0317 -0.0377 0.0318  2   A   A C6    
53  N  N6    . A   A 2  ? 0.1972 0.1554 0.1826 -0.0177 -0.0387 0.0301  2   A   A N6    
54  N  N1    . A   A 2  ? 0.1878 0.1826 0.1550 -0.0391 -0.0353 0.0191  2   A   A N1    
55  C  C2    . A   A 2  ? 0.2099 0.2199 0.1465 -0.0231 -0.0276 0.0369  2   A   A C2    
56  N  N3    . A   A 2  ? 0.2003 0.2649 0.1694 -0.0154 -0.0263 0.0759  2   A   A N3    
57  C  C4    . A   A 2  ? 0.1780 0.2507 0.2002 -0.0283 -0.0485 0.0804  2   A   A C4    
74  P  P     A A   A 3  ? 0.2725 0.4167 0.2480 -0.0522 -0.0158 0.1328  3   A   A P     
75  P  P     B A   A 3  ? 0.2894 0.3476 0.3205 -0.0683 -0.0096 0.1463  3   A   A P     
76  O  OP1   A A   A 3  ? 0.3586 0.5706 0.2335 -0.0188 -0.0303 0.1486  3   A   A OP1   
77  O  OP1   B A   A 3  ? 0.3851 0.3547 0.3286 -0.0568 0.0156  0.1655  3   A   A OP1   
78  O  OP2   A A   A 3  ? 0.3547 0.3678 0.2472 -0.1183 0.0296  0.2177  3   A   A OP2   
79  O  OP2   B A   A 3  ? 0.2887 0.1954 0.3250 -0.0741 -0.0082 0.1739  3   A   A OP2   
80  O  "O5'" A A   A 3  ? 0.2806 0.3877 0.2218 -0.0624 -0.0302 0.1094  3   A   A "O5'" 
81  O  "O5'" B A   A 3  ? 0.2878 0.3574 0.2420 -0.0608 -0.0206 0.1125  3   A   A "O5'" 
82  C  "C5'" A A   A 3  ? 0.2648 0.3030 0.2179 -0.0662 -0.0003 0.0958  3   A   A "C5'" 
83  C  "C5'" B A   A 3  ? 0.2831 0.2917 0.2209 -0.0757 0.0080  0.0873  3   A   A "C5'" 
84  C  "C4'" A A   A 3  ? 0.2505 0.2768 0.1750 -0.0507 0.0251  0.0570  3   A   A "C4'" 
85  C  "C4'" B A   A 3  ? 0.2511 0.2779 0.1898 -0.0590 0.0160  0.0611  3   A   A "C4'" 
86  O  "O4'" A A   A 3  ? 0.2539 0.2579 0.1565 -0.0474 0.0156  0.0474  3   A   A "O4'" 
87  O  "O4'" B A   A 3  ? 0.2501 0.2644 0.1546 -0.0543 0.0101  0.0624  3   A   A "O4'" 
88  C  "C3'" A A   A 3  ? 0.2392 0.2745 0.1876 -0.0497 0.0166  0.0602  3   A   A "C3'" 
89  C  "C3'" B A   A 3  ? 0.2375 0.2787 0.1914 -0.0460 0.0177  0.0559  3   A   A "C3'" 
90  O  "O3'" . A   A 3  ? 0.2371 0.2905 0.1963 -0.0358 0.0281  0.0472  3   A   A "O3'" 
91  C  "C2'" A A   A 3  ? 0.2420 0.2352 0.1682 -0.0195 0.0215  0.0359  3   A   A "C2'" 
92  C  "C2'" B A   A 3  ? 0.2368 0.2559 0.1703 -0.0290 0.0157  0.0381  3   A   A "C2'" 
93  O  "O2'" A A   A 3  ? 0.2974 0.2804 0.2324 0.0031  0.0349  -0.0161 3   A   A "O2'" 
94  O  "O2'" B A   A 3  ? 0.2709 0.2882 0.1312 0.0047  -0.0029 0.0397  3   A   A "O2'" 
95  C  "C1'" A A   A 3  ? 0.2548 0.2245 0.1481 -0.0459 0.0203  0.0339  3   A   A "C1'" 
96  C  "C1'" B A   A 3  ? 0.2442 0.2365 0.1406 -0.0364 0.0092  0.0421  3   A   A "C1'" 
97  N  N9    . A   A 3  ? 0.2248 0.1962 0.1379 -0.0367 -0.0079 0.0429  3   A   A N9    
98  C  C8    . A   A 3  ? 0.2218 0.1889 0.1491 -0.0514 -0.0168 0.0519  3   A   A C8    
99  N  N7    . A   A 3  ? 0.1957 0.1777 0.1422 -0.0445 -0.0382 0.0379  3   A   A N7    
100 C  C5    . A   A 3  ? 0.2061 0.1661 0.1302 -0.0371 -0.0241 0.0342  3   A   A C5    
101 C  C6    . A   A 3  ? 0.1819 0.1551 0.1247 -0.0212 -0.0291 0.0334  3   A   A C6    
102 N  N6    . A   A 3  ? 0.2206 0.1308 0.1496 -0.0108 -0.0244 0.0294  3   A   A N6    
103 N  N1    . A   A 3  ? 0.1841 0.1276 0.1483 -0.0320 -0.0175 0.0217  3   A   A N1    
104 C  C2    . A   A 3  ? 0.1866 0.1392 0.1580 -0.0377 -0.0049 0.0312  3   A   A C2    
105 N  N3    . A   A 3  ? 0.1821 0.1736 0.1445 -0.0336 -0.0097 0.0313  3   A   A N3    
106 C  C4    . A   A 3  ? 0.1611 0.1892 0.1493 -0.0326 -0.0133 0.0540  3   A   A C4    
125 P  P     . A   A 4  ? 0.2245 0.2430 0.2238 -0.0405 0.0272  0.0601  4   A   A P     
126 O  OP1   . A   A 4  ? 0.2284 0.2999 0.2751 -0.0507 0.0437  0.0548  4   A   A OP1   
127 O  OP2   . A   A 4  ? 0.2564 0.2103 0.3323 -0.0232 0.0040  0.0618  4   A   A OP2   
128 O  "O5'" . A   A 4  ? 0.2209 0.2233 0.1954 -0.0019 0.0277  0.0342  4   A   A "O5'" 
129 C  "C5'" . A   A 4  ? 0.1992 0.2268 0.1883 -0.0002 0.0344  0.0147  4   A   A "C5'" 
130 C  "C4'" . A   A 4  ? 0.2001 0.2129 0.1726 0.0187  0.0330  0.0129  4   A   A "C4'" 
131 O  "O4'" . A   A 4  ? 0.2028 0.1854 0.1539 0.0100  0.0227  0.0103  4   A   A "O4'" 
132 C  "C3'" . A   A 4  ? 0.1643 0.1825 0.1876 0.0035  0.0294  0.0131  4   A   A "C3'" 
133 O  "O3'" . A   A 4  ? 0.1659 0.1980 0.2151 -0.0066 0.0295  0.0182  4   A   A "O3'" 
134 C  "C2'" . A   A 4  ? 0.1688 0.1678 0.1611 -0.0085 0.0070  0.0340  4   A   A "C2'" 
135 O  "O2'" . A   A 4  ? 0.1846 0.1612 0.1956 0.0207  0.0121  0.0103  4   A   A "O2'" 
136 C  "C1'" . A   A 4  ? 0.1802 0.1552 0.1409 0.0028  0.0062  -0.0033 4   A   A "C1'" 
137 N  N9    . A   A 4  ? 0.1779 0.1358 0.1328 -0.0082 0.0033  0.0139  4   A   A N9    
138 C  C8    . A   A 4  ? 0.1825 0.1317 0.1352 -0.0248 0.0108  0.0144  4   A   A C8    
139 N  N7    . A   A 4  ? 0.1812 0.1301 0.1261 -0.0178 -0.0126 0.0181  4   A   A N7    
140 C  C5    . A   A 4  ? 0.1604 0.1147 0.1435 -0.0186 -0.0065 0.0147  4   A   A C5    
141 C  C6    . A   A 4  ? 0.1659 0.1111 0.1288 -0.0107 -0.0145 0.0132  4   A   A C6    
142 N  N6    . A   A 4  ? 0.1802 0.1141 0.1457 -0.0054 -0.0279 0.0108  4   A   A N6    
143 N  N1    . A   A 4  ? 0.1683 0.1041 0.1295 -0.0238 -0.0141 0.0085  4   A   A N1    
144 C  C2    . A   A 4  ? 0.1646 0.1043 0.1280 -0.0284 -0.0080 0.0067  4   A   A C2    
145 N  N3    . A   A 4  ? 0.1611 0.1161 0.1294 -0.0166 -0.0084 0.0119  4   A   A N3    
146 C  C4    . A   A 4  ? 0.1573 0.1103 0.1493 -0.0212 0.0063  0.0113  4   A   A C4    
158 P  P     . G   A 5  ? 0.1569 0.2111 0.2373 -0.0038 0.0105  0.0220  5   G   A P     
159 O  OP1   . G   A 5  ? 0.1692 0.2333 0.2610 0.0037  0.0149  0.0050  5   G   A OP1   
160 O  OP2   . G   A 5  ? 0.1730 0.1901 0.2463 -0.0111 0.0090  0.0235  5   G   A OP2   
161 O  "O5'" . G   A 5  ? 0.1632 0.1711 0.2123 0.0212  0.0047  0.0029  5   G   A "O5'" 
162 C  "C5'" . G   A 5  ? 0.2015 0.1896 0.2034 0.0308  0.0171  0.0045  5   G   A "C5'" 
163 C  "C4'" . G   A 5  ? 0.1862 0.1712 0.1972 0.0088  0.0062  -0.0161 5   G   A "C4'" 
164 O  "O4'" . G   A 5  ? 0.1907 0.1537 0.1970 0.0010  0.0092  -0.0319 5   G   A "O4'" 
165 C  "C3'" . G   A 5  ? 0.1749 0.1515 0.2060 -0.0020 -0.0097 -0.0005 5   G   A "C3'" 
166 O  "O3'" . G   A 5  ? 0.1805 0.1782 0.2030 0.0085  -0.0273 0.0025  5   G   A "O3'" 
167 C  "C2'" . G   A 5  ? 0.1928 0.1366 0.1788 0.0038  -0.0107 -0.0045 5   G   A "C2'" 
168 O  "O2'" . G   A 5  ? 0.1857 0.1510 0.2170 0.0229  -0.0007 0.0194  5   G   A "O2'" 
169 C  "C1'" . G   A 5  ? 0.1789 0.1379 0.1874 0.0033  0.0033  -0.0295 5   G   A "C1'" 
170 N  N9    . G   A 5  ? 0.1729 0.1548 0.1629 -0.0022 0.0060  -0.0156 5   G   A N9    
171 C  C8    . G   A 5  ? 0.1613 0.1744 0.1659 -0.0065 -0.0029 -0.0297 5   G   A C8    
172 N  N7    . G   A 5  ? 0.1928 0.1799 0.1491 -0.0032 -0.0160 -0.0281 5   G   A N7    
173 C  C5    . G   A 5  ? 0.1770 0.1267 0.1524 -0.0108 -0.0154 -0.0276 5   G   A C5    
174 C  C6    . G   A 5  ? 0.1767 0.1199 0.1542 -0.0177 -0.0102 -0.0170 5   G   A C6    
175 O  O6    . G   A 5  ? 0.1649 0.1376 0.1509 -0.0155 -0.0092 -0.0060 5   G   A O6    
176 N  N1    . G   A 5  ? 0.1717 0.1107 0.1550 -0.0178 0.0003  -0.0140 5   G   A N1    
177 C  C2    . G   A 5  ? 0.1589 0.1296 0.1572 -0.0149 0.0070  -0.0028 5   G   A C2    
178 N  N2    . G   A 5  ? 0.2169 0.1473 0.1670 0.0206  0.0211  0.0070  5   G   A N2    
179 N  N3    . G   A 5  ? 0.1746 0.1286 0.1617 -0.0092 -0.0011 -0.0104 5   G   A N3    
180 C  C4    . G   A 5  ? 0.1774 0.1319 0.1541 -0.0046 -0.0106 -0.0209 5   G   A C4    
192 P  P     . A   A 6  ? 0.1769 0.1896 0.2280 -0.0151 -0.0191 0.0030  6   A   A P     
193 O  OP1   . A   A 6  ? 0.1793 0.2330 0.2687 -0.0214 -0.0293 0.0057  6   A   A OP1   
194 O  OP2   . A   A 6  ? 0.2272 0.1902 0.2294 -0.0166 -0.0200 0.0127  6   A   A OP2   
195 O  "O5'" . A   A 6  ? 0.1969 0.1642 0.2317 -0.0162 -0.0138 0.0034  6   A   A "O5'" 
196 C  "C5'" . A   A 6  ? 0.2000 0.1721 0.2248 -0.0095 -0.0449 -0.0070 6   A   A "C5'" 
197 C  "C4'" . A   A 6  ? 0.2026 0.1484 0.2202 -0.0073 -0.0439 0.0112  6   A   A "C4'" 
198 O  "O4'" . A   A 6  ? 0.2040 0.1228 0.2267 -0.0050 -0.0419 0.0066  6   A   A "O4'" 
199 C  "C3'" . A   A 6  ? 0.2202 0.1418 0.2481 -0.0182 -0.0696 0.0161  6   A   A "C3'" 
200 O  "O3'" . A   A 6  ? 0.2181 0.1647 0.2662 -0.0189 -0.0477 -0.0037 6   A   A "O3'" 
201 C  "C2'" . A   A 6  ? 0.2283 0.1219 0.2363 -0.0167 -0.0595 0.0212  6   A   A "C2'" 
202 O  "O2'" . A   A 6  ? 0.2902 0.1196 0.2387 -0.0081 -0.0731 0.0032  6   A   A "O2'" 
203 C  "C1'" . A   A 6  ? 0.2095 0.1229 0.2105 0.0000  -0.0403 0.0096  6   A   A "C1'" 
204 N  N9    . A   A 6  ? 0.1995 0.1120 0.1973 -0.0005 -0.0233 0.0002  6   A   A N9    
205 C  C8    . A   A 6  ? 0.1585 0.1399 0.2065 -0.0042 -0.0300 -0.0182 6   A   A C8    
206 N  N7    . A   A 6  ? 0.1762 0.1460 0.1968 -0.0040 -0.0118 -0.0056 6   A   A N7    
207 C  C5    . A   A 6  ? 0.1733 0.1320 0.1740 -0.0074 -0.0272 -0.0030 6   A   A C5    
208 C  C6    . A   A 6  ? 0.1674 0.1038 0.1668 -0.0221 -0.0139 0.0022  6   A   A C6    
209 N  N6    . A   A 6  ? 0.1822 0.1209 0.1634 -0.0020 -0.0072 0.0095  6   A   A N6    
210 N  N1    . A   A 6  ? 0.1590 0.1341 0.1547 -0.0192 -0.0152 0.0065  6   A   A N1    
211 C  C2    . A   A 6  ? 0.1781 0.1212 0.1625 -0.0095 -0.0087 0.0284  6   A   A C2    
212 N  N3    . A   A 6  ? 0.1888 0.1137 0.1730 -0.0017 -0.0111 0.0216  6   A   A N3    
213 C  C4    . A   A 6  ? 0.1691 0.1157 0.1738 -0.0146 -0.0264 -0.0029 6   A   A C4    
225 P  P     . A   A 7  ? 0.2175 0.1703 0.3204 -0.0357 -0.0323 -0.0130 7   A   A P     
226 O  OP1   . A   A 7  ? 0.2094 0.2162 0.3962 -0.0135 -0.0614 0.0022  7   A   A OP1   
227 O  OP2   . A   A 7  ? 0.2950 0.1677 0.3269 -0.0673 0.0153  -0.0233 7   A   A OP2   
228 O  "O5'" . A   A 7  ? 0.2388 0.1650 0.2664 -0.0110 -0.0725 -0.0110 7   A   A "O5'" 
229 C  "C5'" . A   A 7  ? 0.2848 0.1352 0.2645 0.0145  -0.0643 0.0080  7   A   A "C5'" 
230 C  "C4'" . A   A 7  ? 0.2869 0.1155 0.2215 0.0089  -0.0885 0.0058  7   A   A "C4'" 
231 O  "O4'" . A   A 7  ? 0.2905 0.1007 0.2087 -0.0095 -0.0665 0.0190  7   A   A "O4'" 
232 C  "C3'" . A   A 7  ? 0.2555 0.1349 0.2143 -0.0133 -0.0886 0.0167  7   A   A "C3'" 
233 O  "O3'" . A   A 7  ? 0.3004 0.1271 0.2732 -0.0097 -0.1168 0.0034  7   A   A "O3'" 
234 C  "C2'" . A   A 7  ? 0.2504 0.1005 0.1942 -0.0166 -0.0556 0.0164  7   A   A "C2'" 
235 O  "O2'" . A   A 7  ? 0.3270 0.1297 0.1797 0.0123  -0.0581 0.0061  7   A   A "O2'" 
236 C  "C1'" . A   A 7  ? 0.2474 0.1097 0.1755 -0.0165 -0.0597 0.0156  7   A   A "C1'" 
237 N  N9    . A   A 7  ? 0.1980 0.1200 0.1802 -0.0119 -0.0357 0.0073  7   A   A N9    
238 C  C8    . A   A 7  ? 0.1906 0.1165 0.1997 -0.0175 -0.0336 0.0113  7   A   A C8    
239 N  N7    . A   A 7  ? 0.2067 0.1105 0.1900 -0.0113 -0.0214 0.0009  7   A   A N7    
240 C  C5    . A   A 7  ? 0.1783 0.1073 0.1803 -0.0311 -0.0328 -0.0055 7   A   A C5    
241 C  C6    . A   A 7  ? 0.1822 0.1108 0.1721 -0.0354 -0.0239 -0.0027 7   A   A C6    
242 N  N6    . A   A 7  ? 0.1860 0.1174 0.1692 -0.0172 -0.0138 0.0050  7   A   A N6    
243 N  N1    . A   A 7  ? 0.1715 0.1076 0.1669 -0.0359 -0.0213 -0.0017 7   A   A N1    
244 C  C2    . A   A 7  ? 0.2034 0.1001 0.1530 -0.0278 -0.0343 0.0121  7   A   A C2    
245 N  N3    . A   A 7  ? 0.1759 0.1274 0.1654 -0.0275 -0.0380 0.0014  7   A   A N3    
246 C  C4    . A   A 7  ? 0.1918 0.1012 0.1724 -0.0238 -0.0371 0.0024  7   A   A C4    
258 P  P     . A   A 8  ? 0.3097 0.1517 0.2956 -0.0118 -0.1302 0.0174  8   A   A P     
259 O  OP1   . A   A 8  ? 0.3842 0.1805 0.3562 -0.0606 -0.2159 0.0378  8   A   A OP1   
260 O  OP2   . A   A 8  ? 0.2501 0.1656 0.4217 -0.0845 0.0017  -0.0840 8   A   A OP2   
261 O  "O5'" . A   A 8  ? 0.2783 0.1476 0.1786 -0.0088 -0.0635 0.0259  8   A   A "O5'" 
262 C  "C5'" . A   A 8  ? 0.2282 0.1460 0.1992 -0.0242 -0.0693 0.0455  8   A   A "C5'" 
263 C  "C4'" . A   A 8  ? 0.2141 0.1000 0.1533 -0.0291 -0.0400 0.0158  8   A   A "C4'" 
264 O  "O4'" . A   A 8  ? 0.2452 0.0994 0.1596 -0.0273 -0.0582 0.0212  8   A   A "O4'" 
265 C  "C3'" . A   A 8  ? 0.1807 0.1074 0.1265 -0.0225 -0.0235 0.0124  8   A   A "C3'" 
266 O  "O3'" . A   A 8  ? 0.1738 0.1066 0.1096 -0.0177 -0.0165 0.0102  8   A   A "O3'" 
267 C  "C2'" . A   A 8  ? 0.1790 0.1001 0.1544 -0.0234 -0.0231 0.0119  8   A   A "C2'" 
268 O  "O2'" . A   A 8  ? 0.1733 0.1206 0.2197 -0.0135 -0.0190 -0.0025 8   A   A "O2'" 
269 C  "C1'" . A   A 8  ? 0.1916 0.1086 0.1464 -0.0201 -0.0313 0.0177  8   A   A "C1'" 
270 N  N9    . A   A 8  ? 0.1767 0.1197 0.1576 -0.0209 -0.0309 -0.0076 8   A   A N9    
271 C  C8    . A   A 8  ? 0.1777 0.1247 0.1611 -0.0187 -0.0331 0.0137  8   A   A C8    
272 N  N7    . A   A 8  ? 0.1770 0.1387 0.1649 -0.0108 -0.0181 0.0084  8   A   A N7    
273 C  C5    . A   A 8  ? 0.1617 0.1356 0.1484 -0.0221 -0.0116 0.0126  8   A   A C5    
274 C  C6    . A   A 8  ? 0.1589 0.1473 0.1517 -0.0312 -0.0044 0.0108  8   A   A C6    
275 N  N6    . A   A 8  ? 0.1710 0.1722 0.1470 -0.0005 -0.0159 0.0066  8   A   A N6    
276 N  N1    . A   A 8  ? 0.1668 0.1273 0.1466 -0.0324 -0.0194 -0.0030 8   A   A N1    
277 C  C2    . A   A 8  ? 0.1656 0.1157 0.1537 -0.0418 -0.0234 -0.0044 8   A   A C2    
278 N  N3    . A   A 8  ? 0.1703 0.1159 0.1409 -0.0270 -0.0216 0.0024  8   A   A N3    
279 C  C4    . A   A 8  ? 0.1617 0.1118 0.1556 -0.0273 -0.0183 0.0048  8   A   A C4    
291 P  P     . A   A 9  ? 0.1507 0.1059 0.1192 -0.0132 -0.0108 0.0118  9   A   A P     
292 O  OP1   . A   A 9  ? 0.1556 0.1051 0.1304 -0.0165 -0.0208 0.0063  9   A   A OP1   
293 O  OP2   . A   A 9  ? 0.1499 0.1168 0.1407 -0.0128 0.0023  0.0079  9   A   A OP2   
294 O  "O5'" . A   A 9  ? 0.1615 0.1252 0.1037 -0.0091 -0.0130 0.0123  9   A   A "O5'" 
295 C  "C5'" . A   A 9  ? 0.1443 0.1422 0.1056 -0.0132 0.0016  0.0249  9   A   A "C5'" 
296 C  "C4'" . A   A 9  ? 0.1575 0.1179 0.1074 -0.0141 -0.0037 0.0172  9   A   A "C4'" 
297 O  "O4'" . A   A 9  ? 0.1706 0.1289 0.1056 -0.0293 -0.0074 0.0175  9   A   A "O4'" 
298 C  "C3'" . A   A 9  ? 0.1658 0.1203 0.1113 -0.0192 -0.0171 0.0198  9   A   A "C3'" 
299 O  "O3'" . A   A 9  ? 0.1506 0.1209 0.1080 -0.0097 -0.0054 0.0051  9   A   A "O3'" 
300 C  "C2'" . A   A 9  ? 0.1701 0.1110 0.1182 -0.0201 -0.0205 0.0223  9   A   A "C2'" 
301 O  "O2'" . A   A 9  ? 0.1715 0.1347 0.1107 -0.0096 -0.0272 0.0178  9   A   A "O2'" 
302 C  "C1'" . A   A 9  ? 0.1865 0.1214 0.1171 -0.0318 -0.0071 0.0206  9   A   A "C1'" 
303 N  N9    . A   A 9  ? 0.1752 0.1219 0.1105 -0.0314 -0.0156 0.0087  9   A   A N9    
304 C  C8    . A   A 9  ? 0.1946 0.1300 0.1129 -0.0215 -0.0113 0.0147  9   A   A C8    
305 N  N7    . A   A 9  ? 0.1747 0.1203 0.1194 -0.0262 -0.0221 0.0088  9   A   A N7    
306 C  C5    . A   A 9  ? 0.1770 0.1158 0.1068 -0.0353 -0.0064 0.0152  9   A   A C5    
307 C  C6    . A   A 9  ? 0.1602 0.1421 0.1169 -0.0358 -0.0068 0.0036  9   A   A C6    
308 N  N6    . A   A 9  ? 0.1647 0.1687 0.1085 -0.0236 -0.0059 -0.0018 9   A   A N6    
309 N  N1    . A   A 9  ? 0.1645 0.1477 0.1076 -0.0370 -0.0037 0.0025  9   A   A N1    
310 C  C2    . A   A 9  ? 0.1773 0.1520 0.1203 -0.0249 -0.0086 0.0061  9   A   A C2    
311 N  N3    . A   A 9  ? 0.1658 0.1349 0.1209 -0.0239 -0.0150 0.0020  9   A   A N3    
312 C  C4    . A   A 9  ? 0.1683 0.1303 0.1126 -0.0366 -0.0053 0.0161  9   A   A C4    
324 P  P     . G   A 10 ? 0.1510 0.1139 0.1111 -0.0142 -0.0108 0.0167  10  G   A P     
325 O  OP1   . G   A 10 ? 0.1676 0.0979 0.1240 -0.0213 -0.0027 0.0073  10  G   A OP1   
326 O  OP2   . G   A 10 ? 0.1461 0.1088 0.1196 -0.0167 -0.0060 0.0144  10  G   A OP2   
327 O  "O5'" . G   A 10 ? 0.1584 0.1144 0.1088 -0.0055 -0.0099 0.0127  10  G   A "O5'" 
328 C  "C5'" . G   A 10 ? 0.1939 0.1185 0.1148 0.0032  -0.0196 0.0207  10  G   A "C5'" 
329 C  "C4'" . G   A 10 ? 0.1781 0.1303 0.1225 -0.0022 -0.0161 0.0084  10  G   A "C4'" 
330 O  "O4'" . G   A 10 ? 0.1643 0.1301 0.1143 -0.0095 -0.0051 0.0137  10  G   A "O4'" 
331 C  "C3'" . G   A 10 ? 0.1727 0.1333 0.1038 -0.0120 -0.0202 0.0196  10  G   A "C3'" 
332 O  "O3'" . G   A 10 ? 0.2375 0.1252 0.1370 -0.0244 -0.0125 0.0161  10  G   A "O3'" 
333 C  "C2'" . G   A 10 ? 0.1730 0.1305 0.1027 -0.0134 -0.0174 0.0258  10  G   A "C2'" 
334 O  "O2'" . G   A 10 ? 0.1769 0.1624 0.0983 -0.0006 -0.0192 0.0228  10  G   A "O2'" 
335 C  "C1'" . G   A 10 ? 0.1519 0.1285 0.1244 -0.0140 -0.0044 0.0058  10  G   A "C1'" 
336 N  N9    . G   A 10 ? 0.1562 0.1333 0.0956 -0.0122 -0.0088 0.0184  10  G   A N9    
337 C  C8    . G   A 10 ? 0.1447 0.1459 0.1143 -0.0083 -0.0175 0.0015  10  G   A C8    
338 N  N7    . G   A 10 ? 0.1345 0.1344 0.1084 -0.0187 -0.0121 0.0140  10  G   A N7    
339 C  C5    . G   A 10 ? 0.1521 0.1311 0.1005 -0.0116 -0.0106 0.0200  10  G   A C5    
340 C  C6    . G   A 10 ? 0.1667 0.1092 0.1228 -0.0152 -0.0329 0.0067  10  G   A C6    
341 O  O6    . G   A 10 ? 0.1643 0.1292 0.1262 -0.0040 -0.0126 0.0130  10  G   A O6    
342 N  N1    . G   A 10 ? 0.1534 0.1242 0.1205 -0.0222 -0.0228 -0.0001 10  G   A N1    
343 C  C2    . G   A 10 ? 0.1672 0.1267 0.1080 -0.0149 -0.0215 0.0163  10  G   A C2    
344 N  N2    . G   A 10 ? 0.1683 0.1465 0.1179 0.0023  -0.0208 -0.0014 10  G   A N2    
345 N  N3    . G   A 10 ? 0.1477 0.1518 0.1083 -0.0118 -0.0184 0.0061  10  G   A N3    
346 C  C4    . G   A 10 ? 0.1431 0.1319 0.1102 -0.0120 -0.0099 0.0176  10  G   A C4    
358 O  "O5'" . DC  B 1  ? 0.5050 0.2364 0.2264 0.1017  -0.0405 -0.0084 11  DC  B "O5'" 
359 C  "C5'" . DC  B 1  ? 0.3180 0.1850 0.1943 0.0288  -0.0290 -0.0385 11  DC  B "C5'" 
360 C  "C4'" . DC  B 1  ? 0.2549 0.1985 0.1465 0.0162  -0.0095 -0.0173 11  DC  B "C4'" 
361 O  "O4'" . DC  B 1  ? 0.2391 0.1705 0.1383 0.0133  0.0042  -0.0069 11  DC  B "O4'" 
362 C  "C3'" . DC  B 1  ? 0.2648 0.1723 0.1349 -0.0168 -0.0088 -0.0112 11  DC  B "C3'" 
363 O  "O3'" . DC  B 1  ? 0.2682 0.1774 0.1445 -0.0210 -0.0147 -0.0255 11  DC  B "O3'" 
364 C  "C2'" . DC  B 1  ? 0.2206 0.1602 0.1172 -0.0239 -0.0134 -0.0024 11  DC  B "C2'" 
365 C  "C1'" . DC  B 1  ? 0.2013 0.1503 0.1300 -0.0051 0.0093  0.0169  11  DC  B "C1'" 
366 N  N1    . DC  B 1  ? 0.1941 0.1263 0.1274 -0.0105 -0.0060 0.0125  11  DC  B N1    
367 C  C2    . DC  B 1  ? 0.1761 0.1175 0.1313 -0.0238 -0.0250 -0.0004 11  DC  B C2    
368 O  O2    . DC  B 1  ? 0.1881 0.1259 0.1340 -0.0155 -0.0192 0.0089  11  DC  B O2    
369 N  N3    . DC  B 1  ? 0.1736 0.1203 0.1250 -0.0226 -0.0197 -0.0040 11  DC  B N3    
370 C  C4    . DC  B 1  ? 0.1842 0.1191 0.1339 -0.0252 -0.0181 0.0123  11  DC  B C4    
371 N  N4    . DC  B 1  ? 0.1843 0.1225 0.1445 -0.0128 -0.0275 0.0131  11  DC  B N4    
372 C  C5    . DC  B 1  ? 0.1848 0.1077 0.1596 -0.0100 -0.0188 0.0101  11  DC  B C5    
373 C  C6    . DC  B 1  ? 0.1939 0.1351 0.1523 -0.0031 -0.0095 0.0029  11  DC  B C6    
385 P  P     . DT  B 2  ? 0.2941 0.1766 0.1468 -0.0338 -0.0315 -0.0150 12  DT  B P     
386 O  OP1   . DT  B 2  ? 0.3058 0.1904 0.1816 -0.0300 -0.0482 -0.0358 12  DT  B OP1   
387 O  OP2   . DT  B 2  ? 0.3183 0.1560 0.1833 -0.0336 -0.0299 -0.0089 12  DT  B OP2   
388 O  "O5'" . DT  B 2  ? 0.2589 0.1917 0.1409 -0.0221 -0.0285 -0.0031 12  DT  B "O5'" 
389 C  "C5'" . DT  B 2  ? 0.2983 0.1922 0.1256 -0.0158 -0.0094 0.0110  12  DT  B "C5'" 
390 C  "C4'" . DT  B 2  ? 0.2222 0.2051 0.1149 -0.0282 -0.0218 0.0144  12  DT  B "C4'" 
391 O  "O4'" . DT  B 2  ? 0.2142 0.2049 0.1139 -0.0250 -0.0129 0.0082  12  DT  B "O4'" 
392 C  "C3'" . DT  B 2  ? 0.2345 0.2100 0.1298 -0.0524 -0.0214 0.0138  12  DT  B "C3'" 
393 O  "O3'" . DT  B 2  ? 0.2442 0.2251 0.1231 -0.0558 -0.0385 0.0311  12  DT  B "O3'" 
394 C  "C2'" . DT  B 2  ? 0.1936 0.1831 0.1374 -0.0221 -0.0134 0.0210  12  DT  B "C2'" 
395 C  "C1'" . DT  B 2  ? 0.1923 0.1924 0.1124 -0.0234 -0.0103 0.0087  12  DT  B "C1'" 
396 N  N1    . DT  B 2  ? 0.1898 0.1620 0.1155 -0.0309 -0.0066 0.0054  12  DT  B N1    
397 C  C2    . DT  B 2  ? 0.1918 0.1708 0.1099 -0.0257 -0.0030 0.0125  12  DT  B C2    
398 O  O2    . DT  B 2  ? 0.1957 0.1869 0.1148 -0.0107 -0.0028 0.0091  12  DT  B O2    
399 N  N3    . DT  B 2  ? 0.1729 0.1656 0.1196 -0.0323 -0.0112 0.0042  12  DT  B N3    
400 C  C4    . DT  B 2  ? 0.1605 0.1832 0.1283 -0.0276 0.0000  0.0059  12  DT  B C4    
401 O  O4    . DT  B 2  ? 0.1822 0.1728 0.1244 -0.0282 -0.0142 0.0085  12  DT  B O4    
402 C  C5    . DT  B 2  ? 0.1814 0.1500 0.1239 -0.0448 -0.0114 0.0068  12  DT  B C5    
403 C  C7    . DT  B 2  ? 0.2129 0.1985 0.1346 -0.0021 -0.0154 -0.0026 12  DT  B C7    
404 C  C6    . DT  B 2  ? 0.1867 0.1711 0.1325 -0.0258 -0.0069 0.0032  12  DT  B C6    
417 P  P     . DT  B 3  ? 0.2608 0.2384 0.1589 -0.0820 -0.0355 0.0187  13  DT  B P     
418 O  OP1   . DT  B 3  ? 0.2856 0.3385 0.2081 -0.1206 -0.0715 0.0114  13  DT  B OP1   
419 O  OP2   . DT  B 3  ? 0.3530 0.1910 0.1814 -0.0727 -0.0277 -0.0040 13  DT  B OP2   
420 O  "O5'" . DT  B 3  ? 0.2322 0.2345 0.1448 -0.0472 -0.0269 0.0294  13  DT  B "O5'" 
421 C  "C5'" . DT  B 3  ? 0.2190 0.2462 0.1552 -0.0392 -0.0338 0.0493  13  DT  B "C5'" 
422 C  "C4'" . DT  B 3  ? 0.1944 0.2267 0.1630 -0.0229 -0.0223 0.0451  13  DT  B "C4'" 
423 O  "O4'" . DT  B 3  ? 0.1934 0.2025 0.1477 -0.0190 -0.0170 0.0432  13  DT  B "O4'" 
424 C  "C3'" . DT  B 3  ? 0.1777 0.2353 0.1532 -0.0112 -0.0027 0.0391  13  DT  B "C3'" 
425 O  "O3'" . DT  B 3  ? 0.1837 0.2746 0.1813 -0.0270 -0.0283 0.0641  13  DT  B "O3'" 
426 C  "C2'" . DT  B 3  ? 0.1847 0.2097 0.1648 -0.0207 -0.0074 0.0407  13  DT  B "C2'" 
427 C  "C1'" . DT  B 3  ? 0.1880 0.2007 0.1355 -0.0105 -0.0052 0.0354  13  DT  B "C1'" 
428 N  N1    . DT  B 3  ? 0.1844 0.1466 0.1385 -0.0316 -0.0102 0.0141  13  DT  B N1    
429 C  C2    . DT  B 3  ? 0.1703 0.1445 0.1447 -0.0297 -0.0184 0.0006  13  DT  B C2    
430 O  O2    . DT  B 3  ? 0.1784 0.1652 0.1435 -0.0211 -0.0046 -0.0006 13  DT  B O2    
431 N  N3    . DT  B 3  ? 0.1764 0.1500 0.1324 -0.0256 -0.0157 -0.0036 13  DT  B N3    
432 C  C4    . DT  B 3  ? 0.1843 0.1367 0.1346 -0.0400 -0.0060 -0.0022 13  DT  B C4    
433 O  O4    . DT  B 3  ? 0.2023 0.1425 0.1643 -0.0198 0.0011  0.0008  13  DT  B O4    
434 C  C5    . DT  B 3  ? 0.2032 0.1370 0.1332 -0.0442 -0.0125 -0.0061 13  DT  B C5    
435 C  C7    . DT  B 3  ? 0.2166 0.1921 0.1529 -0.0571 0.0116  -0.0351 13  DT  B C7    
436 C  C6    . DT  B 3  ? 0.2073 0.1543 0.1334 -0.0421 -0.0106 0.0114  13  DT  B C6    
449 P  P     . DT  B 4  ? 0.2154 0.2830 0.1966 -0.0605 -0.0426 0.0544  14  DT  B P     
450 O  OP1   . DT  B 4  ? 0.2099 0.3925 0.2231 -0.0813 -0.0478 0.0792  14  DT  B OP1   
451 O  OP2   . DT  B 4  ? 0.2597 0.2667 0.2329 -0.0827 -0.0494 0.0026  14  DT  B OP2   
452 O  "O5'" . DT  B 4  ? 0.1967 0.2189 0.1938 -0.0266 -0.0303 0.0685  14  DT  B "O5'" 
453 C  "C5'" . DT  B 4  ? 0.2003 0.2269 0.2038 0.0001  -0.0273 0.0808  14  DT  B "C5'" 
454 C  "C4'" . DT  B 4  ? 0.1807 0.1823 0.2032 -0.0222 -0.0164 0.0640  14  DT  B "C4'" 
455 O  "O4'" . DT  B 4  ? 0.1779 0.1810 0.1951 -0.0182 -0.0107 0.0633  14  DT  B "O4'" 
456 C  "C3'" . DT  B 4  ? 0.1688 0.1619 0.1736 -0.0043 -0.0123 0.0487  14  DT  B "C3'" 
457 O  "O3'" . DT  B 4  ? 0.1723 0.1644 0.1926 -0.0169 -0.0170 0.0457  14  DT  B "O3'" 
458 C  "C2'" . DT  B 4  ? 0.1642 0.1235 0.1686 -0.0137 -0.0015 0.0224  14  DT  B "C2'" 
459 C  "C1'" . DT  B 4  ? 0.1756 0.1638 0.1632 -0.0144 0.0037  0.0402  14  DT  B "C1'" 
460 N  N1    . DT  B 4  ? 0.1749 0.1350 0.1381 -0.0274 -0.0137 0.0201  14  DT  B N1    
461 C  C2    . DT  B 4  ? 0.1874 0.1064 0.1425 -0.0293 -0.0252 0.0215  14  DT  B C2    
462 O  O2    . DT  B 4  ? 0.1775 0.1488 0.1535 -0.0350 -0.0246 0.0051  14  DT  B O2    
463 N  N3    . DT  B 4  ? 0.1751 0.1178 0.1582 -0.0389 -0.0229 0.0095  14  DT  B N3    
464 C  C4    . DT  B 4  ? 0.1888 0.1254 0.1572 -0.0469 -0.0211 0.0010  14  DT  B C4    
465 O  O4    . DT  B 4  ? 0.1861 0.1444 0.1762 -0.0449 -0.0013 0.0026  14  DT  B O4    
466 C  C5    . DT  B 4  ? 0.1818 0.1443 0.1416 -0.0501 -0.0053 0.0119  14  DT  B C5    
467 C  C7    . DT  B 4  ? 0.2566 0.1742 0.1530 -0.0318 -0.0249 -0.0103 14  DT  B C7    
468 C  C6    . DT  B 4  ? 0.1953 0.1453 0.1323 -0.0389 -0.0198 0.0244  14  DT  B C6    
481 P  P     . DT  B 5  ? 0.1673 0.1634 0.1930 -0.0172 -0.0185 0.0072  15  DT  B P     
482 O  OP1   . DT  B 5  ? 0.1676 0.1896 0.2098 -0.0397 -0.0102 0.0059  15  DT  B OP1   
483 O  OP2   . DT  B 5  ? 0.1883 0.1989 0.2016 -0.0268 -0.0248 -0.0274 15  DT  B OP2   
484 O  "O5'" . DT  B 5  ? 0.1877 0.1218 0.1803 -0.0204 -0.0048 0.0025  15  DT  B "O5'" 
485 C  "C5'" . DT  B 5  ? 0.1736 0.1120 0.1858 -0.0029 0.0079  0.0127  15  DT  B "C5'" 
486 C  "C4'" . DT  B 5  ? 0.1833 0.1137 0.1707 0.0019  0.0192  0.0169  15  DT  B "C4'" 
487 O  "O4'" . DT  B 5  ? 0.1771 0.1139 0.1686 -0.0058 0.0151  0.0059  15  DT  B "O4'" 
488 C  "C3'" . DT  B 5  ? 0.1796 0.1149 0.1758 -0.0093 0.0036  0.0184  15  DT  B "C3'" 
489 O  "O3'" . DT  B 5  ? 0.1774 0.1374 0.1856 -0.0099 0.0097  0.0188  15  DT  B "O3'" 
490 C  "C2'" . DT  B 5  ? 0.1821 0.1078 0.1773 -0.0136 0.0031  0.0260  15  DT  B "C2'" 
491 C  "C1'" . DT  B 5  ? 0.1817 0.1191 0.1684 -0.0078 0.0156  0.0162  15  DT  B "C1'" 
492 N  N1    . DT  B 5  ? 0.1786 0.0992 0.1549 -0.0065 -0.0070 0.0029  15  DT  B N1    
493 C  C2    . DT  B 5  ? 0.1637 0.0997 0.1633 -0.0231 -0.0090 -0.0126 15  DT  B C2    
494 O  O2    . DT  B 5  ? 0.1837 0.1278 0.1576 -0.0126 -0.0176 -0.0075 15  DT  B O2    
495 N  N3    . DT  B 5  ? 0.1686 0.1035 0.1548 -0.0189 -0.0019 0.0118  15  DT  B N3    
496 C  C4    . DT  B 5  ? 0.1652 0.0827 0.1491 -0.0240 -0.0062 0.0116  15  DT  B C4    
497 O  O4    . DT  B 5  ? 0.1615 0.1298 0.1573 -0.0142 0.0011  0.0130  15  DT  B O4    
498 C  C5    . DT  B 5  ? 0.1483 0.1165 0.1577 -0.0270 0.0052  0.0111  15  DT  B C5    
499 C  C7    . DT  B 5  ? 0.1748 0.1391 0.1562 -0.0164 -0.0055 0.0110  15  DT  B C7    
500 C  C6    . DT  B 5  ? 0.1707 0.1099 0.1543 -0.0248 0.0070  0.0138  15  DT  B C6    
513 P  P     . DC  B 6  ? 0.1751 0.1589 0.2033 -0.0292 -0.0088 0.0319  16  DC  B P     
514 O  OP1   . DC  B 6  ? 0.1766 0.1964 0.2669 -0.0237 -0.0057 0.0880  16  DC  B OP1   
515 O  OP2   . DC  B 6  ? 0.2420 0.1727 0.1816 -0.0671 -0.0473 0.0273  16  DC  B OP2   
516 O  "O5'" . DC  B 6  ? 0.1866 0.1365 0.1586 -0.0293 -0.0142 0.0069  16  DC  B "O5'" 
517 C  "C5'" . DC  B 6  ? 0.1737 0.1311 0.1655 -0.0063 0.0086  -0.0036 16  DC  B "C5'" 
518 C  "C4'" . DC  B 6  ? 0.1565 0.1302 0.1490 -0.0172 -0.0095 -0.0224 16  DC  B "C4'" 
519 O  "O4'" . DC  B 6  ? 0.1716 0.1232 0.1628 -0.0233 -0.0009 -0.0187 16  DC  B "O4'" 
520 C  "C3'" . DC  B 6  ? 0.1706 0.1179 0.1504 -0.0227 0.0034  -0.0092 16  DC  B "C3'" 
521 O  "O3'" . DC  B 6  ? 0.1691 0.1353 0.1286 -0.0279 0.0001  -0.0112 16  DC  B "O3'" 
522 C  "C2'" . DC  B 6  ? 0.1727 0.1194 0.1640 -0.0157 -0.0015 -0.0189 16  DC  B "C2'" 
523 C  "C1'" . DC  B 6  ? 0.1651 0.1199 0.1519 -0.0090 -0.0072 -0.0131 16  DC  B "C1'" 
524 N  N1    . DC  B 6  ? 0.1707 0.1003 0.1668 -0.0219 0.0016  -0.0148 16  DC  B N1    
525 C  C2    . DC  B 6  ? 0.1655 0.0912 0.1640 -0.0349 0.0142  -0.0145 16  DC  B C2    
526 O  O2    . DC  B 6  ? 0.1757 0.1272 0.1533 -0.0142 0.0096  -0.0192 16  DC  B O2    
527 N  N3    . DC  B 6  ? 0.1731 0.0995 0.1651 -0.0333 0.0109  0.0010  16  DC  B N3    
528 C  C4    . DC  B 6  ? 0.1886 0.0927 0.1797 -0.0204 0.0217  0.0174  16  DC  B C4    
529 N  N4    . DC  B 6  ? 0.1895 0.1149 0.1728 -0.0272 0.0106  0.0078  16  DC  B N4    
530 C  C5    . DC  B 6  ? 0.1853 0.0967 0.1798 -0.0218 0.0181  0.0076  16  DC  B C5    
531 C  C6    . DC  B 6  ? 0.1753 0.1115 0.1734 -0.0264 0.0147  0.0127  16  DC  B C6    
543 P  P     . DT  B 7  ? 0.1638 0.1157 0.1340 -0.0190 0.0043  -0.0066 17  DT  B P     
544 O  OP1   . DT  B 7  ? 0.1706 0.1264 0.1464 -0.0212 0.0166  -0.0152 17  DT  B OP1   
545 O  OP2   . DT  B 7  ? 0.1674 0.1240 0.1400 -0.0159 -0.0118 0.0036  17  DT  B OP2   
546 O  "O5'" . DT  B 7  ? 0.1526 0.1224 0.1152 -0.0247 0.0029  0.0092  17  DT  B "O5'" 
547 C  "C5'" . DT  B 7  ? 0.1707 0.1260 0.1026 -0.0212 -0.0078 0.0040  17  DT  B "C5'" 
548 C  "C4'" . DT  B 7  ? 0.1483 0.1221 0.1038 -0.0242 -0.0166 0.0023  17  DT  B "C4'" 
549 O  "O4'" . DT  B 7  ? 0.1617 0.1110 0.1259 -0.0181 -0.0125 -0.0061 17  DT  B "O4'" 
550 C  "C3'" . DT  B 7  ? 0.1638 0.0946 0.1168 -0.0154 -0.0173 0.0075  17  DT  B "C3'" 
551 O  "O3'" . DT  B 7  ? 0.1599 0.1022 0.1188 -0.0150 -0.0156 0.0123  17  DT  B "O3'" 
552 C  "C2'" . DT  B 7  ? 0.1619 0.1022 0.1121 -0.0169 -0.0168 0.0036  17  DT  B "C2'" 
553 C  "C1'" . DT  B 7  ? 0.1601 0.0999 0.1266 -0.0204 -0.0027 0.0007  17  DT  B "C1'" 
554 N  N1    . DT  B 7  ? 0.1625 0.1066 0.1314 -0.0103 -0.0110 -0.0004 17  DT  B N1    
555 C  C2    . DT  B 7  ? 0.1553 0.1169 0.1482 -0.0189 0.0008  0.0135  17  DT  B C2    
556 O  O2    . DT  B 7  ? 0.1694 0.1505 0.1400 0.0052  0.0132  0.0201  17  DT  B O2    
557 N  N3    . DT  B 7  ? 0.1605 0.1051 0.1446 -0.0195 -0.0028 0.0046  17  DT  B N3    
558 C  C4    . DT  B 7  ? 0.1545 0.1157 0.1284 -0.0200 -0.0107 0.0032  17  DT  B C4    
559 O  O4    . DT  B 7  ? 0.1655 0.1303 0.1395 -0.0112 -0.0016 0.0173  17  DT  B O4    
560 C  C5    . DT  B 7  ? 0.1482 0.1040 0.1452 -0.0242 -0.0064 0.0061  17  DT  B C5    
561 C  C7    . DT  B 7  ? 0.1553 0.1384 0.1389 -0.0155 -0.0005 0.0059  17  DT  B C7    
562 C  C6    . DT  B 7  ? 0.1596 0.0942 0.1333 -0.0216 0.0030  -0.0061 17  DT  B C6    
575 P  P     . DT  B 8  ? 0.1524 0.1121 0.1150 -0.0153 -0.0160 0.0084  18  DT  B P     
576 O  OP1   . DT  B 8  ? 0.1675 0.1071 0.1299 -0.0223 -0.0249 0.0118  18  DT  B OP1   
577 O  OP2   . DT  B 8  ? 0.1546 0.1275 0.1101 -0.0061 -0.0156 0.0136  18  DT  B OP2   
578 O  "O5'" . DT  B 8  ? 0.1509 0.1002 0.1184 -0.0032 -0.0274 0.0124  18  DT  B "O5'" 
579 C  "C5'" . DT  B 8  ? 0.1422 0.1005 0.1163 -0.0111 -0.0321 0.0007  18  DT  B "C5'" 
580 C  "C4'" . DT  B 8  ? 0.1354 0.1081 0.1269 -0.0175 -0.0270 0.0086  18  DT  B "C4'" 
581 O  "O4'" . DT  B 8  ? 0.1511 0.1151 0.1246 -0.0191 -0.0213 0.0140  18  DT  B "O4'" 
582 C  "C3'" . DT  B 8  ? 0.1497 0.1075 0.1161 -0.0111 -0.0100 0.0128  18  DT  B "C3'" 
583 O  "O3'" . DT  B 8  ? 0.1545 0.1049 0.1241 -0.0116 -0.0194 0.0178  18  DT  B "O3'" 
584 C  "C2'" . DT  B 8  ? 0.1513 0.1175 0.1294 -0.0283 -0.0174 0.0010  18  DT  B "C2'" 
585 C  "C1'" . DT  B 8  ? 0.1658 0.1033 0.1323 -0.0143 -0.0081 0.0119  18  DT  B "C1'" 
586 N  N1    . DT  B 8  ? 0.1704 0.1139 0.1112 -0.0160 -0.0202 0.0150  18  DT  B N1    
587 C  C2    . DT  B 8  ? 0.1437 0.1157 0.1250 -0.0255 -0.0218 0.0089  18  DT  B C2    
588 O  O2    . DT  B 8  ? 0.1445 0.1328 0.1580 -0.0133 -0.0039 0.0361  18  DT  B O2    
589 N  N3    . DT  B 8  ? 0.1602 0.1083 0.1310 -0.0243 -0.0247 0.0161  18  DT  B N3    
590 C  C4    . DT  B 8  ? 0.1653 0.1356 0.1234 -0.0060 -0.0254 0.0210  18  DT  B C4    
591 O  O4    . DT  B 8  ? 0.1988 0.1447 0.1435 0.0014  -0.0226 0.0388  18  DT  B O4    
592 C  C5    . DT  B 8  ? 0.1792 0.1273 0.1091 -0.0114 -0.0266 0.0081  18  DT  B C5    
593 C  C7    . DT  B 8  ? 0.1934 0.1292 0.1371 0.0060  -0.0178 0.0269  18  DT  B C7    
594 C  C6    . DT  B 8  ? 0.1626 0.1200 0.1092 -0.0194 -0.0230 0.0077  18  DT  B C6    
607 P  P     . DT  B 9  ? 0.1497 0.1078 0.1253 -0.0077 -0.0158 0.0057  19  DT  B P     
608 O  OP1   . DT  B 9  ? 0.1723 0.1140 0.1329 -0.0174 -0.0180 0.0213  19  DT  B OP1   
609 O  OP2   . DT  B 9  ? 0.1439 0.1136 0.1396 -0.0098 -0.0090 0.0036  19  DT  B OP2   
610 O  "O5'" . DT  B 9  ? 0.1444 0.1149 0.1270 -0.0012 -0.0181 0.0075  19  DT  B "O5'" 
611 C  "C5'" . DT  B 9  ? 0.1542 0.1243 0.1330 0.0141  -0.0086 0.0098  19  DT  B "C5'" 
612 C  "C4'" A DT  B 9  ? 0.1688 0.1533 0.1431 -0.0002 0.0011  0.0112  19  DT  B "C4'" 
613 C  "C4'" B DT  B 9  ? 0.1784 0.1525 0.1397 0.0108  0.0030  0.0136  19  DT  B "C4'" 
614 O  "O4'" A DT  B 9  ? 0.1948 0.1597 0.1427 0.0165  0.0097  0.0299  19  DT  B "O4'" 
615 O  "O4'" B DT  B 9  ? 0.1839 0.1554 0.1576 0.0080  0.0083  0.0261  19  DT  B "O4'" 
616 C  "C3'" A DT  B 9  ? 0.2006 0.1819 0.1397 0.0296  -0.0290 0.0073  19  DT  B "C3'" 
617 C  "C3'" B DT  B 9  ? 0.2202 0.1556 0.1309 0.0171  -0.0069 0.0098  19  DT  B "C3'" 
618 O  "O3'" A DT  B 9  ? 0.2101 0.1546 0.1671 0.0127  -0.0329 0.0070  19  DT  B "O3'" 
619 O  "O3'" B DT  B 9  ? 0.2308 0.1471 0.1886 0.0068  -0.0359 0.0181  19  DT  B "O3'" 
620 C  "C2'" A DT  B 9  ? 0.2656 0.1771 0.1208 0.0566  0.0008  0.0001  19  DT  B "C2'" 
621 C  "C2'" B DT  B 9  ? 0.2183 0.1651 0.1403 0.0402  0.0021  0.0297  19  DT  B "C2'" 
622 C  "C1'" A DT  B 9  ? 0.2400 0.1837 0.1252 0.0403  0.0218  0.0234  19  DT  B "C1'" 
623 C  "C1'" B DT  B 9  ? 0.2221 0.1702 0.1486 0.0232  0.0242  0.0298  19  DT  B "C1'" 
624 N  N1    . DT  B 9  ? 0.2061 0.1579 0.1332 0.0143  0.0115  0.0238  19  DT  B N1    
625 C  C2    . DT  B 9  ? 0.2151 0.1719 0.1404 0.0095  0.0138  0.0285  19  DT  B C2    
626 O  O2    . DT  B 9  ? 0.2403 0.1824 0.1490 0.0075  0.0274  0.0397  19  DT  B O2    
627 N  N3    . DT  B 9  ? 0.1883 0.1394 0.1363 -0.0139 -0.0150 0.0217  19  DT  B N3    
628 C  C4    . DT  B 9  ? 0.1689 0.1390 0.1373 -0.0227 -0.0201 0.0106  19  DT  B C4    
629 O  O4    . DT  B 9  ? 0.2118 0.1460 0.1473 -0.0066 -0.0078 0.0162  19  DT  B O4    
630 C  C5    . DT  B 9  ? 0.1642 0.1353 0.1518 -0.0180 -0.0012 0.0102  19  DT  B C5    
631 C  C7    . DT  B 9  ? 0.1653 0.1487 0.1314 -0.0034 -0.0126 0.0085  19  DT  B C7    
632 C  C6    . DT  B 9  ? 0.1961 0.1418 0.1207 -0.0018 0.0020  0.0092  19  DT  B C6    
650 P  P     A DG  B 10 ? 0.2479 0.1802 0.1852 -0.0217 -0.0599 0.0148  20  DG  B P     
651 P  P     B DG  B 10 ? 0.2903 0.1592 0.1727 0.0391  -0.0600 -0.0099 20  DG  B P     
652 O  OP1   A DG  B 10 ? 0.3464 0.1549 0.1685 0.0403  -0.0407 0.0394  20  DG  B OP1   
653 O  OP1   B DG  B 10 ? 0.2556 0.3171 0.1438 0.0734  -0.0219 -0.0054 20  DG  B OP1   
654 O  OP2   A DG  B 10 ? 0.2898 0.3209 0.1700 -0.1002 -0.0298 -0.0450 20  DG  B OP2   
655 O  OP2   B DG  B 10 ? 0.3613 0.1671 0.2380 0.0121  0.0047  -0.0215 20  DG  B OP2   
656 O  "O5'" A DG  B 10 ? 0.2290 0.2060 0.1860 0.0073  -0.0662 0.0082  20  DG  B "O5'" 
657 O  "O5'" B DG  B 10 ? 0.2583 0.1907 0.1711 0.0252  -0.0566 -0.0117 20  DG  B "O5'" 
658 C  "C5'" A DG  B 10 ? 0.2445 0.1967 0.1764 0.0422  -0.0386 -0.0078 20  DG  B "C5'" 
659 C  "C5'" B DG  B 10 ? 0.2481 0.1979 0.1776 0.0233  -0.0547 -0.0130 20  DG  B "C5'" 
660 C  "C4'" A DG  B 10 ? 0.2582 0.2103 0.1675 0.0496  -0.0345 -0.0130 20  DG  B "C4'" 
661 C  "C4'" B DG  B 10 ? 0.2368 0.1994 0.1734 0.0433  -0.0450 -0.0143 20  DG  B "C4'" 
662 O  "O4'" A DG  B 10 ? 0.2406 0.2064 0.1793 0.0493  -0.0350 0.0029  20  DG  B "O4'" 
663 O  "O4'" B DG  B 10 ? 0.2369 0.2031 0.1550 0.0449  -0.0404 -0.0087 20  DG  B "O4'" 
664 C  "C3'" A DG  B 10 ? 0.2447 0.2120 0.1832 0.0624  -0.0468 -0.0034 20  DG  B "C3'" 
665 C  "C3'" B DG  B 10 ? 0.2404 0.2140 0.1710 0.0518  -0.0451 -0.0216 20  DG  B "C3'" 
666 O  "O3'" A DG  B 10 ? 0.2582 0.2676 0.1773 0.0692  -0.0406 -0.0305 20  DG  B "O3'" 
667 O  "O3'" B DG  B 10 ? 0.2959 0.3248 0.1649 0.0554  -0.0308 -0.0188 20  DG  B "O3'" 
668 C  "C2'" A DG  B 10 ? 0.2511 0.1899 0.1950 0.0403  -0.0202 -0.0219 20  DG  B "C2'" 
669 C  "C2'" B DG  B 10 ? 0.2370 0.1934 0.1831 0.0456  -0.0463 -0.0179 20  DG  B "C2'" 
670 C  "C1'" A DG  B 10 ? 0.2338 0.1949 0.1665 0.0295  -0.0231 -0.0066 20  DG  B "C1'" 
671 C  "C1'" B DG  B 10 ? 0.2285 0.1952 0.1632 0.0358  -0.0278 -0.0013 20  DG  B "C1'" 
672 N  N9    . DG  B 10 ? 0.2281 0.1660 0.1313 0.0286  -0.0278 0.0158  20  DG  B N9    
673 C  C8    . DG  B 10 ? 0.2548 0.1329 0.1481 -0.0016 -0.0177 0.0295  20  DG  B C8    
674 N  N7    . DG  B 10 ? 0.2151 0.1508 0.1406 -0.0080 -0.0106 0.0330  20  DG  B N7    
675 C  C5    . DG  B 10 ? 0.1984 0.1338 0.1264 -0.0116 -0.0250 0.0141  20  DG  B C5    
676 C  C6    . DG  B 10 ? 0.1747 0.1376 0.1195 -0.0218 -0.0231 0.0188  20  DG  B C6    
677 O  O6    . DG  B 10 ? 0.1941 0.1246 0.1321 -0.0231 -0.0146 0.0101  20  DG  B O6    
678 N  N1    . DG  B 10 ? 0.1701 0.1511 0.1205 -0.0098 -0.0279 0.0284  20  DG  B N1    
679 C  C2    . DG  B 10 ? 0.1727 0.1623 0.1031 -0.0102 -0.0320 0.0270  20  DG  B C2    
680 N  N2    . DG  B 10 ? 0.1755 0.1769 0.1479 -0.0183 -0.0018 0.0245  20  DG  B N2    
681 N  N3    . DG  B 10 ? 0.1875 0.1778 0.1257 0.0049  -0.0233 0.0231  20  DG  B N3    
682 C  C4    . DG  B 10 ? 0.1852 0.1550 0.1175 0.0025  -0.0334 0.0272  20  DG  B C4    
701 MG MG    . MG  C .  ? 0.1371 0.0897 0.0876 -0.0172 -0.0160 0.0163  31  MG  A MG    
702 MG MG    . MG  D .  ? 0.2102 0.1794 0.2406 -0.0277 0.0240  -0.0063 32  MG  A MG    
703 MG MG    . MG  E .  ? 0.1344 0.0962 0.1027 -0.0057 -0.0098 0.0172  33  MG  A MG    
704 MG MG    . MG  F .  ? 0.3969 0.1985 0.2305 0.0222  -0.0746 0.0202  35  MG  A MG    
705 MG MG    . MG  G .  ? 0.2738 0.5106 0.4413 -0.0419 -0.1059 -0.0572 36  MG  A MG    
706 MG MG    . MG  H .  ? 0.1758 0.1282 0.1360 -0.0418 -0.0516 0.0392  34  MG  B MG    
707 O  O     . HOH I .  ? 0.1653 0.1343 0.1765 -0.0059 -0.0335 0.0163  28  HOH A O     
708 O  O     . HOH I .  ? 0.1993 0.1497 0.1511 -0.0047 0.0123  0.0035  29  HOH A O     
709 O  O     . HOH I .  ? 0.2399 0.2051 0.2644 0.0108  0.0017  0.0698  44  HOH A O     
710 O  O     . HOH I .  ? 0.3367 0.1936 0.2787 0.0584  -0.0597 -0.0109 45  HOH A O     
711 O  O     . HOH I .  ? 0.6153 0.5863 0.5312 0.1085  -0.0942 -0.1080 46  HOH A O     
712 O  O     . HOH I .  ? 0.4689 0.2339 0.2275 -0.0698 0.1203  -0.0438 47  HOH A O     
713 O  O     . HOH I .  ? 0.5418 0.1410 0.3112 0.0041  0.0196  0.0634  48  HOH A O     
714 O  O     . HOH I .  ? 0.3906 0.2267 0.5479 -0.0325 0.0267  -0.0281 49  HOH A O     
715 O  O     . HOH I .  ? 0.4280 0.2704 0.5034 0.0845  -0.0919 -0.0151 50  HOH A O     
716 O  O     . HOH I .  ? 0.4726 0.3857 0.2018 0.1475  0.0502  -0.0163 51  HOH A O     
717 O  O     . HOH I .  ? 0.2870 0.1612 0.3276 0.0396  0.0423  0.0601  52  HOH A O     
718 O  O     . HOH I .  ? 0.3524 0.1985 0.4223 -0.0104 0.0879  -0.0473 55  HOH A O     
719 O  O     . HOH I .  ? 0.3539 0.3011 0.4812 0.1237  0.0524  0.1338  58  HOH A O     
720 O  O     . HOH I .  ? 0.3197 0.2235 0.2716 -0.0101 -0.0249 0.0472  59  HOH A O     
721 O  O     . HOH I .  ? 0.2961 0.4249 0.2931 -0.1042 0.0431  -0.0240 61  HOH A O     
722 O  O     . HOH I .  ? 0.4505 0.3394 0.3978 -0.0503 0.1342  -0.1094 62  HOH A O     
723 O  O     . HOH I .  ? 0.2241 0.4255 0.1934 0.0690  -0.0199 0.0320  63  HOH A O     
724 O  O     . HOH I .  ? 0.5109 0.4327 0.3910 0.2314  -0.0880 -0.1412 64  HOH A O     
725 O  O     . HOH I .  ? 0.3694 0.4478 0.2471 0.1057  0.0007  0.0227  65  HOH A O     
726 O  O     . HOH I .  ? 0.4127 0.2550 0.3595 0.0662  -0.1506 -0.0492 66  HOH A O     
727 O  O     . HOH I .  ? 0.5307 0.1981 0.3025 -0.0818 -0.0785 0.0791  67  HOH A O     
728 O  O     . HOH I .  ? 0.4638 0.2759 0.2455 0.1608  0.0508  0.0565  68  HOH A O     
729 O  O     . HOH I .  ? 0.5516 0.2187 0.3335 -0.0935 -0.0870 -0.0515 70  HOH A O     
730 O  O     . HOH I .  ? 0.3602 0.3383 0.6282 0.0989  0.1226  0.0190  71  HOH A O     
731 O  O     . HOH I .  ? 0.4767 0.3446 0.4771 0.1278  -0.0566 0.1003  72  HOH A O     
732 O  O     . HOH I .  ? 0.5789 0.3277 0.2031 -0.1636 -0.0560 0.0022  73  HOH A O     
733 O  O     . HOH I .  ? 0.4279 0.5846 0.2186 0.2471  -0.0162 -0.0400 74  HOH A O     
734 O  O     . HOH I .  ? 0.4266 0.2628 0.3560 0.0372  0.0085  -0.1437 75  HOH A O     
735 O  O     . HOH I .  ? 0.5467 0.2640 0.4969 0.0373  0.0284  0.0508  77  HOH A O     
736 O  O     . HOH I .  ? 0.4624 0.4540 0.4389 0.0804  0.0787  -0.0074 79  HOH A O     
737 O  O     . HOH I .  ? 0.3072 0.4676 0.4296 0.0164  -0.0086 0.0407  80  HOH A O     
738 O  O     . HOH I .  ? 0.5060 0.2967 0.6553 -0.0340 0.0310  0.0373  83  HOH A O     
739 O  O     . HOH I .  ? 0.5581 0.3563 0.4233 0.0538  0.0452  0.0458  86  HOH A O     
740 O  O     . HOH I .  ? 0.2605 0.1350 0.1576 -0.0087 0.0031  -0.0003 87  HOH A O     
741 O  O     . HOH I .  ? 0.5211 0.4757 0.4867 -0.0598 -0.1079 -0.2041 90  HOH A O     
742 O  O     . HOH I .  ? 0.4765 0.4922 0.3662 -0.0866 0.2014  -0.0083 94  HOH A O     
743 O  O     . HOH I .  ? 0.5243 0.3895 0.5257 -0.0861 -0.1193 -0.1393 99  HOH A O     
744 O  O     . HOH I .  ? 0.2993 0.2794 0.3161 -0.0741 0.0274  0.0283  101 HOH A O     
745 O  O     . HOH I .  ? 0.2722 0.5720 0.6239 0.0087  -0.0282 -0.1079 102 HOH A O     
746 O  O     . HOH I .  ? 0.6930 0.5972 0.5830 0.1306  -0.1629 0.0788  103 HOH A O     
747 O  O     . HOH I .  ? 0.5443 0.4339 0.7119 0.1543  0.0115  -0.0965 104 HOH A O     
748 O  O     . HOH I .  ? 0.4265 0.5836 0.6600 -0.0509 -0.0150 0.0098  107 HOH A O     
749 O  O     . HOH I .  ? 0.7069 0.4286 0.3331 -0.1224 -0.1697 -0.1186 116 HOH A O     
750 O  O     . HOH I .  ? 0.3260 0.3781 0.5188 -0.0200 0.0227  0.0450  117 HOH A O     
751 O  O     . HOH I .  ? 0.3249 0.6324 0.4978 -0.0238 -0.0565 0.0413  118 HOH A O     
752 O  O     . HOH I .  ? 0.5146 0.7027 0.3264 -0.1114 -0.0934 0.0264  122 HOH A O     
753 O  O     . HOH I .  ? 0.3476 0.4072 0.4378 0.0703  -0.1354 0.0844  124 HOH A O     
754 O  O     . HOH I .  ? 0.4356 0.1975 0.7477 -0.0835 0.2232  -0.0116 125 HOH A O     
755 O  O     . HOH I .  ? 0.1860 0.1426 0.1403 -0.0093 -0.0240 0.0233  128 HOH A O     
756 O  O     . HOH I .  ? 0.2162 0.2674 0.2191 0.0059  -0.0581 0.0393  131 HOH A O     
757 O  O     . HOH I .  ? 0.1857 0.1202 0.1145 -0.0289 -0.0112 0.0238  132 HOH A O     
758 O  O     . HOH I .  ? 0.1752 0.1154 0.1134 -0.0294 -0.0174 0.0219  133 HOH A O     
759 O  O     . HOH I .  ? 0.1604 0.1272 0.1441 -0.0122 -0.0093 0.0050  134 HOH A O     
760 O  O     . HOH I .  ? 0.2166 0.2251 0.2320 -0.0169 -0.0254 -0.0192 136 HOH A O     
761 O  O     . HOH I .  ? 0.3100 0.2958 0.3040 0.0234  0.0427  0.1136  137 HOH A O     
762 O  O     . HOH I .  ? 0.2025 0.1918 0.2167 0.0087  -0.0249 0.0058  138 HOH A O     
763 O  O     . HOH I .  ? 0.2496 0.2384 0.4352 -0.0732 0.0203  -0.0120 139 HOH A O     
764 O  O     . HOH I .  ? 0.2791 0.1615 0.4078 0.0017  0.0232  -0.0046 140 HOH A O     
765 O  O     . HOH I .  ? 0.1867 0.1134 0.1732 -0.0179 0.0078  -0.0131 141 HOH A O     
766 O  O     . HOH I .  ? 0.1638 0.1460 0.1309 -0.0330 -0.0230 0.0078  142 HOH A O     
767 O  O     . HOH I .  ? 0.1792 0.1292 0.1333 0.0022  -0.0308 0.0172  143 HOH A O     
768 O  O     . HOH I .  ? 0.2125 0.1342 0.2213 0.0318  -0.0178 0.0394  144 HOH A O     
769 O  O     . HOH I .  ? 0.1547 0.2115 0.1532 -0.0081 0.0090  -0.0138 145 HOH A O     
770 O  O     . HOH I .  ? 0.1992 0.1605 0.1550 0.0028  0.0028  -0.0006 147 HOH A O     
771 O  O     . HOH I .  ? 0.2892 0.1533 0.1771 -0.0188 0.0040  0.0132  148 HOH A O     
772 O  O     . HOH I .  ? 0.2143 0.1485 0.2211 -0.0211 -0.0014 0.0167  149 HOH A O     
773 O  O     . HOH I .  ? 0.3513 0.3127 0.2619 0.0751  -0.0368 0.0292  150 HOH A O     
774 O  O     . HOH I .  ? 0.6402 0.1596 0.5078 -0.0876 -0.3388 0.1083  151 HOH A O     
775 O  O     . HOH I .  ? 0.3731 0.2108 0.2703 0.0151  -0.0536 -0.0114 152 HOH A O     
776 O  O     . HOH I .  ? 0.3827 0.2589 0.4061 0.0748  0.0277  0.0170  154 HOH A O     
777 O  O     . HOH I .  ? 0.1673 0.6699 0.5246 -0.0076 -0.0776 -0.0607 156 HOH A O     
778 O  O     . HOH I .  ? 0.2853 0.3641 0.4062 -0.0529 -0.1899 0.1280  157 HOH A O     
779 O  O     . HOH I .  ? 0.4997 0.5981 0.5339 0.3004  -0.2473 0.0096  158 HOH A O     
780 O  O     . HOH I .  ? 0.4125 0.3854 0.3598 -0.1676 -0.0185 -0.0309 159 HOH A O     
781 O  O     . HOH I .  ? 0.3477 0.5912 0.5828 -0.2047 -0.2114 0.1658  160 HOH A O     
782 O  O     . HOH J .  ? 0.4164 0.3706 0.6421 -0.0398 0.0284  -0.0111 27  HOH B O     
783 O  O     . HOH J .  ? 0.4247 0.4514 0.5481 -0.0360 -0.0599 0.0766  30  HOH B O     
784 O  O     . HOH J .  ? 0.3596 0.2083 0.3207 -0.0331 0.0050  0.0532  37  HOH B O     
785 O  O     . HOH J .  ? 0.2180 0.1594 0.2997 -0.0160 -0.0092 -0.0357 38  HOH B O     
786 O  O     . HOH J .  ? 0.2071 0.2763 0.2447 0.0057  -0.0169 0.0129  39  HOH B O     
787 O  O     . HOH J .  ? 0.2644 0.2240 0.1827 0.0162  -0.0570 0.0343  40  HOH B O     
788 O  O     . HOH J .  ? 0.3791 0.2418 0.2533 0.0171  0.0252  0.0141  41  HOH B O     
789 O  O     . HOH J .  ? 0.5789 0.4273 0.4134 -0.2161 0.0454  0.0076  42  HOH B O     
790 O  O     . HOH J .  ? 0.1868 0.1721 0.2145 0.0061  0.0191  0.0414  43  HOH B O     
791 O  O     . HOH J .  ? 0.3080 0.2023 0.2364 0.0036  -0.0784 0.0138  53  HOH B O     
792 O  O     . HOH J .  ? 0.2618 0.2130 0.4899 -0.0386 0.0616  -0.0725 54  HOH B O     
793 O  O     . HOH J .  ? 0.5916 0.2452 0.2405 -0.1718 0.0987  -0.0309 56  HOH B O     
794 O  O     . HOH J .  ? 0.2367 0.2159 0.3339 -0.0148 -0.0454 0.0228  57  HOH B O     
795 O  O     . HOH J .  ? 0.2346 0.4022 0.4048 0.0753  0.0360  0.1572  60  HOH B O     
796 O  O     . HOH J .  ? 0.4111 0.2273 0.2842 0.0585  0.0526  0.0154  69  HOH B O     
797 O  O     . HOH J .  ? 0.5841 0.4628 0.3904 0.1237  0.1847  0.0278  76  HOH B O     
798 O  O     . HOH J .  ? 0.4248 0.6220 0.3233 -0.1070 0.0647  -0.0081 78  HOH B O     
799 O  O     . HOH J .  ? 0.3625 0.6192 0.4269 0.0141  -0.0024 0.1979  81  HOH B O     
800 O  O     . HOH J .  ? 0.3643 0.5050 0.6313 0.0191  -0.1229 0.0244  82  HOH B O     
801 O  O     . HOH J .  ? 0.6063 0.5943 0.3137 0.1983  0.0071  -0.1364 84  HOH B O     
802 O  O     . HOH J .  ? 0.4808 0.4240 0.2770 -0.1350 0.0485  -0.0370 85  HOH B O     
803 O  O     . HOH J .  ? 0.1973 0.2538 0.2740 -0.0070 -0.0525 -0.0020 88  HOH B O     
804 O  O     . HOH J .  ? 0.3199 0.4891 0.4662 -0.0550 -0.0801 -0.0597 89  HOH B O     
805 O  O     . HOH J .  ? 0.5657 0.5065 0.3216 -0.1379 -0.0530 0.1014  91  HOH B O     
806 O  O     . HOH J .  ? 0.5286 0.6517 0.3804 0.2736  -0.0769 0.1358  92  HOH B O     
807 O  O     . HOH J .  ? 0.2081 0.7594 0.5244 -0.0056 0.0329  -0.0782 93  HOH B O     
808 O  O     . HOH J .  ? 0.4182 0.4581 0.6104 0.2038  -0.0509 0.0026  95  HOH B O     
809 O  O     . HOH J .  ? 0.6386 0.3179 0.5384 0.2164  0.0056  0.0185  96  HOH B O     
810 O  O     . HOH J .  ? 0.8486 0.2576 0.5019 -0.0457 0.0613  -0.0136 97  HOH B O     
811 O  O     . HOH J .  ? 0.4581 0.7304 0.2217 0.0570  0.0655  0.0161  98  HOH B O     
812 O  O     . HOH J .  ? 0.3363 0.3197 0.3253 0.0314  0.0985  0.0479  100 HOH B O     
813 O  O     . HOH J .  ? 0.5178 0.3866 0.8382 -0.2259 0.0322  -0.0265 105 HOH B O     
814 O  O     . HOH J .  ? 0.3855 0.4335 0.4361 0.1341  -0.0817 -0.0563 106 HOH B O     
815 O  O     . HOH J .  ? 0.5409 0.5292 0.4419 0.0721  -0.0873 0.0644  108 HOH B O     
816 O  O     . HOH J .  ? 0.3373 0.4286 0.4283 0.1904  -0.1153 -0.1086 109 HOH B O     
817 O  O     . HOH J .  ? 0.4368 0.5825 0.4577 0.0852  -0.0728 -0.0805 110 HOH B O     
818 O  O     . HOH J .  ? 0.2073 0.3750 0.5999 -0.0494 0.0855  -0.1598 111 HOH B O     
819 O  O     . HOH J .  ? 0.5064 0.3058 0.4797 0.0751  -0.0501 0.0858  112 HOH B O     
820 O  O     . HOH J .  ? 0.3787 0.3897 0.4327 0.0101  0.0087  -0.0842 113 HOH B O     
821 O  O     . HOH J .  ? 0.4084 0.5469 0.4643 0.1478  -0.0184 0.1168  114 HOH B O     
822 O  O     . HOH J .  ? 0.6521 0.3804 0.4859 -0.0201 0.0532  -0.1690 115 HOH B O     
823 O  O     . HOH J .  ? 0.6527 0.4407 0.5207 0.0287  -0.0916 0.1041  119 HOH B O     
824 O  O     . HOH J .  ? 0.3655 0.5387 0.3218 -0.1656 -0.0127 0.1909  120 HOH B O     
825 O  O     . HOH J .  ? 0.4817 0.5696 0.5104 -0.0057 0.0483  -0.1669 121 HOH B O     
826 O  O     . HOH J .  ? 0.3619 0.5807 0.3647 -0.1252 -0.1692 -0.0174 123 HOH B O     
827 O  O     . HOH J .  ? 0.1956 0.1486 0.1286 -0.0042 -0.0378 0.0182  126 HOH B O     
828 O  O     . HOH J .  ? 0.2422 0.1481 0.1724 -0.0060 -0.0075 0.0093  127 HOH B O     
829 O  O     . HOH J .  ? 0.2359 0.1654 0.2103 -0.0312 -0.0175 0.0647  129 HOH B O     
830 O  O     . HOH J .  ? 0.2302 0.2513 0.1384 0.0405  -0.0411 -0.0303 130 HOH B O     
831 O  O     . HOH J .  ? 0.1844 0.1071 0.1286 -0.0080 -0.0352 -0.0025 135 HOH B O     
832 O  O     . HOH J .  ? 0.2723 0.2050 0.1675 -0.0425 0.0165  0.0152  146 HOH B O     
833 O  O     . HOH J .  ? 0.5534 0.2110 0.4449 -0.0336 -0.2030 0.1120  153 HOH B O     
834 O  O     . HOH J .  ? 0.6392 0.4322 0.2997 -0.1200 -0.0614 -0.1721 155 HOH B O     
# 
